data_1V2G
# 
_entry.id   1V2G 
# 
_audit_conform.dict_name       mmcif_pdbx.dic 
_audit_conform.dict_version    5.380 
_audit_conform.dict_location   http://mmcif.pdb.org/dictionaries/ascii/mmcif_pdbx.dic 
# 
loop_
_database_2.database_id 
_database_2.database_code 
_database_2.pdbx_database_accession 
_database_2.pdbx_DOI 
PDB   1V2G         pdb_00001v2g 10.2210/pdb1v2g/pdb 
RCSB  RCSB006122   ?            ?                   
WWPDB D_1000006122 ?            ?                   
# 
loop_
_pdbx_database_related.db_name 
_pdbx_database_related.db_id 
_pdbx_database_related.details 
_pdbx_database_related.content_type 
PDB 1IVN '1IVN is the native TAP structure.'                                          unspecified 
PDB 1J00 '1J00 is the structure that TAP is complexed with diethyl phosphono moiety.' unspecified 
PDB 1JRL '1JRL is the L109P mutant structure of TAP.'                                 unspecified 
PDB 1NYV '1NYV is the structure that TAP is complexed with octanoic acid.'            unspecified 
# 
_pdbx_database_status.entry_id                        1V2G 
_pdbx_database_status.deposit_site                    PDBJ 
_pdbx_database_status.process_site                    PDBJ 
_pdbx_database_status.recvd_initial_deposition_date   2003-10-15 
_pdbx_database_status.status_code                     REL 
_pdbx_database_status.status_code_sf                  REL 
_pdbx_database_status.status_code_mr                  ? 
_pdbx_database_status.SG_entry                        ? 
_pdbx_database_status.pdb_format_compatible           Y 
_pdbx_database_status.status_code_cs                  ? 
_pdbx_database_status.status_code_nmr_data            ? 
_pdbx_database_status.methods_development_category    ? 
# 
loop_
_audit_author.name 
_audit_author.pdbx_ordinal 
'Lo, Y.-C.'   1 
'Lin, S.-C.'  2 
'Liaw, Y.-C.' 3 
# 
loop_
_citation.id 
_citation.title 
_citation.journal_abbrev 
_citation.journal_volume 
_citation.page_first 
_citation.page_last 
_citation.year 
_citation.journal_id_ASTM 
_citation.country 
_citation.journal_id_ISSN 
_citation.journal_id_CSD 
_citation.book_publisher 
_citation.pdbx_database_id_PubMed 
_citation.pdbx_database_id_DOI 
primary 
'Substrate specificities of Escherichia coli thioesterase I/protease I/lysophospholipase L1 are governed by its switch loop movement' 
Biochemistry 44  1971 1979 2005 BICHAW US 0006-2960 0033 ? 15697222 10.1021/bi048109x               
1       
;Crystal structure of Escherichia coli thioesterase I/protease I/lysophospholipase L1: consensus sequence blocks constitute the catalytic center of SGNH-hydrolases through a conserved hydrogen bond network
;
J.Mol.Biol.  330 539  551  2003 JMOBAK UK 0022-2836 0070 ? 12842470 '10.1016/S0022-2836(03)00637-5' 
# 
loop_
_citation_author.citation_id 
_citation_author.name 
_citation_author.ordinal 
_citation_author.identifier_ORCID 
primary 'Lo, Y.-C.'   1 ? 
primary 'Lin, S.-C.'  2 ? 
primary 'Shaw, J.-F.' 3 ? 
primary 'Liaw, Y.-C.' 4 ? 
1       'Lo, Y.-C.'   5 ? 
1       'Lin, S.-C.'  6 ? 
1       'Shaw, J.-F.' 7 ? 
1       'Liaw, Y.-C.' 8 ? 
# 
_cell.entry_id           1V2G 
_cell.length_a           49.978 
_cell.length_b           49.978 
_cell.length_c           171.491 
_cell.angle_alpha        90.00 
_cell.angle_beta         90.00 
_cell.angle_gamma        90.00 
_cell.pdbx_unique_axis   ? 
_cell.Z_PDB              8 
_cell.length_a_esd       ? 
_cell.length_b_esd       ? 
_cell.length_c_esd       ? 
_cell.angle_alpha_esd    ? 
_cell.angle_beta_esd     ? 
_cell.angle_gamma_esd    ? 
# 
_symmetry.entry_id                         1V2G 
_symmetry.space_group_name_H-M             'P 43 21 2' 
_symmetry.pdbx_full_space_group_name_H-M   ? 
_symmetry.Int_Tables_number                96 
_symmetry.cell_setting                     ? 
_symmetry.space_group_name_Hall            ? 
# 
loop_
_entity.id 
_entity.type 
_entity.src_method 
_entity.pdbx_description 
_entity.formula_weight 
_entity.pdbx_number_of_molecules 
_entity.pdbx_ec 
_entity.pdbx_mutation 
_entity.pdbx_fragment 
_entity.details 
1 polymer     man 'Acyl-CoA thioesterase I'       21545.371 1   '3.1.1.5, 3.1.2.-' L109P ? ? 
2 non-polymer syn 'SULFATE ION'                   96.063    1   ?                  ?     ? ? 
3 non-polymer syn IMIDAZOLE                       69.085    1   ?                  ?     ? ? 
4 non-polymer syn 'OCTANOIC ACID (CAPRYLIC ACID)' 144.211   1   ?                  ?     ? ? 
5 water       nat water                           18.015    107 ?                  ?     ? ? 
# 
_entity_poly.entity_id                      1 
_entity_poly.type                           'polypeptide(L)' 
_entity_poly.nstd_linkage                   no 
_entity_poly.nstd_monomer                   no 
_entity_poly.pdbx_seq_one_letter_code       
;ADTLLILGDSLSAGYRMSASAAWPALLNDKWQSKTSVVNASISGDTSQQGLARLPALLKQHQPRWVLVELGGNDGLRGFQ
PQQTEQTLRQILQDVKAANAEPLLMQIRPPANYGRRYNEAFSAIYPKLAKEFDVPLLPFFMEEVYLKPQWMQDDGIHPNR
DAQPFIADWMAKQLQPLVNHDSLEHHHHHH
;
_entity_poly.pdbx_seq_one_letter_code_can   
;ADTLLILGDSLSAGYRMSASAAWPALLNDKWQSKTSVVNASISGDTSQQGLARLPALLKQHQPRWVLVELGGNDGLRGFQ
PQQTEQTLRQILQDVKAANAEPLLMQIRPPANYGRRYNEAFSAIYPKLAKEFDVPLLPFFMEEVYLKPQWMQDDGIHPNR
DAQPFIADWMAKQLQPLVNHDSLEHHHHHH
;
_entity_poly.pdbx_strand_id                 A 
_entity_poly.pdbx_target_identifier         ? 
# 
loop_
_entity_poly_seq.entity_id 
_entity_poly_seq.num 
_entity_poly_seq.mon_id 
_entity_poly_seq.hetero 
1 1   ALA n 
1 2   ASP n 
1 3   THR n 
1 4   LEU n 
1 5   LEU n 
1 6   ILE n 
1 7   LEU n 
1 8   GLY n 
1 9   ASP n 
1 10  SER n 
1 11  LEU n 
1 12  SER n 
1 13  ALA n 
1 14  GLY n 
1 15  TYR n 
1 16  ARG n 
1 17  MET n 
1 18  SER n 
1 19  ALA n 
1 20  SER n 
1 21  ALA n 
1 22  ALA n 
1 23  TRP n 
1 24  PRO n 
1 25  ALA n 
1 26  LEU n 
1 27  LEU n 
1 28  ASN n 
1 29  ASP n 
1 30  LYS n 
1 31  TRP n 
1 32  GLN n 
1 33  SER n 
1 34  LYS n 
1 35  THR n 
1 36  SER n 
1 37  VAL n 
1 38  VAL n 
1 39  ASN n 
1 40  ALA n 
1 41  SER n 
1 42  ILE n 
1 43  SER n 
1 44  GLY n 
1 45  ASP n 
1 46  THR n 
1 47  SER n 
1 48  GLN n 
1 49  GLN n 
1 50  GLY n 
1 51  LEU n 
1 52  ALA n 
1 53  ARG n 
1 54  LEU n 
1 55  PRO n 
1 56  ALA n 
1 57  LEU n 
1 58  LEU n 
1 59  LYS n 
1 60  GLN n 
1 61  HIS n 
1 62  GLN n 
1 63  PRO n 
1 64  ARG n 
1 65  TRP n 
1 66  VAL n 
1 67  LEU n 
1 68  VAL n 
1 69  GLU n 
1 70  LEU n 
1 71  GLY n 
1 72  GLY n 
1 73  ASN n 
1 74  ASP n 
1 75  GLY n 
1 76  LEU n 
1 77  ARG n 
1 78  GLY n 
1 79  PHE n 
1 80  GLN n 
1 81  PRO n 
1 82  GLN n 
1 83  GLN n 
1 84  THR n 
1 85  GLU n 
1 86  GLN n 
1 87  THR n 
1 88  LEU n 
1 89  ARG n 
1 90  GLN n 
1 91  ILE n 
1 92  LEU n 
1 93  GLN n 
1 94  ASP n 
1 95  VAL n 
1 96  LYS n 
1 97  ALA n 
1 98  ALA n 
1 99  ASN n 
1 100 ALA n 
1 101 GLU n 
1 102 PRO n 
1 103 LEU n 
1 104 LEU n 
1 105 MET n 
1 106 GLN n 
1 107 ILE n 
1 108 ARG n 
1 109 PRO n 
1 110 PRO n 
1 111 ALA n 
1 112 ASN n 
1 113 TYR n 
1 114 GLY n 
1 115 ARG n 
1 116 ARG n 
1 117 TYR n 
1 118 ASN n 
1 119 GLU n 
1 120 ALA n 
1 121 PHE n 
1 122 SER n 
1 123 ALA n 
1 124 ILE n 
1 125 TYR n 
1 126 PRO n 
1 127 LYS n 
1 128 LEU n 
1 129 ALA n 
1 130 LYS n 
1 131 GLU n 
1 132 PHE n 
1 133 ASP n 
1 134 VAL n 
1 135 PRO n 
1 136 LEU n 
1 137 LEU n 
1 138 PRO n 
1 139 PHE n 
1 140 PHE n 
1 141 MET n 
1 142 GLU n 
1 143 GLU n 
1 144 VAL n 
1 145 TYR n 
1 146 LEU n 
1 147 LYS n 
1 148 PRO n 
1 149 GLN n 
1 150 TRP n 
1 151 MET n 
1 152 GLN n 
1 153 ASP n 
1 154 ASP n 
1 155 GLY n 
1 156 ILE n 
1 157 HIS n 
1 158 PRO n 
1 159 ASN n 
1 160 ARG n 
1 161 ASP n 
1 162 ALA n 
1 163 GLN n 
1 164 PRO n 
1 165 PHE n 
1 166 ILE n 
1 167 ALA n 
1 168 ASP n 
1 169 TRP n 
1 170 MET n 
1 171 ALA n 
1 172 LYS n 
1 173 GLN n 
1 174 LEU n 
1 175 GLN n 
1 176 PRO n 
1 177 LEU n 
1 178 VAL n 
1 179 ASN n 
1 180 HIS n 
1 181 ASP n 
1 182 SER n 
1 183 LEU n 
1 184 GLU n 
1 185 HIS n 
1 186 HIS n 
1 187 HIS n 
1 188 HIS n 
1 189 HIS n 
1 190 HIS n 
# 
_entity_src_gen.entity_id                          1 
_entity_src_gen.pdbx_src_id                        1 
_entity_src_gen.pdbx_alt_source_flag               sample 
_entity_src_gen.pdbx_seq_type                      ? 
_entity_src_gen.pdbx_beg_seq_num                   ? 
_entity_src_gen.pdbx_end_seq_num                   ? 
_entity_src_gen.gene_src_common_name               ? 
_entity_src_gen.gene_src_genus                     Escherichia 
_entity_src_gen.pdbx_gene_src_gene                 'tesA, apeA, pldC' 
_entity_src_gen.gene_src_species                   ? 
_entity_src_gen.gene_src_strain                    ? 
_entity_src_gen.gene_src_tissue                    ? 
_entity_src_gen.gene_src_tissue_fraction           ? 
_entity_src_gen.gene_src_details                   ? 
_entity_src_gen.pdbx_gene_src_fragment             ? 
_entity_src_gen.pdbx_gene_src_scientific_name      'Escherichia coli' 
_entity_src_gen.pdbx_gene_src_ncbi_taxonomy_id     562 
_entity_src_gen.pdbx_gene_src_variant              ? 
_entity_src_gen.pdbx_gene_src_cell_line            ? 
_entity_src_gen.pdbx_gene_src_atcc                 ? 
_entity_src_gen.pdbx_gene_src_organ                ? 
_entity_src_gen.pdbx_gene_src_organelle            ? 
_entity_src_gen.pdbx_gene_src_cell                 ? 
_entity_src_gen.pdbx_gene_src_cellular_location    ? 
_entity_src_gen.host_org_common_name               ? 
_entity_src_gen.pdbx_host_org_scientific_name      'Escherichia coli BL21(DE3)' 
_entity_src_gen.pdbx_host_org_ncbi_taxonomy_id     469008 
_entity_src_gen.host_org_genus                     Escherichia 
_entity_src_gen.pdbx_host_org_gene                 ? 
_entity_src_gen.pdbx_host_org_organ                ? 
_entity_src_gen.host_org_species                   'Escherichia coli' 
_entity_src_gen.pdbx_host_org_tissue               ? 
_entity_src_gen.pdbx_host_org_tissue_fraction      ? 
_entity_src_gen.pdbx_host_org_strain               'BL21(DE3)' 
_entity_src_gen.pdbx_host_org_variant              ? 
_entity_src_gen.pdbx_host_org_cell_line            ? 
_entity_src_gen.pdbx_host_org_atcc                 ? 
_entity_src_gen.pdbx_host_org_culture_collection   ? 
_entity_src_gen.pdbx_host_org_cell                 ? 
_entity_src_gen.pdbx_host_org_organelle            ? 
_entity_src_gen.pdbx_host_org_cellular_location    ? 
_entity_src_gen.pdbx_host_org_vector_type          Plasmid 
_entity_src_gen.pdbx_host_org_vector               ? 
_entity_src_gen.host_org_details                   ? 
_entity_src_gen.expression_system_id               ? 
_entity_src_gen.plasmid_name                       'pET-20b(+)' 
_entity_src_gen.plasmid_details                    ? 
_entity_src_gen.pdbx_description                   ? 
# 
_struct_ref.id                         1 
_struct_ref.db_name                    UNP 
_struct_ref.db_code                    TESA_ECOLI 
_struct_ref.entity_id                  1 
_struct_ref.pdbx_seq_one_letter_code   
;ADTLLILGDSLSAGYRMSASAAWPALLNDKWQSKTSVVNASISGDTSQQGLARLPALLKQHQPRWVLVELGGNDGLRGFQ
PQQTEQTLRQILQDVKAANAEPLLMQIRLPANYGRRYNEAFSAIYPKLAKEFDVPLLPFFMEEVYLKPQWMQDDGIHPNR
DAQPFIADWMAKQLQPLVNHDS
;
_struct_ref.pdbx_align_begin           27 
_struct_ref.pdbx_db_accession          P29679 
_struct_ref.pdbx_db_isoform            ? 
# 
_struct_ref_seq.align_id                      1 
_struct_ref_seq.ref_id                        1 
_struct_ref_seq.pdbx_PDB_id_code              1V2G 
_struct_ref_seq.pdbx_strand_id                A 
_struct_ref_seq.seq_align_beg                 1 
_struct_ref_seq.pdbx_seq_align_beg_ins_code   ? 
_struct_ref_seq.seq_align_end                 182 
_struct_ref_seq.pdbx_seq_align_end_ins_code   ? 
_struct_ref_seq.pdbx_db_accession             P29679 
_struct_ref_seq.db_align_beg                  27 
_struct_ref_seq.pdbx_db_align_beg_ins_code    ? 
_struct_ref_seq.db_align_end                  208 
_struct_ref_seq.pdbx_db_align_end_ins_code    ? 
_struct_ref_seq.pdbx_auth_seq_align_beg       1 
_struct_ref_seq.pdbx_auth_seq_align_end       182 
# 
loop_
_struct_ref_seq_dif.align_id 
_struct_ref_seq_dif.pdbx_pdb_id_code 
_struct_ref_seq_dif.mon_id 
_struct_ref_seq_dif.pdbx_pdb_strand_id 
_struct_ref_seq_dif.seq_num 
_struct_ref_seq_dif.pdbx_pdb_ins_code 
_struct_ref_seq_dif.pdbx_seq_db_name 
_struct_ref_seq_dif.pdbx_seq_db_accession_code 
_struct_ref_seq_dif.db_mon_id 
_struct_ref_seq_dif.pdbx_seq_db_seq_num 
_struct_ref_seq_dif.details 
_struct_ref_seq_dif.pdbx_auth_seq_num 
_struct_ref_seq_dif.pdbx_ordinal 
1 1V2G PRO A 109 ? UNP P29679 LEU 135 'engineered mutation' 109 1 
1 1V2G LEU A 183 ? UNP P29679 ?   ?   'expression tag'      183 2 
1 1V2G GLU A 184 ? UNP P29679 ?   ?   'expression tag'      184 3 
1 1V2G HIS A 185 ? UNP P29679 ?   ?   'expression tag'      185 4 
1 1V2G HIS A 186 ? UNP P29679 ?   ?   'expression tag'      186 5 
1 1V2G HIS A 187 ? UNP P29679 ?   ?   'expression tag'      187 6 
1 1V2G HIS A 188 ? UNP P29679 ?   ?   'expression tag'      188 7 
1 1V2G HIS A 189 ? UNP P29679 ?   ?   'expression tag'      189 8 
1 1V2G HIS A 190 ? UNP P29679 ?   ?   'expression tag'      190 9 
# 
loop_
_chem_comp.id 
_chem_comp.type 
_chem_comp.mon_nstd_flag 
_chem_comp.name 
_chem_comp.pdbx_synonyms 
_chem_comp.formula 
_chem_comp.formula_weight 
ALA 'L-peptide linking' y ALANINE                         ? 'C3 H7 N O2'     89.093  
ARG 'L-peptide linking' y ARGININE                        ? 'C6 H15 N4 O2 1' 175.209 
ASN 'L-peptide linking' y ASPARAGINE                      ? 'C4 H8 N2 O3'    132.118 
ASP 'L-peptide linking' y 'ASPARTIC ACID'                 ? 'C4 H7 N O4'     133.103 
GLN 'L-peptide linking' y GLUTAMINE                       ? 'C5 H10 N2 O3'   146.144 
GLU 'L-peptide linking' y 'GLUTAMIC ACID'                 ? 'C5 H9 N O4'     147.129 
GLY 'peptide linking'   y GLYCINE                         ? 'C2 H5 N O2'     75.067  
HIS 'L-peptide linking' y HISTIDINE                       ? 'C6 H10 N3 O2 1' 156.162 
HOH non-polymer         . WATER                           ? 'H2 O'           18.015  
ILE 'L-peptide linking' y ISOLEUCINE                      ? 'C6 H13 N O2'    131.173 
IMD non-polymer         . IMIDAZOLE                       ? 'C3 H5 N2 1'     69.085  
LEU 'L-peptide linking' y LEUCINE                         ? 'C6 H13 N O2'    131.173 
LYS 'L-peptide linking' y LYSINE                          ? 'C6 H15 N2 O2 1' 147.195 
MET 'L-peptide linking' y METHIONINE                      ? 'C5 H11 N O2 S'  149.211 
OCA non-polymer         . 'OCTANOIC ACID (CAPRYLIC ACID)' ? 'C8 H16 O2'      144.211 
PHE 'L-peptide linking' y PHENYLALANINE                   ? 'C9 H11 N O2'    165.189 
PRO 'L-peptide linking' y PROLINE                         ? 'C5 H9 N O2'     115.130 
SER 'L-peptide linking' y SERINE                          ? 'C3 H7 N O3'     105.093 
SO4 non-polymer         . 'SULFATE ION'                   ? 'O4 S -2'        96.063  
THR 'L-peptide linking' y THREONINE                       ? 'C4 H9 N O3'     119.119 
TRP 'L-peptide linking' y TRYPTOPHAN                      ? 'C11 H12 N2 O2'  204.225 
TYR 'L-peptide linking' y TYROSINE                        ? 'C9 H11 N O3'    181.189 
VAL 'L-peptide linking' y VALINE                          ? 'C5 H11 N O2'    117.146 
# 
_exptl.entry_id          1V2G 
_exptl.crystals_number   1 
_exptl.method            'X-RAY DIFFRACTION' 
# 
_exptl_crystal.id                    1 
_exptl_crystal.density_meas          ? 
_exptl_crystal.density_percent_sol   50.18 
_exptl_crystal.density_Matthews      2.49 
_exptl_crystal.description           ? 
_exptl_crystal.F_000                 ? 
_exptl_crystal.preparation           ? 
# 
_exptl_crystal_grow.crystal_id      1 
_exptl_crystal_grow.method          'VAPOR DIFFUSION, HANGING DROP' 
_exptl_crystal_grow.pH              6.5 
_exptl_crystal_grow.temp            298 
_exptl_crystal_grow.temp_details    ? 
_exptl_crystal_grow.pdbx_details    
'2-[N-morpholino]ethanesulfonic acid, PEGMME5K, Ammonium sulfate, pH 6.5, VAPOR DIFFUSION, HANGING DROP, temperature 298K' 
_exptl_crystal_grow.pdbx_pH_range   . 
# 
_diffrn.id                     1 
_diffrn.ambient_temp           133 
_diffrn.ambient_temp_details   ? 
_diffrn.crystal_id             1 
# 
_diffrn_detector.diffrn_id              1 
_diffrn_detector.detector               'IMAGE PLATE' 
_diffrn_detector.type                   'MAC Science DIP-2030' 
_diffrn_detector.pdbx_collection_date   2000-05-30 
_diffrn_detector.details                ? 
# 
_diffrn_radiation.diffrn_id                        1 
_diffrn_radiation.wavelength_id                    1 
_diffrn_radiation.pdbx_diffrn_protocol             'SINGLE WAVELENGTH' 
_diffrn_radiation.monochromator                    'Si111 Channel' 
_diffrn_radiation.pdbx_monochromatic_or_laue_m_l   M 
_diffrn_radiation.pdbx_scattering_type             x-ray 
# 
_diffrn_radiation_wavelength.id           1 
_diffrn_radiation_wavelength.wavelength   1.12720 
_diffrn_radiation_wavelength.wt           1.0 
# 
_diffrn_source.diffrn_id                   1 
_diffrn_source.source                      SYNCHROTRON 
_diffrn_source.type                        'NSRRC BEAMLINE BL17B2' 
_diffrn_source.pdbx_wavelength             ? 
_diffrn_source.pdbx_wavelength_list        1.12720 
_diffrn_source.pdbx_synchrotron_site       NSRRC 
_diffrn_source.pdbx_synchrotron_beamline   BL17B2 
# 
_reflns.entry_id                     1V2G 
_reflns.d_resolution_high            2.00 
_reflns.d_resolution_low             24.81 
_reflns.limit_h_max                  24 
_reflns.limit_h_min                  0 
_reflns.limit_k_max                  17 
_reflns.limit_k_min                  0 
_reflns.limit_l_max                  85 
_reflns.limit_l_min                  0 
_reflns.number_all                   15163 
_reflns.observed_criterion_sigma_F   0.0 
_reflns.observed_criterion_F_max     1110446.57 
_reflns.observed_criterion_F_min     0.770000 
_reflns.B_iso_Wilson_estimate        32.7 
_reflns.observed_criterion_sigma_I   ? 
_reflns.number_obs                   14724 
_reflns.percent_possible_obs         97.1 
_reflns.pdbx_Rmerge_I_obs            0.056 
_reflns.pdbx_Rsym_value              ? 
_reflns.pdbx_netI_over_sigmaI        12.1 
_reflns.pdbx_redundancy              9.2 
_reflns.R_free_details               ? 
_reflns.pdbx_chi_squared             ? 
_reflns.pdbx_scaling_rejects         ? 
_reflns.pdbx_diffrn_id               1 
_reflns.pdbx_ordinal                 1 
# 
_reflns_shell.d_res_high             2.00 
_reflns_shell.d_res_low              2.03 
_reflns_shell.percent_possible_obs   ? 
_reflns_shell.percent_possible_all   97.8 
_reflns_shell.Rmerge_I_obs           0.458 
_reflns_shell.meanI_over_sigI_obs    3.2 
_reflns_shell.pdbx_Rsym_value        ? 
_reflns_shell.pdbx_redundancy        ? 
_reflns_shell.number_unique_all      ? 
_reflns_shell.number_measured_all    ? 
_reflns_shell.number_measured_obs    ? 
_reflns_shell.number_unique_obs      ? 
_reflns_shell.pdbx_chi_squared       ? 
_reflns_shell.pdbx_diffrn_id         ? 
_reflns_shell.pdbx_ordinal           1 
# 
_refine.entry_id                                 1V2G 
_refine.ls_number_reflns_all                     15512 
_refine.ls_number_reflns_obs                     14138 
_refine.ls_percent_reflns_obs                    91.1 
_refine.ls_d_res_high                            2.00 
_refine.ls_d_res_low                             24.81 
_refine.B_iso_min                                27.53 
_refine.B_iso_max                                118.63 
_refine.B_iso_mean                               51.16 
_refine.occupancy_min                            1.00 
_refine.occupancy_max                            1.00 
_refine.aniso_B[1][1]                            10.60 
_refine.aniso_B[2][2]                            10.60 
_refine.aniso_B[3][3]                            -21.21 
_refine.aniso_B[1][2]                            0.00 
_refine.aniso_B[1][3]                            0.00 
_refine.aniso_B[2][3]                            0.00 
_refine.solvent_model_param_bsol                 54.3254 
_refine.solvent_model_param_ksol                 0.338479 
_refine.solvent_model_details                    'CNS bulk solvent model used' 
_refine.ls_R_factor_R_work                       0.225 
_refine.ls_R_factor_R_free                       0.265 
_refine.ls_R_factor_R_free_error                 0.007 
_refine.ls_number_reflns_R_free                  1437 
_refine.ls_percent_reflns_R_free                 10.2 
_refine.details                                  ? 
_refine.pdbx_ls_sigma_F                          ? 
_refine.pdbx_ls_sigma_I                          ? 
_refine.ls_R_factor_all                          ? 
_refine.ls_R_factor_obs                          ? 
_refine.ls_redundancy_reflns_obs                 ? 
_refine.pdbx_data_cutoff_high_absF               ? 
_refine.pdbx_data_cutoff_low_absF                ? 
_refine.ls_number_parameters                     ? 
_refine.ls_number_restraints                     ? 
_refine.ls_R_factor_R_free_error_details         ? 
_refine.pdbx_method_to_determine_struct          'MOLECULAR REPLACEMENT' 
_refine.pdbx_starting_model                      'PDB entry 1JRL' 
_refine.pdbx_ls_cross_valid_method               THROUGHOUT 
_refine.pdbx_R_Free_selection_details            Random 
_refine.pdbx_stereochem_target_val_spec_case     ? 
_refine.pdbx_stereochemistry_target_values       'Engh & Huber' 
_refine.pdbx_isotropic_thermal_model             anisotropic 
_refine.correlation_coeff_Fo_to_Fc               ? 
_refine.correlation_coeff_Fo_to_Fc_free          ? 
_refine.pdbx_solvent_vdw_probe_radii             ? 
_refine.pdbx_solvent_ion_probe_radii             ? 
_refine.pdbx_solvent_shrinkage_radii             ? 
_refine.overall_SU_R_Cruickshank_DPI             ? 
_refine.overall_SU_R_free                        ? 
_refine.overall_SU_B                             ? 
_refine.overall_SU_ML                            ? 
_refine.pdbx_overall_ESU_R                       ? 
_refine.pdbx_overall_ESU_R_Free                  ? 
_refine.pdbx_data_cutoff_high_rms_absF           ? 
_refine.ls_wR_factor_R_free                      ? 
_refine.ls_wR_factor_R_work                      ? 
_refine.overall_FOM_free_R_set                   ? 
_refine.overall_FOM_work_R_set                   ? 
_refine.pdbx_overall_phase_error                 ? 
_refine.pdbx_refine_id                           'X-RAY DIFFRACTION' 
_refine.pdbx_diffrn_id                           1 
_refine.pdbx_TLS_residual_ADP_flag               ? 
_refine.pdbx_overall_SU_R_free_Cruickshank_DPI   ? 
_refine.pdbx_overall_SU_R_Blow_DPI               ? 
_refine.pdbx_overall_SU_R_free_Blow_DPI          ? 
# 
_refine_analyze.entry_id                        1V2G 
_refine_analyze.Luzzati_d_res_low_obs           5.00 
_refine_analyze.pdbx_Luzzati_d_res_high_obs     2.00 
_refine_analyze.Luzzati_coordinate_error_obs    0.28 
_refine_analyze.Luzzati_sigma_a_obs             0.36 
_refine_analyze.Luzzati_coordinate_error_free   0.35 
_refine_analyze.Luzzati_sigma_a_free            0.38 
_refine_analyze.Luzzati_d_res_low_free          ? 
_refine_analyze.number_disordered_residues      ? 
_refine_analyze.occupancy_sum_non_hydrogen      ? 
_refine_analyze.occupancy_sum_hydrogen          ? 
_refine_analyze.pdbx_refine_id                  'X-RAY DIFFRACTION' 
# 
_refine_hist.pdbx_refine_id                   'X-RAY DIFFRACTION' 
_refine_hist.cycle_id                         LAST 
_refine_hist.pdbx_number_atoms_protein        1410 
_refine_hist.pdbx_number_atoms_nucleic_acid   0 
_refine_hist.pdbx_number_atoms_ligand         20 
_refine_hist.number_atoms_solvent             107 
_refine_hist.number_atoms_total               1537 
_refine_hist.d_res_high                       2.00 
_refine_hist.d_res_low                        24.81 
# 
loop_
_refine_ls_restr.type 
_refine_ls_restr.dev_ideal 
_refine_ls_restr.dev_ideal_target 
_refine_ls_restr.number 
_refine_ls_restr.weight 
_refine_ls_restr.pdbx_refine_id 
_refine_ls_restr.pdbx_restraint_function 
c_bond_d           0.007 . ? ? 'X-RAY DIFFRACTION' ? 
c_angle_deg        1.1   . ? ? 'X-RAY DIFFRACTION' ? 
c_torsion_deg      21.6  . ? ? 'X-RAY DIFFRACTION' ? 
c_torsion_impr_deg 0.86  . ? ? 'X-RAY DIFFRACTION' ? 
# 
loop_
_refine_ls_shell.d_res_high 
_refine_ls_shell.d_res_low 
_refine_ls_shell.number_reflns_all 
_refine_ls_shell.number_reflns_obs 
_refine_ls_shell.number_reflns_R_work 
_refine_ls_shell.percent_reflns_obs 
_refine_ls_shell.R_factor_R_work 
_refine_ls_shell.R_factor_R_free 
_refine_ls_shell.R_factor_R_free_error 
_refine_ls_shell.number_reflns_R_free 
_refine_ls_shell.percent_reflns_R_free 
_refine_ls_shell.pdbx_total_number_of_bins_used 
_refine_ls_shell.redundancy_reflns_obs 
_refine_ls_shell.R_factor_all 
_refine_ls_shell.pdbx_refine_id 
2.00 2.09  1875 1521 1357 81.1 0.377 0.398 0.031 164 10.8 8 . . 'X-RAY DIFFRACTION' 
2.09 2.20  1886 1653 1498 87.6 0.306 0.377 0.030 155 9.4  8 . . 'X-RAY DIFFRACTION' 
2.20 2.34  1889 1705 1542 90.3 0.267 0.298 0.023 163 9.6  8 . . 'X-RAY DIFFRACTION' 
2.34 2.52  1919 1795 1621 93.5 0.263 0.341 0.026 174 9.7  8 . . 'X-RAY DIFFRACTION' 
2.52 2.77  1933 1863 1701 96.4 0.251 0.324 0.025 162 8.7  8 . . 'X-RAY DIFFRACTION' 
2.77 3.17  1923 1851 1653 96.2 0.247 0.315 0.022 198 10.7 8 . . 'X-RAY DIFFRACTION' 
3.17 3.99  1973 1854 1664 93.9 0.222 0.258 0.019 190 10.2 8 . . 'X-RAY DIFFRACTION' 
3.99 24.81 2124 1896 1665 89.3 0.193 0.218 0.014 231 12.2 8 . . 'X-RAY DIFFRACTION' 
# 
loop_
_pdbx_xplor_file.serial_no 
_pdbx_xplor_file.param_file 
_pdbx_xplor_file.topol_file 
_pdbx_xplor_file.pdbx_refine_id 
1 protein_rep.param protein.top 'X-RAY DIFFRACTION' 
2 imd.param         imd.top     'X-RAY DIFFRACTION' 
3 water_rep.param   water.top   'X-RAY DIFFRACTION' 
4 ion.param         ion.top     'X-RAY DIFFRACTION' 
5 oct.param         oct.top     'X-RAY DIFFRACTION' 
# 
_struct.entry_id                  1V2G 
_struct.title                     
'The L109P mutant of E. coli Thioesterase I/Protease I/Lysophospholipase L1 (TAP) in complexed with octanoic acid' 
_struct.pdbx_model_details        ? 
_struct.pdbx_CASP_flag            ? 
_struct.pdbx_model_type_details   ? 
# 
_struct_keywords.entry_id        1V2G 
_struct_keywords.pdbx_keywords   HYDROLASE 
_struct_keywords.text            'SGNH-hydrolase fold, HYDROLASE' 
# 
loop_
_struct_asym.id 
_struct_asym.pdbx_blank_PDB_chainid_flag 
_struct_asym.pdbx_modified 
_struct_asym.entity_id 
_struct_asym.details 
A N N 1 ? 
B N N 2 ? 
C N N 3 ? 
D N N 4 ? 
E N N 5 ? 
# 
_struct_biol.id                    1 
_struct_biol.pdbx_parent_biol_id   ? 
_struct_biol.details               ? 
# 
loop_
_struct_conf.conf_type_id 
_struct_conf.id 
_struct_conf.pdbx_PDB_helix_id 
_struct_conf.beg_label_comp_id 
_struct_conf.beg_label_asym_id 
_struct_conf.beg_label_seq_id 
_struct_conf.pdbx_beg_PDB_ins_code 
_struct_conf.end_label_comp_id 
_struct_conf.end_label_asym_id 
_struct_conf.end_label_seq_id 
_struct_conf.pdbx_end_PDB_ins_code 
_struct_conf.beg_auth_comp_id 
_struct_conf.beg_auth_asym_id 
_struct_conf.beg_auth_seq_id 
_struct_conf.end_auth_comp_id 
_struct_conf.end_auth_asym_id 
_struct_conf.end_auth_seq_id 
_struct_conf.pdbx_PDB_helix_class 
_struct_conf.details 
_struct_conf.pdbx_PDB_helix_length 
HELX_P HELX_P1  1  ASP A 9   ? GLY A 14  ? ASP A 9   GLY A 14  1 ? 6  
HELX_P HELX_P2  2  SER A 18  ? ALA A 21  ? SER A 18  ALA A 21  5 ? 4  
HELX_P HELX_P3  3  ALA A 22  ? TRP A 31  ? ALA A 22  TRP A 31  1 ? 10 
HELX_P HELX_P4  4  THR A 46  ? GLN A 62  ? THR A 46  GLN A 62  1 ? 17 
HELX_P HELX_P5  5  ASP A 74  ? GLY A 78  ? ASP A 74  GLY A 78  5 ? 5  
HELX_P HELX_P6  6  GLN A 80  ? ALA A 98  ? GLN A 80  ALA A 98  1 ? 19 
HELX_P HELX_P7  7  GLY A 114 ? ASP A 133 ? GLY A 114 ASP A 133 1 ? 20 
HELX_P HELX_P8  8  PHE A 140 ? LEU A 146 ? PHE A 140 LEU A 146 1 ? 7  
HELX_P HELX_P9  9  LYS A 147 ? MET A 151 ? LYS A 147 MET A 151 5 ? 5  
HELX_P HELX_P10 10 ALA A 162 ? GLN A 175 ? ALA A 162 GLN A 175 1 ? 14 
HELX_P HELX_P11 11 PRO A 176 ? VAL A 178 ? PRO A 176 VAL A 178 5 ? 3  
# 
_struct_conf_type.id          HELX_P 
_struct_conf_type.criteria    ? 
_struct_conf_type.reference   ? 
# 
_struct_sheet.id               A 
_struct_sheet.type             ? 
_struct_sheet.number_strands   5 
_struct_sheet.details          ? 
# 
loop_
_struct_sheet_order.sheet_id 
_struct_sheet_order.range_id_1 
_struct_sheet_order.range_id_2 
_struct_sheet_order.offset 
_struct_sheet_order.sense 
A 1 2 ? parallel 
A 2 3 ? parallel 
A 3 4 ? parallel 
A 4 5 ? parallel 
# 
loop_
_struct_sheet_range.sheet_id 
_struct_sheet_range.id 
_struct_sheet_range.beg_label_comp_id 
_struct_sheet_range.beg_label_asym_id 
_struct_sheet_range.beg_label_seq_id 
_struct_sheet_range.pdbx_beg_PDB_ins_code 
_struct_sheet_range.end_label_comp_id 
_struct_sheet_range.end_label_asym_id 
_struct_sheet_range.end_label_seq_id 
_struct_sheet_range.pdbx_end_PDB_ins_code 
_struct_sheet_range.beg_auth_comp_id 
_struct_sheet_range.beg_auth_asym_id 
_struct_sheet_range.beg_auth_seq_id 
_struct_sheet_range.end_auth_comp_id 
_struct_sheet_range.end_auth_asym_id 
_struct_sheet_range.end_auth_seq_id 
A 1 SER A 36  ? ASN A 39  ? SER A 36  ASN A 39  
A 2 THR A 3   ? GLY A 8   ? THR A 3   GLY A 8   
A 3 TRP A 65  ? GLU A 69  ? TRP A 65  GLU A 69  
A 4 GLU A 101 ? MET A 105 ? GLU A 101 MET A 105 
A 5 LEU A 136 ? LEU A 137 ? LEU A 136 LEU A 137 
# 
loop_
_pdbx_struct_sheet_hbond.sheet_id 
_pdbx_struct_sheet_hbond.range_id_1 
_pdbx_struct_sheet_hbond.range_id_2 
_pdbx_struct_sheet_hbond.range_1_label_atom_id 
_pdbx_struct_sheet_hbond.range_1_label_comp_id 
_pdbx_struct_sheet_hbond.range_1_label_asym_id 
_pdbx_struct_sheet_hbond.range_1_label_seq_id 
_pdbx_struct_sheet_hbond.range_1_PDB_ins_code 
_pdbx_struct_sheet_hbond.range_1_auth_atom_id 
_pdbx_struct_sheet_hbond.range_1_auth_comp_id 
_pdbx_struct_sheet_hbond.range_1_auth_asym_id 
_pdbx_struct_sheet_hbond.range_1_auth_seq_id 
_pdbx_struct_sheet_hbond.range_2_label_atom_id 
_pdbx_struct_sheet_hbond.range_2_label_comp_id 
_pdbx_struct_sheet_hbond.range_2_label_asym_id 
_pdbx_struct_sheet_hbond.range_2_label_seq_id 
_pdbx_struct_sheet_hbond.range_2_PDB_ins_code 
_pdbx_struct_sheet_hbond.range_2_auth_atom_id 
_pdbx_struct_sheet_hbond.range_2_auth_comp_id 
_pdbx_struct_sheet_hbond.range_2_auth_asym_id 
_pdbx_struct_sheet_hbond.range_2_auth_seq_id 
A 1 2 O SER A 36  ? O SER A 36  N LEU A 4   ? N LEU A 4   
A 2 3 N LEU A 7   ? N LEU A 7   O LEU A 67  ? O LEU A 67  
A 3 4 N VAL A 66  ? N VAL A 66  O LEU A 103 ? O LEU A 103 
A 4 5 N LEU A 104 ? N LEU A 104 O LEU A 137 ? O LEU A 137 
# 
loop_
_struct_site.id 
_struct_site.pdbx_evidence_code 
_struct_site.pdbx_auth_asym_id 
_struct_site.pdbx_auth_comp_id 
_struct_site.pdbx_auth_seq_id 
_struct_site.pdbx_auth_ins_code 
_struct_site.pdbx_num_residues 
_struct_site.details 
AC1 Software A SO4 501 ? 9 'BINDING SITE FOR RESIDUE SO4 A 501' 
AC2 Software A IMD 601 ? 4 'BINDING SITE FOR RESIDUE IMD A 601' 
AC3 Software A OCA 201 ? 8 'BINDING SITE FOR RESIDUE OCA A 201' 
# 
loop_
_struct_site_gen.id 
_struct_site_gen.site_id 
_struct_site_gen.pdbx_num_res 
_struct_site_gen.label_comp_id 
_struct_site_gen.label_asym_id 
_struct_site_gen.label_seq_id 
_struct_site_gen.pdbx_auth_ins_code 
_struct_site_gen.auth_comp_id 
_struct_site_gen.auth_asym_id 
_struct_site_gen.auth_seq_id 
_struct_site_gen.label_atom_id 
_struct_site_gen.label_alt_id 
_struct_site_gen.symmetry 
_struct_site_gen.details 
1  AC1 9 MET A 17  ? MET A 17  . ? 1_555 ? 
2  AC1 9 SER A 18  ? SER A 18  . ? 1_555 ? 
3  AC1 9 ALA A 21  ? ALA A 21  . ? 1_555 ? 
4  AC1 9 ILE A 42  ? ILE A 42  . ? 8_665 ? 
5  AC1 9 ARG A 53  ? ARG A 53  . ? 8_665 ? 
6  AC1 9 LEU A 57  ? LEU A 57  . ? 8_665 ? 
7  AC1 9 ARG A 160 ? ARG A 160 . ? 1_555 ? 
8  AC1 9 HOH E .   ? HOH A 621 . ? 1_555 ? 
9  AC1 9 HOH E .   ? HOH A 633 . ? 1_555 ? 
10 AC2 4 LYS A 34  ? LYS A 34  . ? 1_555 ? 
11 AC2 4 THR A 35  ? THR A 35  . ? 1_555 ? 
12 AC2 4 GLN A 175 ? GLN A 175 . ? 1_555 ? 
13 AC2 4 VAL A 178 ? VAL A 178 . ? 1_555 ? 
14 AC3 8 ASP A 9   ? ASP A 9   . ? 1_555 ? 
15 AC3 8 SER A 10  ? SER A 10  . ? 1_555 ? 
16 AC3 8 GLY A 44  ? GLY A 44  . ? 1_555 ? 
17 AC3 8 ASN A 73  ? ASN A 73  . ? 1_555 ? 
18 AC3 8 ARG A 108 ? ARG A 108 . ? 1_555 ? 
19 AC3 8 PRO A 110 ? PRO A 110 . ? 1_555 ? 
20 AC3 8 TYR A 145 ? TYR A 145 . ? 1_555 ? 
21 AC3 8 HIS A 157 ? HIS A 157 . ? 1_555 ? 
# 
_atom_sites.entry_id                    1V2G 
_atom_sites.fract_transf_matrix[1][1]   -0.00392349 
_atom_sites.fract_transf_matrix[1][2]   -0.01762520 
_atom_sites.fract_transf_matrix[1][3]   -0.00862083 
_atom_sites.fract_transf_matrix[2][1]   0.00320880 
_atom_sites.fract_transf_matrix[2][2]   -0.00924954 
_atom_sites.fract_transf_matrix[2][3]   0.01745021 
_atom_sites.fract_transf_matrix[3][1]   -0.00564082 
_atom_sites.fract_transf_matrix[3][2]   0.00059427 
_atom_sites.fract_transf_matrix[3][3]   0.00135225 
_atom_sites.fract_transf_vector[1]      0.177830 
_atom_sites.fract_transf_vector[2]      0.497506 
_atom_sites.fract_transf_vector[3]      0.303859 
# 
loop_
_atom_type.symbol 
C 
N 
O 
S 
# 
loop_
_atom_site.group_PDB 
_atom_site.id 
_atom_site.type_symbol 
_atom_site.label_atom_id 
_atom_site.label_alt_id 
_atom_site.label_comp_id 
_atom_site.label_asym_id 
_atom_site.label_entity_id 
_atom_site.label_seq_id 
_atom_site.pdbx_PDB_ins_code 
_atom_site.Cartn_x 
_atom_site.Cartn_y 
_atom_site.Cartn_z 
_atom_site.occupancy 
_atom_site.B_iso_or_equiv 
_atom_site.pdbx_formal_charge 
_atom_site.auth_seq_id 
_atom_site.auth_comp_id 
_atom_site.auth_asym_id 
_atom_site.auth_atom_id 
_atom_site.pdbx_PDB_model_num 
ATOM   1    N N   . ALA A 1 1   ? 1.738   -8.745  -19.824 1.00 81.32  ? 1   ALA A N   1 
ATOM   2    C CA  . ALA A 1 1   ? 3.003   -8.181  -20.365 1.00 80.51  ? 1   ALA A CA  1 
ATOM   3    C C   . ALA A 1 1   ? 3.451   -6.987  -19.528 1.00 79.70  ? 1   ALA A C   1 
ATOM   4    O O   . ALA A 1 1   ? 4.649   -6.720  -19.386 1.00 80.97  ? 1   ALA A O   1 
ATOM   5    C CB  . ALA A 1 1   ? 2.802   -7.749  -21.821 1.00 69.80  ? 1   ALA A CB  1 
ATOM   6    N N   . ASP A 1 2   ? 2.481   -6.264  -18.982 1.00 65.07  ? 2   ASP A N   1 
ATOM   7    C CA  . ASP A 1 2   ? 2.770   -5.090  -18.170 1.00 61.98  ? 2   ASP A CA  1 
ATOM   8    C C   . ASP A 1 2   ? 2.987   -5.479  -16.704 1.00 59.71  ? 2   ASP A C   1 
ATOM   9    O O   . ASP A 1 2   ? 2.551   -6.544  -16.260 1.00 59.22  ? 2   ASP A O   1 
ATOM   10   C CB  . ASP A 1 2   ? 1.629   -4.083  -18.315 1.00 63.05  ? 2   ASP A CB  1 
ATOM   11   C CG  . ASP A 1 2   ? 1.622   -3.409  -19.683 1.00 64.69  ? 2   ASP A CG  1 
ATOM   12   O OD1 . ASP A 1 2   ? 0.632   -2.724  -20.022 1.00 65.34  ? 2   ASP A OD1 1 
ATOM   13   O OD2 . ASP A 1 2   ? 2.622   -3.556  -20.419 1.00 65.14  ? 2   ASP A OD2 1 
ATOM   14   N N   . THR A 1 3   ? 3.663   -4.620  -15.956 1.00 44.75  ? 3   THR A N   1 
ATOM   15   C CA  . THR A 1 3   ? 3.955   -4.926  -14.569 1.00 42.43  ? 3   THR A CA  1 
ATOM   16   C C   . THR A 1 3   ? 3.368   -3.957  -13.553 1.00 40.56  ? 3   THR A C   1 
ATOM   17   O O   . THR A 1 3   ? 3.440   -2.741  -13.715 1.00 39.93  ? 3   THR A O   1 
ATOM   18   C CB  . THR A 1 3   ? 5.485   -4.996  -14.344 1.00 51.11  ? 3   THR A CB  1 
ATOM   19   O OG1 . THR A 1 3   ? 6.008   -6.157  -15.001 1.00 52.67  ? 3   THR A OG1 1 
ATOM   20   C CG2 . THR A 1 3   ? 5.814   -5.058  -12.861 1.00 49.81  ? 3   THR A CG2 1 
ATOM   21   N N   . LEU A 1 4   ? 2.774   -4.509  -12.502 1.00 44.73  ? 4   LEU A N   1 
ATOM   22   C CA  . LEU A 1 4   ? 2.230   -3.693  -11.420 1.00 43.27  ? 4   LEU A CA  1 
ATOM   23   C C   . LEU A 1 4   ? 3.221   -3.811  -10.266 1.00 42.35  ? 4   LEU A C   1 
ATOM   24   O O   . LEU A 1 4   ? 3.478   -4.912  -9.779  1.00 40.92  ? 4   LEU A O   1 
ATOM   25   C CB  . LEU A 1 4   ? 0.866   -4.217  -10.969 1.00 37.23  ? 4   LEU A CB  1 
ATOM   26   C CG  . LEU A 1 4   ? 0.388   -3.728  -9.594  1.00 38.22  ? 4   LEU A CG  1 
ATOM   27   C CD1 . LEU A 1 4   ? 0.231   -2.208  -9.581  1.00 37.19  ? 4   LEU A CD1 1 
ATOM   28   C CD2 . LEU A 1 4   ? -0.933  -4.397  -9.255  1.00 36.53  ? 4   LEU A CD2 1 
ATOM   29   N N   . LEU A 1 5   ? 3.792   -2.687  -9.851  1.00 39.42  ? 5   LEU A N   1 
ATOM   30   C CA  . LEU A 1 5   ? 4.736   -2.694  -8.744  1.00 38.83  ? 5   LEU A CA  1 
ATOM   31   C C   . LEU A 1 5   ? 4.008   -2.278  -7.468  1.00 38.60  ? 5   LEU A C   1 
ATOM   32   O O   . LEU A 1 5   ? 3.294   -1.277  -7.457  1.00 37.61  ? 5   LEU A O   1 
ATOM   33   C CB  . LEU A 1 5   ? 5.888   -1.719  -9.008  1.00 38.80  ? 5   LEU A CB  1 
ATOM   34   C CG  . LEU A 1 5   ? 6.878   -1.486  -7.859  1.00 39.42  ? 5   LEU A CG  1 
ATOM   35   C CD1 . LEU A 1 5   ? 7.637   -2.767  -7.552  1.00 38.86  ? 5   LEU A CD1 1 
ATOM   36   C CD2 . LEU A 1 5   ? 7.848   -0.385  -8.249  1.00 38.24  ? 5   LEU A CD2 1 
ATOM   37   N N   . ILE A 1 6   ? 4.176   -3.063  -6.407  1.00 36.71  ? 6   ILE A N   1 
ATOM   38   C CA  . ILE A 1 6   ? 3.559   -2.778  -5.115  1.00 35.69  ? 6   ILE A CA  1 
ATOM   39   C C   . ILE A 1 6   ? 4.652   -2.311  -4.161  1.00 37.44  ? 6   ILE A C   1 
ATOM   40   O O   . ILE A 1 6   ? 5.611   -3.044  -3.876  1.00 35.79  ? 6   ILE A O   1 
ATOM   41   C CB  . ILE A 1 6   ? 2.866   -4.034  -4.527  1.00 35.90  ? 6   ILE A CB  1 
ATOM   42   C CG1 . ILE A 1 6   ? 1.785   -4.519  -5.495  1.00 35.54  ? 6   ILE A CG1 1 
ATOM   43   C CG2 . ILE A 1 6   ? 2.230   -3.712  -3.162  1.00 33.80  ? 6   ILE A CG2 1 
ATOM   44   C CD1 . ILE A 1 6   ? 1.053   -5.741  -5.029  1.00 39.61  ? 6   ILE A CD1 1 
ATOM   45   N N   . LEU A 1 7   ? 4.509   -1.074  -3.695  1.00 35.87  ? 7   LEU A N   1 
ATOM   46   C CA  . LEU A 1 7   ? 5.455   -0.476  -2.770  1.00 32.97  ? 7   LEU A CA  1 
ATOM   47   C C   . LEU A 1 7   ? 4.724   -0.335  -1.450  1.00 34.64  ? 7   LEU A C   1 
ATOM   48   O O   . LEU A 1 7   ? 4.000   0.647   -1.233  1.00 35.22  ? 7   LEU A O   1 
ATOM   49   C CB  . LEU A 1 7   ? 5.879   0.898   -3.269  1.00 34.03  ? 7   LEU A CB  1 
ATOM   50   C CG  . LEU A 1 7   ? 6.982   1.563   -2.451  1.00 35.32  ? 7   LEU A CG  1 
ATOM   51   C CD1 . LEU A 1 7   ? 8.298   0.795   -2.643  1.00 35.46  ? 7   LEU A CD1 1 
ATOM   52   C CD2 . LEU A 1 7   ? 7.137   3.009   -2.897  1.00 37.64  ? 7   LEU A CD2 1 
ATOM   53   N N   . GLY A 1 8   ? 4.899   -1.313  -0.570  1.00 31.19  ? 8   GLY A N   1 
ATOM   54   C CA  . GLY A 1 8   ? 4.211   -1.251  0.704   1.00 32.32  ? 8   GLY A CA  1 
ATOM   55   C C   . GLY A 1 8   ? 4.965   -1.809  1.893   1.00 33.60  ? 8   GLY A C   1 
ATOM   56   O O   . GLY A 1 8   ? 6.176   -2.075  1.823   1.00 32.78  ? 8   GLY A O   1 
ATOM   57   N N   . ASP A 1 9   ? 4.235   -1.975  2.994   1.00 31.99  ? 9   ASP A N   1 
ATOM   58   C CA  . ASP A 1 9   ? 4.810   -2.500  4.218   1.00 33.22  ? 9   ASP A CA  1 
ATOM   59   C C   . ASP A 1 9   ? 4.284   -3.899  4.494   1.00 34.12  ? 9   ASP A C   1 
ATOM   60   O O   . ASP A 1 9   ? 3.982   -4.656  3.562   1.00 35.18  ? 9   ASP A O   1 
ATOM   61   C CB  . ASP A 1 9   ? 4.532   -1.556  5.413   1.00 35.23  ? 9   ASP A CB  1 
ATOM   62   C CG  . ASP A 1 9   ? 3.079   -1.095  5.487   1.00 36.22  ? 9   ASP A CG  1 
ATOM   63   O OD1 . ASP A 1 9   ? 2.171   -1.933  5.297   1.00 36.81  ? 9   ASP A OD1 1 
ATOM   64   O OD2 . ASP A 1 9   ? 2.841   0.104   5.756   1.00 36.66  ? 9   ASP A OD2 1 
ATOM   65   N N   . SER A 1 10  ? 4.187   -4.251  5.771   1.00 32.16  ? 10  SER A N   1 
ATOM   66   C CA  . SER A 1 10  ? 3.723   -5.575  6.171   1.00 33.32  ? 10  SER A CA  1 
ATOM   67   C C   . SER A 1 10  ? 2.321   -5.899  5.644   1.00 32.35  ? 10  SER A C   1 
ATOM   68   O O   . SER A 1 10  ? 2.001   -7.062  5.379   1.00 31.77  ? 10  SER A O   1 
ATOM   69   C CB  . SER A 1 10  ? 3.751   -5.689  7.701   1.00 39.35  ? 10  SER A CB  1 
ATOM   70   O OG  . SER A 1 10  ? 3.467   -6.996  8.140   1.00 48.07  ? 10  SER A OG  1 
ATOM   71   N N   . LEU A 1 11  ? 1.477   -4.883  5.498   1.00 33.96  ? 11  LEU A N   1 
ATOM   72   C CA  . LEU A 1 11  ? 0.133   -5.145  5.004   1.00 34.48  ? 11  LEU A CA  1 
ATOM   73   C C   . LEU A 1 11  ? 0.196   -5.809  3.630   1.00 32.36  ? 11  LEU A C   1 
ATOM   74   O O   . LEU A 1 11  ? -0.673  -6.600  3.278   1.00 32.90  ? 11  LEU A O   1 
ATOM   75   C CB  . LEU A 1 11  ? -0.688  -3.856  4.960   1.00 30.73  ? 11  LEU A CB  1 
ATOM   76   C CG  . LEU A 1 11  ? -0.971  -3.274  6.348   1.00 31.11  ? 11  LEU A CG  1 
ATOM   77   C CD1 . LEU A 1 11  ? -1.907  -2.093  6.200   1.00 31.64  ? 11  LEU A CD1 1 
ATOM   78   C CD2 . LEU A 1 11  ? -1.602  -4.339  7.269   1.00 32.39  ? 11  LEU A CD2 1 
ATOM   79   N N   . SER A 1 12  ? 1.239   -5.501  2.869   1.00 33.91  ? 12  SER A N   1 
ATOM   80   C CA  . SER A 1 12  ? 1.406   -6.096  1.553   1.00 34.26  ? 12  SER A CA  1 
ATOM   81   C C   . SER A 1 12  ? 2.466   -7.194  1.538   1.00 34.05  ? 12  SER A C   1 
ATOM   82   O O   . SER A 1 12  ? 2.376   -8.129  0.747   1.00 34.95  ? 12  SER A O   1 
ATOM   83   C CB  . SER A 1 12  ? 1.742   -5.021  0.522   1.00 30.18  ? 12  SER A CB  1 
ATOM   84   O OG  . SER A 1 12  ? 0.659   -4.117  0.383   1.00 34.52  ? 12  SER A OG  1 
ATOM   85   N N   . ALA A 1 13  ? 3.458   -7.095  2.418   1.00 30.93  ? 13  ALA A N   1 
ATOM   86   C CA  . ALA A 1 13  ? 4.511   -8.106  2.468   1.00 31.05  ? 13  ALA A CA  1 
ATOM   87   C C   . ALA A 1 13  ? 4.043   -9.338  3.206   1.00 32.07  ? 13  ALA A C   1 
ATOM   88   O O   . ALA A 1 13  ? 4.513   -10.441 2.944   1.00 30.53  ? 13  ALA A O   1 
ATOM   89   C CB  . ALA A 1 13  ? 5.756   -7.546  3.151   1.00 37.53  ? 13  ALA A CB  1 
ATOM   90   N N   . GLY A 1 14  ? 3.093   -9.145  4.117   1.00 31.62  ? 14  GLY A N   1 
ATOM   91   C CA  . GLY A 1 14  ? 2.593   -10.246 4.915   1.00 34.18  ? 14  GLY A CA  1 
ATOM   92   C C   . GLY A 1 14  ? 3.305   -10.178 6.256   1.00 36.50  ? 14  GLY A C   1 
ATOM   93   O O   . GLY A 1 14  ? 4.515   -9.943  6.300   1.00 36.73  ? 14  GLY A O   1 
ATOM   94   N N   . TYR A 1 15  ? 2.567   -10.361 7.350   1.00 36.84  ? 15  TYR A N   1 
ATOM   95   C CA  . TYR A 1 15  ? 3.158   -10.281 8.683   1.00 38.24  ? 15  TYR A CA  1 
ATOM   96   C C   . TYR A 1 15  ? 3.294   -11.653 9.308   1.00 36.61  ? 15  TYR A C   1 
ATOM   97   O O   . TYR A 1 15  ? 2.315   -12.360 9.495   1.00 39.40  ? 15  TYR A O   1 
ATOM   98   C CB  . TYR A 1 15  ? 2.307   -9.390  9.589   1.00 44.31  ? 15  TYR A CB  1 
ATOM   99   C CG  . TYR A 1 15  ? 2.891   -9.157  10.967  1.00 46.75  ? 15  TYR A CG  1 
ATOM   100  C CD1 . TYR A 1 15  ? 2.396   -9.841  12.083  1.00 46.39  ? 15  TYR A CD1 1 
ATOM   101  C CD2 . TYR A 1 15  ? 3.932   -8.241  11.157  1.00 47.02  ? 15  TYR A CD2 1 
ATOM   102  C CE1 . TYR A 1 15  ? 2.920   -9.613  13.356  1.00 48.33  ? 15  TYR A CE1 1 
ATOM   103  C CE2 . TYR A 1 15  ? 4.463   -8.008  12.424  1.00 48.25  ? 15  TYR A CE2 1 
ATOM   104  C CZ  . TYR A 1 15  ? 3.952   -8.697  13.520  1.00 49.17  ? 15  TYR A CZ  1 
ATOM   105  O OH  . TYR A 1 15  ? 4.468   -8.474  14.782  1.00 51.68  ? 15  TYR A OH  1 
ATOM   106  N N   . ARG A 1 16  ? 4.522   -12.029 9.633   1.00 40.06  ? 16  ARG A N   1 
ATOM   107  C CA  . ARG A 1 16  ? 4.784   -13.332 10.230  1.00 39.88  ? 16  ARG A CA  1 
ATOM   108  C C   . ARG A 1 16  ? 4.273   -14.478 9.345   1.00 38.53  ? 16  ARG A C   1 
ATOM   109  O O   . ARG A 1 16  ? 3.735   -15.469 9.837   1.00 38.70  ? 16  ARG A O   1 
ATOM   110  C CB  . ARG A 1 16  ? 4.160   -13.414 11.623  1.00 44.79  ? 16  ARG A CB  1 
ATOM   111  C CG  . ARG A 1 16  ? 4.771   -12.413 12.592  1.00 52.37  ? 16  ARG A CG  1 
ATOM   112  C CD  . ARG A 1 16  ? 4.419   -12.717 14.047  1.00 55.46  ? 16  ARG A CD  1 
ATOM   113  N NE  . ARG A 1 16  ? 5.064   -11.765 14.947  1.00 59.84  ? 16  ARG A NE  1 
ATOM   114  C CZ  . ARG A 1 16  ? 5.016   -11.844 16.276  1.00 62.43  ? 16  ARG A CZ  1 
ATOM   115  N NH1 . ARG A 1 16  ? 4.350   -12.837 16.863  1.00 61.84  ? 16  ARG A NH1 1 
ATOM   116  N NH2 . ARG A 1 16  ? 5.632   -10.930 17.020  1.00 62.08  ? 16  ARG A NH2 1 
ATOM   117  N N   . MET A 1 17  ? 4.440   -14.315 8.034   1.00 37.35  ? 17  MET A N   1 
ATOM   118  C CA  . MET A 1 17  ? 4.079   -15.328 7.039   1.00 36.62  ? 17  MET A CA  1 
ATOM   119  C C   . MET A 1 17  ? 5.030   -15.062 5.872   1.00 36.16  ? 17  MET A C   1 
ATOM   120  O O   . MET A 1 17  ? 5.634   -13.985 5.802   1.00 34.83  ? 17  MET A O   1 
ATOM   121  C CB  . MET A 1 17  ? 2.615   -15.188 6.589   1.00 32.93  ? 17  MET A CB  1 
ATOM   122  C CG  . MET A 1 17  ? 2.319   -13.953 5.753   1.00 30.97  ? 17  MET A CG  1 
ATOM   123  S SD  . MET A 1 17  ? 0.559   -13.837 5.357   1.00 34.01  ? 17  MET A SD  1 
ATOM   124  C CE  . MET A 1 17  ? -0.160  -13.757 7.019   1.00 34.15  ? 17  MET A CE  1 
ATOM   125  N N   . SER A 1 18  ? 5.174   -16.023 4.969   1.00 33.49  ? 18  SER A N   1 
ATOM   126  C CA  . SER A 1 18  ? 6.074   -15.841 3.832   1.00 34.55  ? 18  SER A CA  1 
ATOM   127  C C   . SER A 1 18  ? 5.437   -14.959 2.765   1.00 37.13  ? 18  SER A C   1 
ATOM   128  O O   . SER A 1 18  ? 4.221   -14.777 2.731   1.00 33.82  ? 18  SER A O   1 
ATOM   129  C CB  . SER A 1 18  ? 6.419   -17.186 3.198   1.00 33.27  ? 18  SER A CB  1 
ATOM   130  O OG  . SER A 1 18  ? 5.276   -17.711 2.529   1.00 36.85  ? 18  SER A OG  1 
ATOM   131  N N   . ALA A 1 19  ? 6.264   -14.425 1.877   1.00 40.82  ? 19  ALA A N   1 
ATOM   132  C CA  . ALA A 1 19  ? 5.749   -13.586 0.810   1.00 43.23  ? 19  ALA A CA  1 
ATOM   133  C C   . ALA A 1 19  ? 4.743   -14.386 -0.025  1.00 41.31  ? 19  ALA A C   1 
ATOM   134  O O   . ALA A 1 19  ? 3.735   -13.839 -0.463  1.00 40.57  ? 19  ALA A O   1 
ATOM   135  C CB  . ALA A 1 19  ? 6.896   -13.095 -0.074  1.00 53.24  ? 19  ALA A CB  1 
ATOM   136  N N   . SER A 1 20  ? 5.015   -15.676 -0.219  1.00 36.43  ? 20  SER A N   1 
ATOM   137  C CA  . SER A 1 20  ? 4.150   -16.545 -1.018  1.00 37.12  ? 20  SER A CA  1 
ATOM   138  C C   . SER A 1 20  ? 2.737   -16.680 -0.457  1.00 36.35  ? 20  SER A C   1 
ATOM   139  O O   . SER A 1 20  ? 1.794   -16.988 -1.192  1.00 36.50  ? 20  SER A O   1 
ATOM   140  C CB  . SER A 1 20  ? 4.783   -17.939 -1.176  1.00 43.18  ? 20  SER A CB  1 
ATOM   141  O OG  . SER A 1 20  ? 4.643   -18.752 -0.017  1.00 44.63  ? 20  SER A OG  1 
ATOM   142  N N   . ALA A 1 21  ? 2.598   -16.448 0.843   1.00 37.26  ? 21  ALA A N   1 
ATOM   143  C CA  . ALA A 1 21  ? 1.304   -16.531 1.515   1.00 37.14  ? 21  ALA A CA  1 
ATOM   144  C C   . ALA A 1 21  ? 0.566   -15.190 1.487   1.00 35.76  ? 21  ALA A C   1 
ATOM   145  O O   . ALA A 1 21  ? -0.639  -15.135 1.719   1.00 35.27  ? 21  ALA A O   1 
ATOM   146  C CB  . ALA A 1 21  ? 1.502   -16.988 2.970   1.00 34.08  ? 21  ALA A CB  1 
ATOM   147  N N   . ALA A 1 22  ? 1.288   -14.114 1.185   1.00 36.15  ? 22  ALA A N   1 
ATOM   148  C CA  . ALA A 1 22  ? 0.704   -12.775 1.156   1.00 35.75  ? 22  ALA A CA  1 
ATOM   149  C C   . ALA A 1 22  ? -0.181  -12.551 -0.065  1.00 36.47  ? 22  ALA A C   1 
ATOM   150  O O   . ALA A 1 22  ? 0.131   -13.040 -1.160  1.00 37.11  ? 22  ALA A O   1 
ATOM   151  C CB  . ALA A 1 22  ? 1.811   -11.729 1.212   1.00 31.91  ? 22  ALA A CB  1 
ATOM   152  N N   . TRP A 1 23  ? -1.266  -11.790 0.107   1.00 32.54  ? 23  TRP A N   1 
ATOM   153  C CA  . TRP A 1 23  ? -2.206  -11.565 -0.995  1.00 32.78  ? 23  TRP A CA  1 
ATOM   154  C C   . TRP A 1 23  ? -1.618  -11.143 -2.344  1.00 31.68  ? 23  TRP A C   1 
ATOM   155  O O   . TRP A 1 23  ? -2.171  -11.488 -3.375  1.00 33.74  ? 23  TRP A O   1 
ATOM   156  C CB  . TRP A 1 23  ? -3.339  -10.579 -0.602  1.00 28.51  ? 23  TRP A CB  1 
ATOM   157  C CG  . TRP A 1 23  ? -2.891  -9.174  -0.289  1.00 29.79  ? 23  TRP A CG  1 
ATOM   158  C CD1 . TRP A 1 23  ? -2.539  -8.678  0.932   1.00 30.11  ? 23  TRP A CD1 1 
ATOM   159  C CD2 . TRP A 1 23  ? -2.666  -8.112  -1.232  1.00 29.65  ? 23  TRP A CD2 1 
ATOM   160  N NE1 . TRP A 1 23  ? -2.095  -7.378  0.811   1.00 29.72  ? 23  TRP A NE1 1 
ATOM   161  C CE2 . TRP A 1 23  ? -2.163  -7.006  -0.506  1.00 29.37  ? 23  TRP A CE2 1 
ATOM   162  C CE3 . TRP A 1 23  ? -2.832  -7.992  -2.619  1.00 27.53  ? 23  TRP A CE3 1 
ATOM   163  C CZ2 . TRP A 1 23  ? -1.828  -5.796  -1.116  1.00 28.98  ? 23  TRP A CZ2 1 
ATOM   164  C CZ3 . TRP A 1 23  ? -2.501  -6.788  -3.230  1.00 30.44  ? 23  TRP A CZ3 1 
ATOM   165  C CH2 . TRP A 1 23  ? -2.002  -5.703  -2.475  1.00 30.85  ? 23  TRP A CH2 1 
ATOM   166  N N   . PRO A 1 24  ? -0.500  -10.403 -2.365  1.00 33.14  ? 24  PRO A N   1 
ATOM   167  C CA  . PRO A 1 24  ? 0.041   -10.010 -3.673  1.00 34.11  ? 24  PRO A CA  1 
ATOM   168  C C   . PRO A 1 24  ? 0.530   -11.209 -4.502  1.00 34.96  ? 24  PRO A C   1 
ATOM   169  O O   . PRO A 1 24  ? 0.479   -11.180 -5.739  1.00 36.31  ? 24  PRO A O   1 
ATOM   170  C CB  . PRO A 1 24  ? 1.169   -9.048  -3.300  1.00 29.62  ? 24  PRO A CB  1 
ATOM   171  C CG  . PRO A 1 24  ? 0.675   -8.487  -1.942  1.00 27.85  ? 24  PRO A CG  1 
ATOM   172  C CD  . PRO A 1 24  ? 0.246   -9.742  -1.281  1.00 30.73  ? 24  PRO A CD  1 
ATOM   173  N N   . ALA A 1 25  ? 0.981   -12.259 -3.822  1.00 31.36  ? 25  ALA A N   1 
ATOM   174  C CA  . ALA A 1 25  ? 1.463   -13.471 -4.497  1.00 33.79  ? 25  ALA A CA  1 
ATOM   175  C C   . ALA A 1 25  ? 0.240   -14.169 -5.091  1.00 35.48  ? 25  ALA A C   1 
ATOM   176  O O   . ALA A 1 25  ? 0.263   -14.599 -6.245  1.00 35.39  ? 25  ALA A O   1 
ATOM   177  C CB  . ALA A 1 25  ? 2.169   -14.388 -3.498  1.00 32.69  ? 25  ALA A CB  1 
ATOM   178  N N   . LEU A 1 26  ? -0.829  -14.259 -4.296  1.00 38.03  ? 26  LEU A N   1 
ATOM   179  C CA  . LEU A 1 26  ? -2.076  -14.872 -4.748  1.00 40.80  ? 26  LEU A CA  1 
ATOM   180  C C   . LEU A 1 26  ? -2.677  -14.053 -5.896  1.00 41.96  ? 26  LEU A C   1 
ATOM   181  O O   . LEU A 1 26  ? -3.281  -14.610 -6.814  1.00 44.34  ? 26  LEU A O   1 
ATOM   182  C CB  . LEU A 1 26  ? -3.095  -14.949 -3.602  1.00 38.97  ? 26  LEU A CB  1 
ATOM   183  C CG  . LEU A 1 26  ? -2.655  -15.706 -2.352  1.00 38.80  ? 26  LEU A CG  1 
ATOM   184  C CD1 . LEU A 1 26  ? -3.742  -15.677 -1.266  1.00 38.57  ? 26  LEU A CD1 1 
ATOM   185  C CD2 . LEU A 1 26  ? -2.349  -17.132 -2.748  1.00 43.42  ? 26  LEU A CD2 1 
ATOM   186  N N   . LEU A 1 27  ? -2.531  -12.734 -5.845  1.00 40.76  ? 27  LEU A N   1 
ATOM   187  C CA  . LEU A 1 27  ? -3.075  -11.904 -6.906  1.00 41.70  ? 27  LEU A CA  1 
ATOM   188  C C   . LEU A 1 27  ? -2.334  -12.200 -8.209  1.00 44.41  ? 27  LEU A C   1 
ATOM   189  O O   . LEU A 1 27  ? -2.958  -12.376 -9.256  1.00 44.45  ? 27  LEU A O   1 
ATOM   190  C CB  . LEU A 1 27  ? -2.945  -10.423 -6.563  1.00 35.03  ? 27  LEU A CB  1 
ATOM   191  C CG  . LEU A 1 27  ? -3.371  -9.432  -7.662  1.00 34.94  ? 27  LEU A CG  1 
ATOM   192  C CD1 . LEU A 1 27  ? -4.856  -9.564  -7.984  1.00 33.29  ? 27  LEU A CD1 1 
ATOM   193  C CD2 . LEU A 1 27  ? -3.056  -8.017  -7.198  1.00 29.44  ? 27  LEU A CD2 1 
ATOM   194  N N   . ASN A 1 28  ? -1.006  -12.257 -8.130  1.00 46.49  ? 28  ASN A N   1 
ATOM   195  C CA  . ASN A 1 28  ? -0.162  -12.542 -9.286  1.00 49.31  ? 28  ASN A CA  1 
ATOM   196  C C   . ASN A 1 28  ? -0.563  -13.889 -9.884  1.00 51.64  ? 28  ASN A C   1 
ATOM   197  O O   . ASN A 1 28  ? -0.705  -14.015 -11.098 1.00 51.52  ? 28  ASN A O   1 
ATOM   198  C CB  . ASN A 1 28  ? 1.311   -12.559 -8.858  1.00 45.09  ? 28  ASN A CB  1 
ATOM   199  C CG  . ASN A 1 28  ? 2.266   -12.887 -10.005 1.00 46.76  ? 28  ASN A CG  1 
ATOM   200  O OD1 . ASN A 1 28  ? 2.824   -13.989 -10.068 1.00 45.50  ? 28  ASN A OD1 1 
ATOM   201  N ND2 . ASN A 1 28  ? 2.464   -11.928 -10.911 1.00 40.54  ? 28  ASN A ND2 1 
ATOM   202  N N   . ASP A 1 29  ? -0.755  -14.892 -9.035  1.00 52.61  ? 29  ASP A N   1 
ATOM   203  C CA  . ASP A 1 29  ? -1.153  -16.209 -9.523  1.00 57.51  ? 29  ASP A CA  1 
ATOM   204  C C   . ASP A 1 29  ? -2.509  -16.134 -10.218 1.00 57.72  ? 29  ASP A C   1 
ATOM   205  O O   . ASP A 1 29  ? -2.759  -16.848 -11.188 1.00 58.59  ? 29  ASP A O   1 
ATOM   206  C CB  . ASP A 1 29  ? -1.229  -17.220 -8.368  1.00 72.26  ? 29  ASP A CB  1 
ATOM   207  C CG  . ASP A 1 29  ? 0.142   -17.612 -7.833  1.00 75.80  ? 29  ASP A CG  1 
ATOM   208  O OD1 . ASP A 1 29  ? 0.192   -18.244 -6.756  1.00 78.78  ? 29  ASP A OD1 1 
ATOM   209  O OD2 . ASP A 1 29  ? 1.167   -17.304 -8.482  1.00 77.68  ? 29  ASP A OD2 1 
ATOM   210  N N   . LYS A 1 30  ? -3.380  -15.263 -9.724  1.00 61.24  ? 30  LYS A N   1 
ATOM   211  C CA  . LYS A 1 30  ? -4.703  -15.117 -10.306 1.00 61.70  ? 30  LYS A CA  1 
ATOM   212  C C   . LYS A 1 30  ? -4.618  -14.398 -11.651 1.00 61.80  ? 30  LYS A C   1 
ATOM   213  O O   . LYS A 1 30  ? -5.435  -14.628 -12.547 1.00 63.09  ? 30  LYS A O   1 
ATOM   214  C CB  . LYS A 1 30  ? -5.609  -14.344 -9.341  1.00 60.32  ? 30  LYS A CB  1 
ATOM   215  C CG  . LYS A 1 30  ? -7.071  -14.336 -9.731  1.00 61.63  ? 30  LYS A CG  1 
ATOM   216  C CD  . LYS A 1 30  ? -7.907  -13.574 -8.722  1.00 64.01  ? 30  LYS A CD  1 
ATOM   217  C CE  . LYS A 1 30  ? -9.377  -13.656 -9.092  1.00 66.77  ? 30  LYS A CE  1 
ATOM   218  N NZ  . LYS A 1 30  ? -10.253 -12.915 -8.141  1.00 68.24  ? 30  LYS A NZ  1 
ATOM   219  N N   . TRP A 1 31  ? -3.625  -13.534 -11.796 1.00 51.79  ? 31  TRP A N   1 
ATOM   220  C CA  . TRP A 1 31  ? -3.460  -12.795 -13.037 1.00 52.46  ? 31  TRP A CA  1 
ATOM   221  C C   . TRP A 1 31  ? -2.395  -13.433 -13.937 1.00 53.07  ? 31  TRP A C   1 
ATOM   222  O O   . TRP A 1 31  ? -1.254  -12.964 -14.010 1.00 54.99  ? 31  TRP A O   1 
ATOM   223  C CB  . TRP A 1 31  ? -3.112  -11.328 -12.738 1.00 50.58  ? 31  TRP A CB  1 
ATOM   224  C CG  . TRP A 1 31  ? -4.285  -10.493 -12.239 1.00 48.94  ? 31  TRP A CG  1 
ATOM   225  C CD1 . TRP A 1 31  ? -5.605  -10.854 -12.222 1.00 49.45  ? 31  TRP A CD1 1 
ATOM   226  C CD2 . TRP A 1 31  ? -4.240  -9.131  -11.788 1.00 47.66  ? 31  TRP A CD2 1 
ATOM   227  N NE1 . TRP A 1 31  ? -6.383  -9.797  -11.799 1.00 47.35  ? 31  TRP A NE1 1 
ATOM   228  C CE2 . TRP A 1 31  ? -5.569  -8.729  -11.530 1.00 46.83  ? 31  TRP A CE2 1 
ATOM   229  C CE3 . TRP A 1 31  ? -3.205  -8.210  -11.585 1.00 46.91  ? 31  TRP A CE3 1 
ATOM   230  C CZ2 . TRP A 1 31  ? -5.890  -7.444  -11.079 1.00 46.97  ? 31  TRP A CZ2 1 
ATOM   231  C CZ3 . TRP A 1 31  ? -3.524  -6.936  -11.138 1.00 46.38  ? 31  TRP A CZ3 1 
ATOM   232  C CH2 . TRP A 1 31  ? -4.857  -6.564  -10.893 1.00 44.16  ? 31  TRP A CH2 1 
ATOM   233  N N   . SER A 1 33  ? -0.816  -14.857 -15.889 1.00 85.61  ? 33  SER A N   1 
ATOM   234  C CA  . SER A 1 33  ? 0.221   -14.415 -16.814 1.00 85.58  ? 33  SER A CA  1 
ATOM   235  C C   . SER A 1 33  ? -0.172  -13.122 -17.523 1.00 84.31  ? 33  SER A C   1 
ATOM   236  O O   . SER A 1 33  ? 0.612   -12.557 -18.284 1.00 84.13  ? 33  SER A O   1 
ATOM   237  C CB  . SER A 1 33  ? 0.507   -15.518 -17.844 1.00 95.12  ? 33  SER A CB  1 
ATOM   238  O OG  . SER A 1 33  ? -0.693  -16.013 -18.420 1.00 95.81  ? 33  SER A OG  1 
ATOM   239  N N   . LYS A 1 34  ? -1.388  -12.655 -17.256 1.00 87.02  ? 34  LYS A N   1 
ATOM   240  C CA  . LYS A 1 34  ? -1.900  -11.431 -17.863 1.00 84.82  ? 34  LYS A CA  1 
ATOM   241  C C   . LYS A 1 34  ? -1.072  -10.224 -17.405 1.00 81.17  ? 34  LYS A C   1 
ATOM   242  O O   . LYS A 1 34  ? -0.426  -9.559  -18.216 1.00 81.08  ? 34  LYS A O   1 
ATOM   243  C CB  . LYS A 1 34  ? -3.369  -11.230 -17.469 1.00 97.38  ? 34  LYS A CB  1 
ATOM   244  C CG  . LYS A 1 34  ? -4.224  -10.562 -18.540 1.00 100.36 ? 34  LYS A CG  1 
ATOM   245  C CD  . LYS A 1 34  ? -4.491  -11.508 -19.705 1.00 102.60 ? 34  LYS A CD  1 
ATOM   246  C CE  . LYS A 1 34  ? -5.402  -12.657 -19.294 1.00 103.73 ? 34  LYS A CE  1 
ATOM   247  N NZ  . LYS A 1 34  ? -6.764  -12.174 -18.932 1.00 104.59 ? 34  LYS A NZ  1 
ATOM   248  N N   . THR A 1 35  ? -1.097  -9.948  -16.103 1.00 62.09  ? 35  THR A N   1 
ATOM   249  C CA  . THR A 1 35  ? -0.348  -8.831  -15.533 1.00 56.18  ? 35  THR A CA  1 
ATOM   250  C C   . THR A 1 35  ? 0.606   -9.343  -14.463 1.00 52.05  ? 35  THR A C   1 
ATOM   251  O O   . THR A 1 35  ? 0.226   -10.148 -13.618 1.00 50.28  ? 35  THR A O   1 
ATOM   252  C CB  . THR A 1 35  ? -1.280  -7.792  -14.880 1.00 58.04  ? 35  THR A CB  1 
ATOM   253  O OG1 . THR A 1 35  ? -2.235  -7.326  -15.840 1.00 58.92  ? 35  THR A OG1 1 
ATOM   254  C CG2 . THR A 1 35  ? -0.473  -6.611  -14.360 1.00 56.74  ? 35  THR A CG2 1 
ATOM   255  N N   . SER A 1 36  ? 1.845   -8.873  -14.496 1.00 53.12  ? 36  SER A N   1 
ATOM   256  C CA  . SER A 1 36  ? 2.837   -9.305  -13.515 1.00 50.87  ? 36  SER A CA  1 
ATOM   257  C C   . SER A 1 36  ? 2.827   -8.426  -12.268 1.00 46.86  ? 36  SER A C   1 
ATOM   258  O O   . SER A 1 36  ? 2.985   -7.209  -12.362 1.00 46.23  ? 36  SER A O   1 
ATOM   259  C CB  . SER A 1 36  ? 4.235   -9.287  -14.132 1.00 61.92  ? 36  SER A CB  1 
ATOM   260  O OG  . SER A 1 36  ? 5.206   -9.656  -13.172 1.00 67.05  ? 36  SER A OG  1 
ATOM   261  N N   . VAL A 1 37  ? 2.646   -9.038  -11.102 1.00 43.59  ? 37  VAL A N   1 
ATOM   262  C CA  . VAL A 1 37  ? 2.635   -8.274  -9.855  1.00 40.67  ? 37  VAL A CA  1 
ATOM   263  C C   . VAL A 1 37  ? 3.949   -8.472  -9.096  1.00 37.90  ? 37  VAL A C   1 
ATOM   264  O O   . VAL A 1 37  ? 4.259   -9.573  -8.653  1.00 37.97  ? 37  VAL A O   1 
ATOM   265  C CB  . VAL A 1 37  ? 1.455   -8.693  -8.930  1.00 49.87  ? 37  VAL A CB  1 
ATOM   266  C CG1 . VAL A 1 37  ? 1.387   -7.764  -7.714  1.00 48.90  ? 37  VAL A CG1 1 
ATOM   267  C CG2 . VAL A 1 37  ? 0.128   -8.645  -9.699  1.00 49.73  ? 37  VAL A CG2 1 
ATOM   268  N N   . VAL A 1 38  ? 4.721   -7.403  -8.951  1.00 35.99  ? 38  VAL A N   1 
ATOM   269  C CA  . VAL A 1 38  ? 5.987   -7.480  -8.234  1.00 34.73  ? 38  VAL A CA  1 
ATOM   270  C C   . VAL A 1 38  ? 5.770   -6.871  -6.844  1.00 36.32  ? 38  VAL A C   1 
ATOM   271  O O   . VAL A 1 38  ? 5.465   -5.674  -6.704  1.00 34.30  ? 38  VAL A O   1 
ATOM   272  C CB  . VAL A 1 38  ? 7.098   -6.728  -9.003  1.00 36.63  ? 38  VAL A CB  1 
ATOM   273  C CG1 . VAL A 1 38  ? 8.388   -6.705  -8.202  1.00 31.69  ? 38  VAL A CG1 1 
ATOM   274  C CG2 . VAL A 1 38  ? 7.321   -7.417  -10.364 1.00 34.38  ? 38  VAL A CG2 1 
ATOM   275  N N   . ASN A 1 39  ? 5.907   -7.708  -5.820  1.00 38.49  ? 39  ASN A N   1 
ATOM   276  C CA  . ASN A 1 39  ? 5.699   -7.268  -4.444  1.00 38.08  ? 39  ASN A CA  1 
ATOM   277  C C   . ASN A 1 39  ? 6.980   -6.729  -3.811  1.00 39.38  ? 39  ASN A C   1 
ATOM   278  O O   . ASN A 1 39  ? 7.808   -7.493  -3.317  1.00 43.24  ? 39  ASN A O   1 
ATOM   279  C CB  . ASN A 1 39  ? 5.144   -8.431  -3.606  1.00 32.46  ? 39  ASN A CB  1 
ATOM   280  C CG  . ASN A 1 39  ? 4.560   -7.964  -2.290  1.00 33.05  ? 39  ASN A CG  1 
ATOM   281  O OD1 . ASN A 1 39  ? 4.369   -6.763  -2.086  1.00 30.03  ? 39  ASN A OD1 1 
ATOM   282  N ND2 . ASN A 1 39  ? 4.270   -8.904  -1.390  1.00 31.17  ? 39  ASN A ND2 1 
ATOM   283  N N   . ALA A 1 40  ? 7.148   -5.413  -3.833  1.00 34.35  ? 40  ALA A N   1 
ATOM   284  C CA  . ALA A 1 40  ? 8.334   -4.799  -3.247  1.00 33.58  ? 40  ALA A CA  1 
ATOM   285  C C   . ALA A 1 40  ? 7.986   -4.197  -1.891  1.00 32.75  ? 40  ALA A C   1 
ATOM   286  O O   . ALA A 1 40  ? 8.240   -3.018  -1.642  1.00 32.46  ? 40  ALA A O   1 
ATOM   287  C CB  . ALA A 1 40  ? 8.877   -3.718  -4.179  1.00 32.68  ? 40  ALA A CB  1 
ATOM   288  N N   . SER A 1 41  ? 7.412   -5.017  -1.017  1.00 32.83  ? 41  SER A N   1 
ATOM   289  C CA  . SER A 1 41  ? 7.009   -4.574  0.309   1.00 34.02  ? 41  SER A CA  1 
ATOM   290  C C   . SER A 1 41  ? 7.872   -5.190  1.404   1.00 33.82  ? 41  SER A C   1 
ATOM   291  O O   . SER A 1 41  ? 8.291   -6.339  1.303   1.00 31.76  ? 41  SER A O   1 
ATOM   292  C CB  . SER A 1 41  ? 5.543   -4.938  0.558   1.00 35.95  ? 41  SER A CB  1 
ATOM   293  O OG  . SER A 1 41  ? 4.710   -4.361  -0.431  1.00 40.01  ? 41  SER A OG  1 
ATOM   294  N N   . ILE A 1 42  ? 8.137   -4.421  2.452   1.00 34.78  ? 42  ILE A N   1 
ATOM   295  C CA  . ILE A 1 42  ? 8.941   -4.921  3.563   1.00 35.70  ? 42  ILE A CA  1 
ATOM   296  C C   . ILE A 1 42  ? 8.273   -4.540  4.874   1.00 36.39  ? 42  ILE A C   1 
ATOM   297  O O   . ILE A 1 42  ? 7.945   -3.373  5.087   1.00 37.81  ? 42  ILE A O   1 
ATOM   298  C CB  . ILE A 1 42  ? 10.371  -4.336  3.523   1.00 36.43  ? 42  ILE A CB  1 
ATOM   299  C CG1 . ILE A 1 42  ? 11.043  -4.689  2.186   1.00 35.06  ? 42  ILE A CG1 1 
ATOM   300  C CG2 . ILE A 1 42  ? 11.197  -4.883  4.694   1.00 36.26  ? 42  ILE A CG2 1 
ATOM   301  C CD1 . ILE A 1 42  ? 12.428  -4.061  2.007   1.00 36.35  ? 42  ILE A CD1 1 
ATOM   302  N N   . SER A 1 43  ? 8.063   -5.522  5.745   1.00 36.84  ? 43  SER A N   1 
ATOM   303  C CA  . SER A 1 43  ? 7.420   -5.256  7.031   1.00 38.14  ? 43  SER A CA  1 
ATOM   304  C C   . SER A 1 43  ? 8.171   -4.179  7.799   1.00 39.96  ? 43  SER A C   1 
ATOM   305  O O   . SER A 1 43  ? 9.406   -4.148  7.787   1.00 37.76  ? 43  SER A O   1 
ATOM   306  C CB  . SER A 1 43  ? 7.361   -6.524  7.882   1.00 36.78  ? 43  SER A CB  1 
ATOM   307  O OG  . SER A 1 43  ? 6.531   -7.510  7.277   1.00 43.26  ? 43  SER A OG  1 
ATOM   308  N N   . GLY A 1 44  ? 7.416   -3.297  8.456   1.00 38.49  ? 44  GLY A N   1 
ATOM   309  C CA  . GLY A 1 44  ? 8.010   -2.225  9.239   1.00 39.59  ? 44  GLY A CA  1 
ATOM   310  C C   . GLY A 1 44  ? 8.469   -1.008  8.464   1.00 39.80  ? 44  GLY A C   1 
ATOM   311  O O   . GLY A 1 44  ? 8.843   0.001   9.056   1.00 40.46  ? 44  GLY A O   1 
ATOM   312  N N   . ASP A 1 45  ? 8.442   -1.085  7.139   1.00 44.75  ? 45  ASP A N   1 
ATOM   313  C CA  . ASP A 1 45  ? 8.879   0.039   6.324   1.00 43.27  ? 45  ASP A CA  1 
ATOM   314  C C   . ASP A 1 45  ? 8.002   1.269   6.501   1.00 45.14  ? 45  ASP A C   1 
ATOM   315  O O   . ASP A 1 45  ? 6.767   1.173   6.553   1.00 45.43  ? 45  ASP A O   1 
ATOM   316  C CB  . ASP A 1 45  ? 8.908   -0.340  4.842   1.00 38.06  ? 45  ASP A CB  1 
ATOM   317  C CG  . ASP A 1 45  ? 10.319  -0.414  4.281   1.00 37.00  ? 45  ASP A CG  1 
ATOM   318  O OD1 . ASP A 1 45  ? 11.227  -0.857  5.019   1.00 35.83  ? 45  ASP A OD1 1 
ATOM   319  O OD2 . ASP A 1 45  ? 10.516  -0.050  3.102   1.00 33.58  ? 45  ASP A OD2 1 
ATOM   320  N N   . THR A 1 46  ? 8.658   2.419   6.600   1.00 38.17  ? 46  THR A N   1 
ATOM   321  C CA  . THR A 1 46  ? 7.985   3.699   6.731   1.00 39.44  ? 46  THR A CA  1 
ATOM   322  C C   . THR A 1 46  ? 7.932   4.264   5.318   1.00 41.63  ? 46  THR A C   1 
ATOM   323  O O   . THR A 1 46  ? 8.585   3.740   4.407   1.00 41.98  ? 46  THR A O   1 
ATOM   324  C CB  . THR A 1 46  ? 8.791   4.684   7.589   1.00 44.88  ? 46  THR A CB  1 
ATOM   325  O OG1 . THR A 1 46  ? 10.051  4.954   6.952   1.00 44.08  ? 46  THR A OG1 1 
ATOM   326  C CG2 . THR A 1 46  ? 9.033   4.108   8.977   1.00 42.44  ? 46  THR A CG2 1 
ATOM   327  N N   . SER A 1 47  ? 7.170   5.328   5.127   1.00 42.05  ? 47  SER A N   1 
ATOM   328  C CA  . SER A 1 47  ? 7.069   5.931   3.808   1.00 43.05  ? 47  SER A CA  1 
ATOM   329  C C   . SER A 1 47  ? 8.458   6.309   3.304   1.00 44.51  ? 47  SER A C   1 
ATOM   330  O O   . SER A 1 47  ? 8.748   6.194   2.110   1.00 44.74  ? 47  SER A O   1 
ATOM   331  C CB  . SER A 1 47  ? 6.171   7.166   3.867   1.00 51.05  ? 47  SER A CB  1 
ATOM   332  O OG  . SER A 1 47  ? 6.569   8.042   4.911   1.00 49.74  ? 47  SER A OG  1 
ATOM   333  N N   . GLN A 1 48  ? 9.315   6.749   4.223   1.00 45.12  ? 48  GLN A N   1 
ATOM   334  C CA  . GLN A 1 48  ? 10.680  7.150   3.890   1.00 45.24  ? 48  GLN A CA  1 
ATOM   335  C C   . GLN A 1 48  ? 11.502  5.948   3.426   1.00 44.30  ? 48  GLN A C   1 
ATOM   336  O O   . GLN A 1 48  ? 12.164  5.998   2.387   1.00 41.80  ? 48  GLN A O   1 
ATOM   337  C CB  . GLN A 1 48  ? 11.338  7.802   5.107   1.00 68.13  ? 48  GLN A CB  1 
ATOM   338  C CG  . GLN A 1 48  ? 12.745  8.343   4.863   1.00 73.72  ? 48  GLN A CG  1 
ATOM   339  C CD  . GLN A 1 48  ? 13.226  9.235   6.004   1.00 77.46  ? 48  GLN A CD  1 
ATOM   340  O OE1 . GLN A 1 48  ? 13.198  8.839   7.175   1.00 76.73  ? 48  GLN A OE1 1 
ATOM   341  N NE2 . GLN A 1 48  ? 13.674  10.443  5.664   1.00 78.23  ? 48  GLN A NE2 1 
ATOM   342  N N   . GLN A 1 49  ? 11.455  4.862   4.194   1.00 46.49  ? 49  GLN A N   1 
ATOM   343  C CA  . GLN A 1 49  ? 12.190  3.658   3.820   1.00 48.18  ? 49  GLN A CA  1 
ATOM   344  C C   . GLN A 1 49  ? 11.711  3.152   2.450   1.00 47.05  ? 49  GLN A C   1 
ATOM   345  O O   . GLN A 1 49  ? 12.494  2.621   1.658   1.00 46.16  ? 49  GLN A O   1 
ATOM   346  C CB  . GLN A 1 49  ? 12.010  2.584   4.894   1.00 48.03  ? 49  GLN A CB  1 
ATOM   347  C CG  . GLN A 1 49  ? 12.676  2.960   6.208   1.00 49.39  ? 49  GLN A CG  1 
ATOM   348  C CD  . GLN A 1 49  ? 12.427  1.956   7.310   1.00 50.92  ? 49  GLN A CD  1 
ATOM   349  O OE1 . GLN A 1 49  ? 11.296  1.777   7.759   1.00 50.83  ? 49  GLN A OE1 1 
ATOM   350  N NE2 . GLN A 1 49  ? 13.488  1.285   7.750   1.00 52.55  ? 49  GLN A NE2 1 
ATOM   351  N N   . GLY A 1 50  ? 10.425  3.339   2.170   1.00 44.51  ? 50  GLY A N   1 
ATOM   352  C CA  . GLY A 1 50  ? 9.878   2.906   0.897   1.00 41.61  ? 50  GLY A CA  1 
ATOM   353  C C   . GLY A 1 50  ? 10.395  3.786   -0.222  1.00 41.01  ? 50  GLY A C   1 
ATOM   354  O O   . GLY A 1 50  ? 10.752  3.303   -1.300  1.00 40.01  ? 50  GLY A O   1 
ATOM   355  N N   . LEU A 1 51  ? 10.424  5.089   0.032   1.00 40.22  ? 51  LEU A N   1 
ATOM   356  C CA  . LEU A 1 51  ? 10.914  6.051   -0.948  1.00 41.01  ? 51  LEU A CA  1 
ATOM   357  C C   . LEU A 1 51  ? 12.373  5.757   -1.295  1.00 41.37  ? 51  LEU A C   1 
ATOM   358  O O   . LEU A 1 51  ? 12.787  5.897   -2.444  1.00 41.50  ? 51  LEU A O   1 
ATOM   359  C CB  . LEU A 1 51  ? 10.802  7.472   -0.393  1.00 43.31  ? 51  LEU A CB  1 
ATOM   360  C CG  . LEU A 1 51  ? 11.577  8.542   -1.169  1.00 44.02  ? 51  LEU A CG  1 
ATOM   361  C CD1 . LEU A 1 51  ? 11.132  8.549   -2.613  1.00 44.90  ? 51  LEU A CD1 1 
ATOM   362  C CD2 . LEU A 1 51  ? 11.350  9.905   -0.532  1.00 45.96  ? 51  LEU A CD2 1 
ATOM   363  N N   . ALA A 1 52  ? 13.145  5.349   -0.293  1.00 45.01  ? 52  ALA A N   1 
ATOM   364  C CA  . ALA A 1 52  ? 14.557  5.043   -0.492  1.00 45.98  ? 52  ALA A CA  1 
ATOM   365  C C   . ALA A 1 52  ? 14.762  3.879   -1.450  1.00 45.78  ? 52  ALA A C   1 
ATOM   366  O O   . ALA A 1 52  ? 15.766  3.818   -2.150  1.00 47.80  ? 52  ALA A O   1 
ATOM   367  C CB  . ALA A 1 52  ? 15.221  4.739   0.844   1.00 42.74  ? 52  ALA A CB  1 
ATOM   368  N N   . ARG A 1 53  ? 13.815  2.953   -1.494  1.00 40.42  ? 53  ARG A N   1 
ATOM   369  C CA  . ARG A 1 53  ? 13.955  1.804   -2.379  1.00 39.23  ? 53  ARG A CA  1 
ATOM   370  C C   . ARG A 1 53  ? 13.357  2.050   -3.752  1.00 39.77  ? 53  ARG A C   1 
ATOM   371  O O   . ARG A 1 53  ? 13.727  1.401   -4.726  1.00 40.58  ? 53  ARG A O   1 
ATOM   372  C CB  . ARG A 1 53  ? 13.288  0.581   -1.743  1.00 39.59  ? 53  ARG A CB  1 
ATOM   373  C CG  . ARG A 1 53  ? 13.799  0.317   -0.321  1.00 39.58  ? 53  ARG A CG  1 
ATOM   374  C CD  . ARG A 1 53  ? 13.181  -0.905  0.351   1.00 38.41  ? 53  ARG A CD  1 
ATOM   375  N NE  . ARG A 1 53  ? 11.768  -0.772  0.720   1.00 37.26  ? 53  ARG A NE  1 
ATOM   376  C CZ  . ARG A 1 53  ? 10.756  -1.240  -0.012  1.00 37.14  ? 53  ARG A CZ  1 
ATOM   377  N NH1 . ARG A 1 53  ? 11.002  -1.860  -1.158  1.00 34.82  ? 53  ARG A NH1 1 
ATOM   378  N NH2 . ARG A 1 53  ? 9.499   -1.142  0.431   1.00 34.63  ? 53  ARG A NH2 1 
ATOM   379  N N   . LEU A 1 54  ? 12.449  3.010   -3.833  1.00 40.92  ? 54  LEU A N   1 
ATOM   380  C CA  . LEU A 1 54  ? 11.753  3.284   -5.078  1.00 41.98  ? 54  LEU A CA  1 
ATOM   381  C C   . LEU A 1 54  ? 12.592  3.459   -6.355  1.00 43.10  ? 54  LEU A C   1 
ATOM   382  O O   . LEU A 1 54  ? 12.395  2.724   -7.326  1.00 41.88  ? 54  LEU A O   1 
ATOM   383  C CB  . LEU A 1 54  ? 10.824  4.481   -4.874  1.00 39.71  ? 54  LEU A CB  1 
ATOM   384  C CG  . LEU A 1 54  ? 9.897   4.844   -6.035  1.00 39.09  ? 54  LEU A CG  1 
ATOM   385  C CD1 . LEU A 1 54  ? 9.172   3.614   -6.566  1.00 34.45  ? 54  LEU A CD1 1 
ATOM   386  C CD2 . LEU A 1 54  ? 8.913   5.889   -5.540  1.00 37.59  ? 54  LEU A CD2 1 
ATOM   387  N N   . PRO A 1 55  ? 13.545  4.411   -6.369  1.00 43.20  ? 55  PRO A N   1 
ATOM   388  C CA  . PRO A 1 55  ? 14.393  4.660   -7.546  1.00 44.14  ? 55  PRO A CA  1 
ATOM   389  C C   . PRO A 1 55  ? 14.927  3.389   -8.228  1.00 44.55  ? 55  PRO A C   1 
ATOM   390  O O   . PRO A 1 55  ? 14.762  3.212   -9.439  1.00 43.85  ? 55  PRO A O   1 
ATOM   391  C CB  . PRO A 1 55  ? 15.499  5.557   -6.986  1.00 47.07  ? 55  PRO A CB  1 
ATOM   392  C CG  . PRO A 1 55  ? 14.755  6.347   -5.922  1.00 47.14  ? 55  PRO A CG  1 
ATOM   393  C CD  . PRO A 1 55  ? 13.964  5.258   -5.237  1.00 45.86  ? 55  PRO A CD  1 
ATOM   394  N N   . ALA A 1 56  ? 15.549  2.505   -7.452  1.00 44.48  ? 56  ALA A N   1 
ATOM   395  C CA  . ALA A 1 56  ? 16.084  1.250   -7.990  1.00 43.74  ? 56  ALA A CA  1 
ATOM   396  C C   . ALA A 1 56  ? 14.968  0.381   -8.575  1.00 43.77  ? 56  ALA A C   1 
ATOM   397  O O   . ALA A 1 56  ? 15.087  -0.144  -9.687  1.00 44.85  ? 56  ALA A O   1 
ATOM   398  C CB  . ALA A 1 56  ? 16.828  0.480   -6.894  1.00 38.74  ? 56  ALA A CB  1 
ATOM   399  N N   . LEU A 1 57  ? 13.884  0.228   -7.825  1.00 39.33  ? 57  LEU A N   1 
ATOM   400  C CA  . LEU A 1 57  ? 12.751  -0.569  -8.286  1.00 39.35  ? 57  LEU A CA  1 
ATOM   401  C C   . LEU A 1 57  ? 12.168  -0.074  -9.607  1.00 39.53  ? 57  LEU A C   1 
ATOM   402  O O   . LEU A 1 57  ? 11.802  -0.874  -10.464 1.00 36.65  ? 57  LEU A O   1 
ATOM   403  C CB  . LEU A 1 57  ? 11.649  -0.567  -7.229  1.00 40.66  ? 57  LEU A CB  1 
ATOM   404  C CG  . LEU A 1 57  ? 11.994  -1.325  -5.949  1.00 41.63  ? 57  LEU A CG  1 
ATOM   405  C CD1 . LEU A 1 57  ? 11.016  -0.956  -4.854  1.00 42.74  ? 57  LEU A CD1 1 
ATOM   406  C CD2 . LEU A 1 57  ? 11.953  -2.829  -6.228  1.00 41.16  ? 57  LEU A CD2 1 
ATOM   407  N N   . LEU A 1 58  ? 12.073  1.240   -9.772  1.00 41.64  ? 58  LEU A N   1 
ATOM   408  C CA  . LEU A 1 58  ? 11.507  1.794   -10.997 1.00 45.37  ? 58  LEU A CA  1 
ATOM   409  C C   . LEU A 1 58  ? 12.403  1.493   -12.190 1.00 47.35  ? 58  LEU A C   1 
ATOM   410  O O   . LEU A 1 58  ? 11.941  0.988   -13.214 1.00 45.78  ? 58  LEU A O   1 
ATOM   411  C CB  . LEU A 1 58  ? 11.304  3.309   -10.864 1.00 41.84  ? 58  LEU A CB  1 
ATOM   412  C CG  . LEU A 1 58  ? 10.172  3.758   -9.928  1.00 43.35  ? 58  LEU A CG  1 
ATOM   413  C CD1 . LEU A 1 58  ? 10.284  5.257   -9.607  1.00 40.80  ? 58  LEU A CD1 1 
ATOM   414  C CD2 . LEU A 1 58  ? 8.842   3.447   -10.589 1.00 40.60  ? 58  LEU A CD2 1 
ATOM   415  N N   . LYS A 1 59  ? 13.690  1.791   -12.046 1.00 53.94  ? 59  LYS A N   1 
ATOM   416  C CA  . LYS A 1 59  ? 14.639  1.562   -13.122 1.00 57.13  ? 59  LYS A CA  1 
ATOM   417  C C   . LYS A 1 59  ? 14.797  0.075   -13.411 1.00 57.35  ? 59  LYS A C   1 
ATOM   418  O O   . LYS A 1 59  ? 15.150  -0.315  -14.524 1.00 58.91  ? 59  LYS A O   1 
ATOM   419  C CB  . LYS A 1 59  ? 15.995  2.163   -12.761 1.00 73.36  ? 59  LYS A CB  1 
ATOM   420  C CG  . LYS A 1 59  ? 16.991  2.155   -13.906 1.00 79.63  ? 59  LYS A CG  1 
ATOM   421  C CD  . LYS A 1 59  ? 18.303  2.811   -13.498 1.00 82.95  ? 59  LYS A CD  1 
ATOM   422  C CE  . LYS A 1 59  ? 19.346  2.696   -14.601 1.00 84.86  ? 59  LYS A CE  1 
ATOM   423  N NZ  . LYS A 1 59  ? 20.664  3.230   -14.158 1.00 87.22  ? 59  LYS A NZ  1 
ATOM   424  N N   . GLN A 1 60  ? 14.516  -0.757  -12.417 1.00 52.80  ? 60  GLN A N   1 
ATOM   425  C CA  . GLN A 1 60  ? 14.650  -2.197  -12.581 1.00 51.60  ? 60  GLN A CA  1 
ATOM   426  C C   . GLN A 1 60  ? 13.426  -2.885  -13.165 1.00 49.97  ? 60  GLN A C   1 
ATOM   427  O O   . GLN A 1 60  ? 13.545  -3.720  -14.062 1.00 48.78  ? 60  GLN A O   1 
ATOM   428  C CB  . GLN A 1 60  ? 14.990  -2.844  -11.238 1.00 69.63  ? 60  GLN A CB  1 
ATOM   429  C CG  . GLN A 1 60  ? 14.890  -4.363  -11.240 1.00 74.39  ? 60  GLN A CG  1 
ATOM   430  C CD  . GLN A 1 60  ? 15.898  -5.026  -12.167 1.00 78.34  ? 60  GLN A CD  1 
ATOM   431  O OE1 . GLN A 1 60  ? 15.814  -6.225  -12.428 1.00 80.50  ? 60  GLN A OE1 1 
ATOM   432  N NE2 . GLN A 1 60  ? 16.862  -4.250  -12.656 1.00 78.61  ? 60  GLN A NE2 1 
ATOM   433  N N   . HIS A 1 61  ? 12.249  -2.529  -12.657 1.00 43.36  ? 61  HIS A N   1 
ATOM   434  C CA  . HIS A 1 61  ? 11.010  -3.151  -13.100 1.00 41.95  ? 61  HIS A CA  1 
ATOM   435  C C   . HIS A 1 61  ? 10.220  -2.387  -14.164 1.00 42.78  ? 61  HIS A C   1 
ATOM   436  O O   . HIS A 1 61  ? 9.347   -2.967  -14.819 1.00 41.67  ? 61  HIS A O   1 
ATOM   437  C CB  . HIS A 1 61  ? 10.117  -3.397  -11.884 1.00 46.93  ? 61  HIS A CB  1 
ATOM   438  C CG  . HIS A 1 61  ? 10.724  -4.304  -10.860 1.00 47.06  ? 61  HIS A CG  1 
ATOM   439  N ND1 . HIS A 1 61  ? 10.951  -5.646  -11.089 1.00 47.25  ? 61  HIS A ND1 1 
ATOM   440  C CD2 . HIS A 1 61  ? 11.145  -4.066  -9.593  1.00 45.67  ? 61  HIS A CD2 1 
ATOM   441  C CE1 . HIS A 1 61  ? 11.480  -6.195  -10.010 1.00 44.43  ? 61  HIS A CE1 1 
ATOM   442  N NE2 . HIS A 1 61  ? 11.607  -5.256  -9.088  1.00 46.22  ? 61  HIS A NE2 1 
ATOM   443  N N   . GLN A 1 62  ? 10.529  -1.101  -14.330 1.00 48.73  ? 62  GLN A N   1 
ATOM   444  C CA  . GLN A 1 62  ? 9.840   -0.241  -15.302 1.00 51.15  ? 62  GLN A CA  1 
ATOM   445  C C   . GLN A 1 62  ? 8.342   -0.553  -15.324 1.00 49.91  ? 62  GLN A C   1 
ATOM   446  O O   . GLN A 1 62  ? 7.776   -0.860  -16.374 1.00 48.08  ? 62  GLN A O   1 
ATOM   447  C CB  . GLN A 1 62  ? 10.418  -0.448  -16.704 1.00 69.33  ? 62  GLN A CB  1 
ATOM   448  C CG  . GLN A 1 62  ? 11.929  -0.409  -16.765 1.00 73.54  ? 62  GLN A CG  1 
ATOM   449  C CD  . GLN A 1 62  ? 12.463  -0.890  -18.103 1.00 77.15  ? 62  GLN A CD  1 
ATOM   450  O OE1 . GLN A 1 62  ? 12.376  -0.185  -19.108 1.00 79.77  ? 62  GLN A OE1 1 
ATOM   451  N NE2 . GLN A 1 62  ? 13.012  -2.100  -18.123 1.00 79.42  ? 62  GLN A NE2 1 
ATOM   452  N N   . PRO A 1 63  ? 7.684   -0.476  -14.157 1.00 49.25  ? 63  PRO A N   1 
ATOM   453  C CA  . PRO A 1 63  ? 6.251   -0.760  -14.045 1.00 49.23  ? 63  PRO A CA  1 
ATOM   454  C C   . PRO A 1 63  ? 5.358   0.273   -14.724 1.00 48.48  ? 63  PRO A C   1 
ATOM   455  O O   . PRO A 1 63  ? 5.709   1.447   -14.828 1.00 48.51  ? 63  PRO A O   1 
ATOM   456  C CB  . PRO A 1 63  ? 6.031   -0.785  -12.537 1.00 40.77  ? 63  PRO A CB  1 
ATOM   457  C CG  . PRO A 1 63  ? 6.937   0.315   -12.086 1.00 40.27  ? 63  PRO A CG  1 
ATOM   458  C CD  . PRO A 1 63  ? 8.213   0.036   -12.878 1.00 41.04  ? 63  PRO A CD  1 
ATOM   459  N N   . ARG A 1 64  ? 4.198   -0.176  -15.179 1.00 49.10  ? 64  ARG A N   1 
ATOM   460  C CA  . ARG A 1 64  ? 3.240   0.713   -15.805 1.00 50.28  ? 64  ARG A CA  1 
ATOM   461  C C   . ARG A 1 64  ? 2.445   1.401   -14.690 1.00 49.28  ? 64  ARG A C   1 
ATOM   462  O O   . ARG A 1 64  ? 2.128   2.584   -14.787 1.00 48.43  ? 64  ARG A O   1 
ATOM   463  C CB  . ARG A 1 64  ? 2.313   -0.084  -16.725 1.00 63.34  ? 64  ARG A CB  1 
ATOM   464  C CG  . ARG A 1 64  ? 1.369   0.778   -17.554 1.00 69.86  ? 64  ARG A CG  1 
ATOM   465  C CD  . ARG A 1 64  ? 0.523   -0.078  -18.491 1.00 73.94  ? 64  ARG A CD  1 
ATOM   466  N NE  . ARG A 1 64  ? -0.515  0.702   -19.160 1.00 77.48  ? 64  ARG A NE  1 
ATOM   467  C CZ  . ARG A 1 64  ? -1.536  0.171   -19.823 1.00 78.80  ? 64  ARG A CZ  1 
ATOM   468  N NH1 . ARG A 1 64  ? -1.660  -1.147  -19.908 1.00 79.34  ? 64  ARG A NH1 1 
ATOM   469  N NH2 . ARG A 1 64  ? -2.443  0.956   -20.391 1.00 79.98  ? 64  ARG A NH2 1 
ATOM   470  N N   . TRP A 1 65  ? 2.144   0.655   -13.626 1.00 45.60  ? 65  TRP A N   1 
ATOM   471  C CA  . TRP A 1 65  ? 1.396   1.187   -12.478 1.00 44.75  ? 65  TRP A CA  1 
ATOM   472  C C   . TRP A 1 65  ? 2.120   0.846   -11.167 1.00 42.50  ? 65  TRP A C   1 
ATOM   473  O O   . TRP A 1 65  ? 2.674   -0.249  -11.023 1.00 40.77  ? 65  TRP A O   1 
ATOM   474  C CB  . TRP A 1 65  ? -0.006  0.568   -12.383 1.00 46.01  ? 65  TRP A CB  1 
ATOM   475  C CG  . TRP A 1 65  ? -0.687  0.274   -13.679 1.00 48.41  ? 65  TRP A CG  1 
ATOM   476  C CD1 . TRP A 1 65  ? -1.504  1.107   -14.387 1.00 48.91  ? 65  TRP A CD1 1 
ATOM   477  C CD2 . TRP A 1 65  ? -0.623  -0.952  -14.416 1.00 49.44  ? 65  TRP A CD2 1 
ATOM   478  N NE1 . TRP A 1 65  ? -1.959  0.475   -15.521 1.00 49.94  ? 65  TRP A NE1 1 
ATOM   479  C CE2 . TRP A 1 65  ? -1.435  -0.792  -15.564 1.00 50.11  ? 65  TRP A CE2 1 
ATOM   480  C CE3 . TRP A 1 65  ? 0.039   -2.174  -14.217 1.00 50.31  ? 65  TRP A CE3 1 
ATOM   481  C CZ2 . TRP A 1 65  ? -1.603  -1.809  -16.513 1.00 50.83  ? 65  TRP A CZ2 1 
ATOM   482  C CZ3 . TRP A 1 65  ? -0.126  -3.186  -15.159 1.00 50.83  ? 65  TRP A CZ3 1 
ATOM   483  C CH2 . TRP A 1 65  ? -0.944  -2.996  -16.296 1.00 51.44  ? 65  TRP A CH2 1 
ATOM   484  N N   . VAL A 1 66  ? 2.090   1.762   -10.201 1.00 39.24  ? 66  VAL A N   1 
ATOM   485  C CA  . VAL A 1 66  ? 2.727   1.502   -8.916  1.00 36.51  ? 66  VAL A CA  1 
ATOM   486  C C   . VAL A 1 66  ? 1.727   1.688   -7.766  1.00 37.26  ? 66  VAL A C   1 
ATOM   487  O O   . VAL A 1 66  ? 1.203   2.783   -7.557  1.00 36.51  ? 66  VAL A O   1 
ATOM   488  C CB  . VAL A 1 66  ? 3.940   2.438   -8.700  1.00 34.46  ? 66  VAL A CB  1 
ATOM   489  C CG1 . VAL A 1 66  ? 4.517   2.232   -7.304  1.00 33.43  ? 66  VAL A CG1 1 
ATOM   490  C CG2 . VAL A 1 66  ? 5.011   2.146   -9.753  1.00 35.90  ? 66  VAL A CG2 1 
ATOM   491  N N   . LEU A 1 67  ? 1.446   0.615   -7.031  1.00 39.95  ? 67  LEU A N   1 
ATOM   492  C CA  . LEU A 1 67  ? 0.525   0.715   -5.901  1.00 39.40  ? 67  LEU A CA  1 
ATOM   493  C C   . LEU A 1 67  ? 1.308   1.139   -4.678  1.00 39.95  ? 67  LEU A C   1 
ATOM   494  O O   . LEU A 1 67  ? 2.205   0.419   -4.228  1.00 39.51  ? 67  LEU A O   1 
ATOM   495  C CB  . LEU A 1 67  ? -0.170  -0.620  -5.628  1.00 34.98  ? 67  LEU A CB  1 
ATOM   496  C CG  . LEU A 1 67  ? -1.025  -0.713  -4.357  1.00 36.04  ? 67  LEU A CG  1 
ATOM   497  C CD1 . LEU A 1 67  ? -2.203  0.254   -4.415  1.00 36.43  ? 67  LEU A CD1 1 
ATOM   498  C CD2 . LEU A 1 67  ? -1.528  -2.131  -4.211  1.00 35.28  ? 67  LEU A CD2 1 
ATOM   499  N N   . VAL A 1 68  ? 0.971   2.313   -4.148  1.00 37.81  ? 68  VAL A N   1 
ATOM   500  C CA  . VAL A 1 68  ? 1.647   2.837   -2.966  1.00 37.57  ? 68  VAL A CA  1 
ATOM   501  C C   . VAL A 1 68  ? 0.809   2.545   -1.716  1.00 38.12  ? 68  VAL A C   1 
ATOM   502  O O   . VAL A 1 68  ? -0.336  2.994   -1.602  1.00 37.54  ? 68  VAL A O   1 
ATOM   503  C CB  . VAL A 1 68  ? 1.867   4.355   -3.085  1.00 37.93  ? 68  VAL A CB  1 
ATOM   504  C CG1 . VAL A 1 68  ? 2.655   4.873   -1.888  1.00 36.04  ? 68  VAL A CG1 1 
ATOM   505  C CG2 . VAL A 1 68  ? 2.607   4.669   -4.387  1.00 38.90  ? 68  VAL A CG2 1 
ATOM   506  N N   . GLU A 1 69  ? 1.377   1.772   -0.797  1.00 34.82  ? 69  GLU A N   1 
ATOM   507  C CA  . GLU A 1 69  ? 0.702   1.411   0.451   1.00 34.95  ? 69  GLU A CA  1 
ATOM   508  C C   . GLU A 1 69  ? 1.702   1.621   1.581   1.00 36.10  ? 69  GLU A C   1 
ATOM   509  O O   . GLU A 1 69  ? 2.323   0.674   2.069   1.00 36.25  ? 69  GLU A O   1 
ATOM   510  C CB  . GLU A 1 69  ? 0.236   -0.051  0.411   1.00 34.22  ? 69  GLU A CB  1 
ATOM   511  C CG  . GLU A 1 69  ? -0.547  -0.503  1.639   1.00 32.90  ? 69  GLU A CG  1 
ATOM   512  C CD  . GLU A 1 69  ? 0.338   -1.153  2.694   1.00 36.27  ? 69  GLU A CD  1 
ATOM   513  O OE1 . GLU A 1 69  ? 0.248   -0.770  3.886   1.00 36.62  ? 69  GLU A OE1 1 
ATOM   514  O OE2 . GLU A 1 69  ? 1.122   -2.057  2.330   1.00 34.68  ? 69  GLU A OE2 1 
ATOM   515  N N   . LEU A 1 70  ? 1.846   2.880   1.984   1.00 38.42  ? 70  LEU A N   1 
ATOM   516  C CA  . LEU A 1 70  ? 2.793   3.264   3.025   1.00 40.53  ? 70  LEU A CA  1 
ATOM   517  C C   . LEU A 1 70  ? 2.267   4.405   3.892   1.00 41.95  ? 70  LEU A C   1 
ATOM   518  O O   . LEU A 1 70  ? 1.364   5.144   3.487   1.00 42.18  ? 70  LEU A O   1 
ATOM   519  C CB  . LEU A 1 70  ? 4.096   3.720   2.378   1.00 36.70  ? 70  LEU A CB  1 
ATOM   520  C CG  . LEU A 1 70  ? 4.899   2.675   1.608   1.00 35.15  ? 70  LEU A CG  1 
ATOM   521  C CD1 . LEU A 1 70  ? 6.035   3.334   0.844   1.00 34.48  ? 70  LEU A CD1 1 
ATOM   522  C CD2 . LEU A 1 70  ? 5.432   1.659   2.595   1.00 33.60  ? 70  LEU A CD2 1 
ATOM   523  N N   . GLY A 1 71  ? 2.855   4.545   5.079   1.00 41.07  ? 71  GLY A N   1 
ATOM   524  C CA  . GLY A 1 71  ? 2.463   5.600   5.992   1.00 38.35  ? 71  GLY A CA  1 
ATOM   525  C C   . GLY A 1 71  ? 2.019   5.042   7.327   1.00 40.22  ? 71  GLY A C   1 
ATOM   526  O O   . GLY A 1 71  ? 2.173   5.693   8.351   1.00 39.20  ? 71  GLY A O   1 
ATOM   527  N N   . GLY A 1 72  ? 1.466   3.830   7.310   1.00 35.81  ? 72  GLY A N   1 
ATOM   528  C CA  . GLY A 1 72  ? 0.988   3.200   8.532   1.00 36.06  ? 72  GLY A CA  1 
ATOM   529  C C   . GLY A 1 72  ? 2.021   3.054   9.641   1.00 39.11  ? 72  GLY A C   1 
ATOM   530  O O   . GLY A 1 72  ? 1.656   2.960   10.815  1.00 38.31  ? 72  GLY A O   1 
ATOM   531  N N   . ASN A 1 73  ? 3.304   3.023   9.281   1.00 43.27  ? 73  ASN A N   1 
ATOM   532  C CA  . ASN A 1 73  ? 4.379   2.890   10.270  1.00 47.83  ? 73  ASN A CA  1 
ATOM   533  C C   . ASN A 1 73  ? 4.916   4.258   10.732  1.00 49.50  ? 73  ASN A C   1 
ATOM   534  O O   . ASN A 1 73  ? 5.488   4.359   11.810  1.00 51.15  ? 73  ASN A O   1 
ATOM   535  C CB  . ASN A 1 73  ? 5.563   2.067   9.699   1.00 44.31  ? 73  ASN A CB  1 
ATOM   536  C CG  . ASN A 1 73  ? 5.279   0.562   9.619   1.00 46.30  ? 73  ASN A CG  1 
ATOM   537  O OD1 . ASN A 1 73  ? 5.431   -0.051  8.556   1.00 46.69  ? 73  ASN A OD1 1 
ATOM   538  N ND2 . ASN A 1 73  ? 4.898   -0.041  10.743  1.00 44.16  ? 73  ASN A ND2 1 
ATOM   539  N N   . ASP A 1 74  ? 4.733   5.296   9.922   1.00 48.17  ? 74  ASP A N   1 
ATOM   540  C CA  . ASP A 1 74  ? 5.249   6.631   10.240  1.00 52.58  ? 74  ASP A CA  1 
ATOM   541  C C   . ASP A 1 74  ? 4.944   7.180   11.622  1.00 56.10  ? 74  ASP A C   1 
ATOM   542  O O   . ASP A 1 74  ? 5.824   7.753   12.283  1.00 57.93  ? 74  ASP A O   1 
ATOM   543  C CB  . ASP A 1 74  ? 4.772   7.641   9.203   1.00 53.54  ? 74  ASP A CB  1 
ATOM   544  C CG  . ASP A 1 74  ? 5.278   7.321   7.823   1.00 53.60  ? 74  ASP A CG  1 
ATOM   545  O OD1 . ASP A 1 74  ? 5.005   8.104   6.887   1.00 53.98  ? 74  ASP A OD1 1 
ATOM   546  O OD2 . ASP A 1 74  ? 5.947   6.275   7.685   1.00 51.43  ? 74  ASP A OD2 1 
ATOM   547  N N   . GLY A 1 75  ? 3.698   7.019   12.050  1.00 60.13  ? 75  GLY A N   1 
ATOM   548  C CA  . GLY A 1 75  ? 3.294   7.509   13.353  1.00 65.40  ? 75  GLY A CA  1 
ATOM   549  C C   . GLY A 1 75  ? 4.124   6.967   14.502  1.00 68.31  ? 75  GLY A C   1 
ATOM   550  O O   . GLY A 1 75  ? 4.568   7.729   15.358  1.00 68.97  ? 75  GLY A O   1 
ATOM   551  N N   . LEU A 1 76  ? 4.336   5.655   14.517  1.00 68.90  ? 76  LEU A N   1 
ATOM   552  C CA  . LEU A 1 76  ? 5.108   5.017   15.576  1.00 71.85  ? 76  LEU A CA  1 
ATOM   553  C C   . LEU A 1 76  ? 6.605   5.251   15.405  1.00 73.22  ? 76  LEU A C   1 
ATOM   554  O O   . LEU A 1 76  ? 7.403   4.841   16.247  1.00 73.43  ? 76  LEU A O   1 
ATOM   555  C CB  . LEU A 1 76  ? 4.827   3.509   15.599  1.00 93.74  ? 76  LEU A CB  1 
ATOM   556  C CG  . LEU A 1 76  ? 5.246   2.729   16.853  1.00 95.66  ? 76  LEU A CG  1 
ATOM   557  C CD1 . LEU A 1 76  ? 4.397   3.177   18.041  1.00 97.02  ? 76  LEU A CD1 1 
ATOM   558  C CD2 . LEU A 1 76  ? 5.068   1.235   16.622  1.00 95.86  ? 76  LEU A CD2 1 
ATOM   559  N N   . ARG A 1 77  ? 6.992   5.911   14.319  1.00 66.73  ? 77  ARG A N   1 
ATOM   560  C CA  . ARG A 1 77  ? 8.406   6.171   14.078  1.00 69.05  ? 77  ARG A CA  1 
ATOM   561  C C   . ARG A 1 77  ? 8.788   7.644   14.151  1.00 70.15  ? 77  ARG A C   1 
ATOM   562  O O   . ARG A 1 77  ? 9.645   8.110   13.398  1.00 70.22  ? 77  ARG A O   1 
ATOM   563  C CB  . ARG A 1 77  ? 8.835   5.588   12.726  1.00 85.21  ? 77  ARG A CB  1 
ATOM   564  C CG  . ARG A 1 77  ? 8.982   4.062   12.722  1.00 86.31  ? 77  ARG A CG  1 
ATOM   565  C CD  . ARG A 1 77  ? 9.973   3.593   13.786  1.00 86.31  ? 77  ARG A CD  1 
ATOM   566  N NE  . ARG A 1 77  ? 10.292  2.174   13.676  1.00 87.57  ? 77  ARG A NE  1 
ATOM   567  C CZ  . ARG A 1 77  ? 10.947  1.626   12.654  1.00 89.55  ? 77  ARG A CZ  1 
ATOM   568  N NH1 . ARG A 1 77  ? 11.360  2.378   11.639  1.00 89.21  ? 77  ARG A NH1 1 
ATOM   569  N NH2 . ARG A 1 77  ? 11.200  0.321   12.646  1.00 89.55  ? 77  ARG A NH2 1 
ATOM   570  N N   . GLY A 1 78  ? 8.155   8.369   15.068  1.00 91.89  ? 78  GLY A N   1 
ATOM   571  C CA  . GLY A 1 78  ? 8.457   9.779   15.250  1.00 93.69  ? 78  GLY A CA  1 
ATOM   572  C C   . GLY A 1 78  ? 8.309   10.641  14.011  1.00 94.41  ? 78  GLY A C   1 
ATOM   573  O O   . GLY A 1 78  ? 9.216   11.402  13.659  1.00 94.68  ? 78  GLY A O   1 
ATOM   574  N N   . PHE A 1 79  ? 7.162   10.530  13.352  1.00 85.25  ? 79  PHE A N   1 
ATOM   575  C CA  . PHE A 1 79  ? 6.898   11.305  12.149  1.00 84.50  ? 79  PHE A CA  1 
ATOM   576  C C   . PHE A 1 79  ? 5.611   12.108  12.269  1.00 82.81  ? 79  PHE A C   1 
ATOM   577  O O   . PHE A 1 79  ? 4.641   11.672  12.891  1.00 82.63  ? 79  PHE A O   1 
ATOM   578  C CB  . PHE A 1 79  ? 6.815   10.381  10.931  1.00 103.65 ? 79  PHE A CB  1 
ATOM   579  C CG  . PHE A 1 79  ? 8.149   10.074  10.312  1.00 106.74 ? 79  PHE A CG  1 
ATOM   580  C CD1 . PHE A 1 79  ? 8.905   11.088  9.728   1.00 108.63 ? 79  PHE A CD1 1 
ATOM   581  C CD2 . PHE A 1 79  ? 8.650   8.776   10.303  1.00 107.93 ? 79  PHE A CD2 1 
ATOM   582  C CE1 . PHE A 1 79  ? 10.145  10.814  9.144   1.00 109.07 ? 79  PHE A CE1 1 
ATOM   583  C CE2 . PHE A 1 79  ? 9.888   8.491   9.721   1.00 108.84 ? 79  PHE A CE2 1 
ATOM   584  C CZ  . PHE A 1 79  ? 10.636  9.513   9.140   1.00 108.91 ? 79  PHE A CZ  1 
ATOM   585  N N   . GLN A 1 80  ? 5.622   13.293  11.676  1.00 67.21  ? 80  GLN A N   1 
ATOM   586  C CA  . GLN A 1 80  ? 4.460   14.168  11.686  1.00 65.04  ? 80  GLN A CA  1 
ATOM   587  C C   . GLN A 1 80  ? 3.772   14.084  10.327  1.00 61.99  ? 80  GLN A C   1 
ATOM   588  O O   . GLN A 1 80  ? 4.410   13.801  9.312   1.00 61.09  ? 80  GLN A O   1 
ATOM   589  C CB  . GLN A 1 80  ? 4.882   15.617  11.962  1.00 91.46  ? 80  GLN A CB  1 
ATOM   590  C CG  . GLN A 1 80  ? 5.309   15.908  13.401  1.00 93.94  ? 80  GLN A CG  1 
ATOM   591  C CD  . GLN A 1 80  ? 4.171   15.766  14.404  1.00 95.35  ? 80  GLN A CD  1 
ATOM   592  O OE1 . GLN A 1 80  ? 3.783   14.655  14.779  1.00 96.37  ? 80  GLN A OE1 1 
ATOM   593  N NE2 . GLN A 1 80  ? 3.621   16.897  14.834  1.00 94.32  ? 80  GLN A NE2 1 
ATOM   594  N N   . PRO A 1 81  ? 2.455   14.328  10.292  1.00 67.04  ? 81  PRO A N   1 
ATOM   595  C CA  . PRO A 1 81  ? 1.694   14.279  9.044   1.00 65.10  ? 81  PRO A CA  1 
ATOM   596  C C   . PRO A 1 81  ? 2.390   15.007  7.899   1.00 63.66  ? 81  PRO A C   1 
ATOM   597  O O   . PRO A 1 81  ? 2.369   14.547  6.758   1.00 63.61  ? 81  PRO A O   1 
ATOM   598  C CB  . PRO A 1 81  ? 0.370   14.931  9.432   1.00 60.40  ? 81  PRO A CB  1 
ATOM   599  C CG  . PRO A 1 81  ? 0.190   14.461  10.832  1.00 60.61  ? 81  PRO A CG  1 
ATOM   600  C CD  . PRO A 1 81  ? 1.573   14.643  11.430  1.00 62.20  ? 81  PRO A CD  1 
ATOM   601  N N   . GLN A 1 82  ? 3.009   16.142  8.211   1.00 57.21  ? 82  GLN A N   1 
ATOM   602  C CA  . GLN A 1 82  ? 3.708   16.935  7.206   1.00 55.39  ? 82  GLN A CA  1 
ATOM   603  C C   . GLN A 1 82  ? 4.836   16.131  6.575   1.00 52.19  ? 82  GLN A C   1 
ATOM   604  O O   . GLN A 1 82  ? 5.020   16.145  5.359   1.00 50.26  ? 82  GLN A O   1 
ATOM   605  C CB  . GLN A 1 82  ? 4.299   18.197  7.842   1.00 85.87  ? 82  GLN A CB  1 
ATOM   606  C CG  . GLN A 1 82  ? 3.326   18.991  8.685   1.00 90.02  ? 82  GLN A CG  1 
ATOM   607  C CD  . GLN A 1 82  ? 3.968   20.219  9.307   1.00 93.27  ? 82  GLN A CD  1 
ATOM   608  O OE1 . GLN A 1 82  ? 4.976   20.121  10.014  1.00 93.73  ? 82  GLN A OE1 1 
ATOM   609  N NE2 . GLN A 1 82  ? 3.390   21.388  9.042   1.00 95.17  ? 82  GLN A NE2 1 
ATOM   610  N N   . GLN A 1 83  ? 5.591   15.439  7.421   1.00 55.31  ? 83  GLN A N   1 
ATOM   611  C CA  . GLN A 1 83  ? 6.716   14.630  6.976   1.00 54.80  ? 83  GLN A CA  1 
ATOM   612  C C   . GLN A 1 83  ? 6.187   13.518  6.066   1.00 52.62  ? 83  GLN A C   1 
ATOM   613  O O   . GLN A 1 83  ? 6.664   13.335  4.937   1.00 51.02  ? 83  GLN A O   1 
ATOM   614  C CB  . GLN A 1 83  ? 7.433   14.027  8.186   1.00 80.38  ? 83  GLN A CB  1 
ATOM   615  C CG  . GLN A 1 83  ? 7.828   15.041  9.268   1.00 85.51  ? 83  GLN A CG  1 
ATOM   616  C CD  . GLN A 1 83  ? 9.055   15.875  8.913   1.00 88.63  ? 83  GLN A CD  1 
ATOM   617  O OE1 . GLN A 1 83  ? 10.172  15.357  8.816   1.00 90.25  ? 83  GLN A OE1 1 
ATOM   618  N NE2 . GLN A 1 83  ? 8.847   17.176  8.705   1.00 89.94  ? 83  GLN A NE2 1 
ATOM   619  N N   . THR A 1 84  ? 5.193   12.788  6.561   1.00 53.38  ? 84  THR A N   1 
ATOM   620  C CA  . THR A 1 84  ? 4.591   11.702  5.807   1.00 51.51  ? 84  THR A CA  1 
ATOM   621  C C   . THR A 1 84  ? 4.069   12.226  4.477   1.00 50.97  ? 84  THR A C   1 
ATOM   622  O O   . THR A 1 84  ? 4.380   11.676  3.420   1.00 48.62  ? 84  THR A O   1 
ATOM   623  C CB  . THR A 1 84  ? 3.448   11.058  6.611   1.00 54.42  ? 84  THR A CB  1 
ATOM   624  O OG1 . THR A 1 84  ? 3.986   10.461  7.800   1.00 52.47  ? 84  THR A OG1 1 
ATOM   625  C CG2 . THR A 1 84  ? 2.738   9.990   5.788   1.00 53.53  ? 84  THR A CG2 1 
ATOM   626  N N   . GLU A 1 85  ? 3.301   13.311  4.529   1.00 53.00  ? 85  GLU A N   1 
ATOM   627  C CA  . GLU A 1 85  ? 2.750   13.898  3.315   1.00 53.95  ? 85  GLU A CA  1 
ATOM   628  C C   . GLU A 1 85  ? 3.844   14.236  2.300   1.00 53.32  ? 85  GLU A C   1 
ATOM   629  O O   . GLU A 1 85  ? 3.710   13.956  1.107   1.00 53.80  ? 85  GLU A O   1 
ATOM   630  C CB  . GLU A 1 85  ? 1.955   15.166  3.649   1.00 57.95  ? 85  GLU A CB  1 
ATOM   631  C CG  . GLU A 1 85  ? 1.328   15.834  2.431   1.00 59.46  ? 85  GLU A CG  1 
ATOM   632  C CD  . GLU A 1 85  ? 0.625   17.140  2.768   1.00 60.04  ? 85  GLU A CD  1 
ATOM   633  O OE1 . GLU A 1 85  ? -0.145  17.176  3.752   1.00 59.12  ? 85  GLU A OE1 1 
ATOM   634  O OE2 . GLU A 1 85  ? 0.836   18.126  2.032   1.00 59.38  ? 85  GLU A OE2 1 
ATOM   635  N N   . GLN A 1 86  ? 4.929   14.833  2.776   1.00 48.84  ? 86  GLN A N   1 
ATOM   636  C CA  . GLN A 1 86  ? 6.024   15.213  1.897   1.00 47.61  ? 86  GLN A CA  1 
ATOM   637  C C   . GLN A 1 86  ? 6.717   13.992  1.284   1.00 45.92  ? 86  GLN A C   1 
ATOM   638  O O   . GLN A 1 86  ? 7.068   13.987  0.104   1.00 44.05  ? 86  GLN A O   1 
ATOM   639  C CB  . GLN A 1 86  ? 7.021   16.078  2.675   1.00 56.02  ? 86  GLN A CB  1 
ATOM   640  C CG  . GLN A 1 86  ? 8.232   16.529  1.881   1.00 58.31  ? 86  GLN A CG  1 
ATOM   641  C CD  . GLN A 1 86  ? 7.865   17.168  0.552   1.00 61.21  ? 86  GLN A CD  1 
ATOM   642  O OE1 . GLN A 1 86  ? 7.013   18.061  0.484   1.00 61.45  ? 86  GLN A OE1 1 
ATOM   643  N NE2 . GLN A 1 86  ? 8.520   16.718  -0.518  1.00 60.52  ? 86  GLN A NE2 1 
ATOM   644  N N   . THR A 1 87  ? 6.896   12.958  2.097   1.00 47.73  ? 87  THR A N   1 
ATOM   645  C CA  . THR A 1 87  ? 7.537   11.715  1.669   1.00 47.16  ? 87  THR A CA  1 
ATOM   646  C C   . THR A 1 87  ? 6.712   11.048  0.564   1.00 45.81  ? 87  THR A C   1 
ATOM   647  O O   . THR A 1 87  ? 7.246   10.643  -0.467  1.00 44.61  ? 87  THR A O   1 
ATOM   648  C CB  . THR A 1 87  ? 7.685   10.747  2.874   1.00 48.80  ? 87  THR A CB  1 
ATOM   649  O OG1 . THR A 1 87  ? 8.488   11.373  3.881   1.00 48.71  ? 87  THR A OG1 1 
ATOM   650  C CG2 . THR A 1 87  ? 8.339   9.435   2.454   1.00 49.57  ? 87  THR A CG2 1 
ATOM   651  N N   . LEU A 1 88  ? 5.407   10.939  0.790   1.00 41.76  ? 88  LEU A N   1 
ATOM   652  C CA  . LEU A 1 88  ? 4.514   10.334  -0.188  1.00 42.28  ? 88  LEU A CA  1 
ATOM   653  C C   . LEU A 1 88  ? 4.452   11.210  -1.434  1.00 43.97  ? 88  LEU A C   1 
ATOM   654  O O   . LEU A 1 88  ? 4.282   10.714  -2.553  1.00 42.78  ? 88  LEU A O   1 
ATOM   655  C CB  . LEU A 1 88  ? 3.116   10.165  0.406   1.00 42.31  ? 88  LEU A CB  1 
ATOM   656  C CG  . LEU A 1 88  ? 2.997   9.125   1.520   1.00 41.03  ? 88  LEU A CG  1 
ATOM   657  C CD1 . LEU A 1 88  ? 1.629   9.215   2.178   1.00 39.88  ? 88  LEU A CD1 1 
ATOM   658  C CD2 . LEU A 1 88  ? 3.218   7.728   0.930   1.00 40.22  ? 88  LEU A CD2 1 
ATOM   659  N N   . ARG A 1 89  ? 4.582   12.519  -1.247  1.00 52.62  ? 89  ARG A N   1 
ATOM   660  C CA  . ARG A 1 89  ? 4.554   13.415  -2.391  1.00 54.80  ? 89  ARG A CA  1 
ATOM   661  C C   . ARG A 1 89  ? 5.743   13.095  -3.300  1.00 55.02  ? 89  ARG A C   1 
ATOM   662  O O   . ARG A 1 89  ? 5.606   13.074  -4.524  1.00 55.90  ? 89  ARG A O   1 
ATOM   663  C CB  . ARG A 1 89  ? 4.603   14.883  -1.943  1.00 52.60  ? 89  ARG A CB  1 
ATOM   664  C CG  . ARG A 1 89  ? 4.640   15.869  -3.109  1.00 53.20  ? 89  ARG A CG  1 
ATOM   665  C CD  . ARG A 1 89  ? 4.524   17.325  -2.655  1.00 54.59  ? 89  ARG A CD  1 
ATOM   666  N NE  . ARG A 1 89  ? 3.189   17.659  -2.163  1.00 53.48  ? 89  ARG A NE  1 
ATOM   667  C CZ  . ARG A 1 89  ? 2.871   17.782  -0.879  1.00 55.13  ? 89  ARG A CZ  1 
ATOM   668  N NH1 . ARG A 1 89  ? 3.792   17.602  0.059   1.00 54.17  ? 89  ARG A NH1 1 
ATOM   669  N NH2 . ARG A 1 89  ? 1.627   18.085  -0.529  1.00 56.17  ? 89  ARG A NH2 1 
ATOM   670  N N   . GLN A 1 90  ? 6.905   12.832  -2.708  1.00 49.84  ? 90  GLN A N   1 
ATOM   671  C CA  . GLN A 1 90  ? 8.081   12.520  -3.520  1.00 51.10  ? 90  GLN A CA  1 
ATOM   672  C C   . GLN A 1 90  ? 7.895   11.172  -4.200  1.00 49.17  ? 90  GLN A C   1 
ATOM   673  O O   . GLN A 1 90  ? 8.328   10.966  -5.334  1.00 48.77  ? 90  GLN A O   1 
ATOM   674  C CB  . GLN A 1 90  ? 9.350   12.498  -2.667  1.00 73.69  ? 90  GLN A CB  1 
ATOM   675  C CG  . GLN A 1 90  ? 9.601   13.793  -1.898  1.00 80.05  ? 90  GLN A CG  1 
ATOM   676  C CD  . GLN A 1 90  ? 10.998  13.862  -1.305  1.00 82.66  ? 90  GLN A CD  1 
ATOM   677  O OE1 . GLN A 1 90  ? 11.235  14.577  -0.326  1.00 84.73  ? 90  GLN A OE1 1 
ATOM   678  N NE2 . GLN A 1 90  ? 11.935  13.127  -1.903  1.00 84.31  ? 90  GLN A NE2 1 
ATOM   679  N N   . ILE A 1 91  ? 7.239   10.252  -3.505  1.00 48.58  ? 91  ILE A N   1 
ATOM   680  C CA  . ILE A 1 91  ? 6.988   8.941   -4.074  1.00 46.94  ? 91  ILE A CA  1 
ATOM   681  C C   . ILE A 1 91  ? 6.143   9.070   -5.343  1.00 47.10  ? 91  ILE A C   1 
ATOM   682  O O   . ILE A 1 91  ? 6.479   8.504   -6.385  1.00 46.88  ? 91  ILE A O   1 
ATOM   683  C CB  . ILE A 1 91  ? 6.286   8.036   -3.040  1.00 44.20  ? 91  ILE A CB  1 
ATOM   684  C CG1 . ILE A 1 91  ? 7.287   7.688   -1.930  1.00 41.19  ? 91  ILE A CG1 1 
ATOM   685  C CG2 . ILE A 1 91  ? 5.710   6.803   -3.721  1.00 40.87  ? 91  ILE A CG2 1 
ATOM   686  C CD1 . ILE A 1 91  ? 6.755   6.769   -0.864  1.00 41.38  ? 91  ILE A CD1 1 
ATOM   687  N N   . LEU A 1 92  ? 5.051   9.824   -5.258  1.00 45.13  ? 92  LEU A N   1 
ATOM   688  C CA  . LEU A 1 92  ? 4.175   10.015  -6.413  1.00 46.59  ? 92  LEU A CA  1 
ATOM   689  C C   . LEU A 1 92  ? 4.920   10.696  -7.561  1.00 47.09  ? 92  LEU A C   1 
ATOM   690  O O   . LEU A 1 92  ? 4.720   10.369  -8.729  1.00 45.11  ? 92  LEU A O   1 
ATOM   691  C CB  . LEU A 1 92  ? 2.956   10.852  -6.012  1.00 52.42  ? 92  LEU A CB  1 
ATOM   692  C CG  . LEU A 1 92  ? 2.040   10.212  -4.963  1.00 53.60  ? 92  LEU A CG  1 
ATOM   693  C CD1 . LEU A 1 92  ? 1.078   11.252  -4.416  1.00 53.49  ? 92  LEU A CD1 1 
ATOM   694  C CD2 . LEU A 1 92  ? 1.287   9.047   -5.578  1.00 52.73  ? 92  LEU A CD2 1 
ATOM   695  N N   . GLN A 1 93  ? 5.780   11.649  -7.216  1.00 57.80  ? 93  GLN A N   1 
ATOM   696  C CA  . GLN A 1 93  ? 6.566   12.366  -8.212  1.00 58.60  ? 93  GLN A CA  1 
ATOM   697  C C   . GLN A 1 93  ? 7.470   11.396  -8.969  1.00 58.14  ? 93  GLN A C   1 
ATOM   698  O O   . GLN A 1 93  ? 7.478   11.381  -10.202 1.00 58.38  ? 93  GLN A O   1 
ATOM   699  C CB  . GLN A 1 93  ? 7.401   13.451  -7.529  1.00 60.49  ? 93  GLN A CB  1 
ATOM   700  C CG  . GLN A 1 93  ? 6.566   14.626  -7.047  1.00 64.43  ? 93  GLN A CG  1 
ATOM   701  C CD  . GLN A 1 93  ? 7.302   15.525  -6.069  1.00 65.95  ? 93  GLN A CD  1 
ATOM   702  O OE1 . GLN A 1 93  ? 6.801   16.585  -5.689  1.00 67.24  ? 93  GLN A OE1 1 
ATOM   703  N NE2 . GLN A 1 93  ? 8.490   15.103  -5.649  1.00 66.20  ? 93  GLN A NE2 1 
ATOM   704  N N   . ASP A 1 94  ? 8.218   10.578  -8.232  1.00 49.12  ? 94  ASP A N   1 
ATOM   705  C CA  . ASP A 1 94  ? 9.110   9.606   -8.844  1.00 48.26  ? 94  ASP A CA  1 
ATOM   706  C C   . ASP A 1 94  ? 8.346   8.685   -9.780  1.00 47.30  ? 94  ASP A C   1 
ATOM   707  O O   . ASP A 1 94  ? 8.799   8.390   -10.882 1.00 46.33  ? 94  ASP A O   1 
ATOM   708  C CB  . ASP A 1 94  ? 9.804   8.757   -7.773  1.00 54.23  ? 94  ASP A CB  1 
ATOM   709  C CG  . ASP A 1 94  ? 10.829  9.541   -6.969  1.00 56.37  ? 94  ASP A CG  1 
ATOM   710  O OD1 . ASP A 1 94  ? 11.397  8.968   -6.011  1.00 54.38  ? 94  ASP A OD1 1 
ATOM   711  O OD2 . ASP A 1 94  ? 11.075  10.723  -7.293  1.00 55.57  ? 94  ASP A OD2 1 
ATOM   712  N N   . VAL A 1 95  ? 7.182   8.231   -9.337  1.00 49.06  ? 95  VAL A N   1 
ATOM   713  C CA  . VAL A 1 95  ? 6.383   7.321   -10.139 1.00 49.48  ? 95  VAL A CA  1 
ATOM   714  C C   . VAL A 1 95  ? 5.998   7.948   -11.469 1.00 50.75  ? 95  VAL A C   1 
ATOM   715  O O   . VAL A 1 95  ? 6.223   7.359   -12.534 1.00 51.19  ? 95  VAL A O   1 
ATOM   716  C CB  . VAL A 1 95  ? 5.115   6.891   -9.384  1.00 42.56  ? 95  VAL A CB  1 
ATOM   717  C CG1 . VAL A 1 95  ? 4.268   5.977   -10.253 1.00 42.28  ? 95  VAL A CG1 1 
ATOM   718  C CG2 . VAL A 1 95  ? 5.515   6.176   -8.105  1.00 42.93  ? 95  VAL A CG2 1 
ATOM   719  N N   . LYS A 1 96  ? 5.419   9.140   -11.406 1.00 51.75  ? 96  LYS A N   1 
ATOM   720  C CA  . LYS A 1 96  ? 5.007   9.843   -12.614 1.00 53.72  ? 96  LYS A CA  1 
ATOM   721  C C   . LYS A 1 96  ? 6.219   10.136  -13.489 1.00 53.63  ? 96  LYS A C   1 
ATOM   722  O O   . LYS A 1 96  ? 6.184   9.908   -14.698 1.00 52.96  ? 96  LYS A O   1 
ATOM   723  C CB  . LYS A 1 96  ? 4.282   11.143  -12.255 1.00 64.73  ? 96  LYS A CB  1 
ATOM   724  C CG  . LYS A 1 96  ? 2.763   11.017  -12.186 1.00 67.51  ? 96  LYS A CG  1 
ATOM   725  C CD  . LYS A 1 96  ? 2.140   12.378  -11.921 1.00 69.75  ? 96  LYS A CD  1 
ATOM   726  C CE  . LYS A 1 96  ? 0.629   12.371  -12.064 1.00 70.78  ? 96  LYS A CE  1 
ATOM   727  N NZ  . LYS A 1 96  ? 0.088   13.746  -11.837 1.00 71.42  ? 96  LYS A NZ  1 
ATOM   728  N N   . ALA A 1 97  ? 7.291   10.633  -12.875 1.00 56.93  ? 97  ALA A N   1 
ATOM   729  C CA  . ALA A 1 97  ? 8.513   10.934  -13.614 1.00 57.68  ? 97  ALA A CA  1 
ATOM   730  C C   . ALA A 1 97  ? 9.048   9.681   -14.317 1.00 58.43  ? 97  ALA A C   1 
ATOM   731  O O   . ALA A 1 97  ? 9.848   9.777   -15.244 1.00 60.69  ? 97  ALA A O   1 
ATOM   732  C CB  . ALA A 1 97  ? 9.568   11.505  -12.675 1.00 45.81  ? 97  ALA A CB  1 
ATOM   733  N N   . ALA A 1 98  ? 8.601   8.508   -13.880 1.00 53.55  ? 98  ALA A N   1 
ATOM   734  C CA  . ALA A 1 98  ? 9.034   7.250   -14.489 1.00 52.89  ? 98  ALA A CA  1 
ATOM   735  C C   . ALA A 1 98  ? 8.004   6.788   -15.519 1.00 52.74  ? 98  ALA A C   1 
ATOM   736  O O   . ALA A 1 98  ? 8.014   5.637   -15.956 1.00 50.67  ? 98  ALA A O   1 
ATOM   737  C CB  . ALA A 1 98  ? 9.213   6.178   -13.417 1.00 56.40  ? 98  ALA A CB  1 
ATOM   738  N N   . ASN A 1 99  ? 7.116   7.698   -15.903 1.00 52.78  ? 99  ASN A N   1 
ATOM   739  C CA  . ASN A 1 99  ? 6.066   7.404   -16.871 1.00 54.22  ? 99  ASN A CA  1 
ATOM   740  C C   . ASN A 1 99  ? 5.173   6.256   -16.407 1.00 53.10  ? 99  ASN A C   1 
ATOM   741  O O   . ASN A 1 99  ? 4.708   5.448   -17.211 1.00 53.25  ? 99  ASN A O   1 
ATOM   742  C CB  . ASN A 1 99  ? 6.664   7.068   -18.240 1.00 84.49  ? 99  ASN A CB  1 
ATOM   743  C CG  . ASN A 1 99  ? 5.602   6.962   -19.326 1.00 89.49  ? 99  ASN A CG  1 
ATOM   744  O OD1 . ASN A 1 99  ? 4.841   7.905   -19.557 1.00 91.31  ? 99  ASN A OD1 1 
ATOM   745  N ND2 . ASN A 1 99  ? 5.541   5.811   -19.992 1.00 90.71  ? 99  ASN A ND2 1 
ATOM   746  N N   . ALA A 1 100 ? 4.932   6.187   -15.102 1.00 50.52  ? 100 ALA A N   1 
ATOM   747  C CA  . ALA A 1 100 ? 4.072   5.151   -14.554 1.00 47.61  ? 100 ALA A CA  1 
ATOM   748  C C   . ALA A 1 100 ? 2.901   5.804   -13.821 1.00 45.36  ? 100 ALA A C   1 
ATOM   749  O O   . ALA A 1 100 ? 2.997   6.943   -13.367 1.00 43.78  ? 100 ALA A O   1 
ATOM   750  C CB  . ALA A 1 100 ? 4.865   4.254   -13.614 1.00 48.68  ? 100 ALA A CB  1 
ATOM   751  N N   . GLU A 1 101 ? 1.793   5.081   -13.718 1.00 44.02  ? 101 GLU A N   1 
ATOM   752  C CA  . GLU A 1 101 ? 0.606   5.597   -13.049 1.00 44.57  ? 101 GLU A CA  1 
ATOM   753  C C   . GLU A 1 101 ? 0.595   5.188   -11.571 1.00 42.89  ? 101 GLU A C   1 
ATOM   754  O O   . GLU A 1 101 ? 0.534   4.004   -11.251 1.00 42.17  ? 101 GLU A O   1 
ATOM   755  C CB  . GLU A 1 101 ? -0.668  5.077   -13.754 1.00 62.57  ? 101 GLU A CB  1 
ATOM   756  C CG  . GLU A 1 101 ? -0.839  5.558   -15.228 1.00 69.89  ? 101 GLU A CG  1 
ATOM   757  C CD  . GLU A 1 101 ? -1.954  4.833   -16.021 1.00 72.94  ? 101 GLU A CD  1 
ATOM   758  O OE1 . GLU A 1 101 ? -2.101  5.123   -17.233 1.00 74.71  ? 101 GLU A OE1 1 
ATOM   759  O OE2 . GLU A 1 101 ? -2.680  3.982   -15.454 1.00 74.01  ? 101 GLU A OE2 1 
ATOM   760  N N   . PRO A 1 102 ? 0.687   6.167   -10.650 1.00 45.72  ? 102 PRO A N   1 
ATOM   761  C CA  . PRO A 1 102 ? 0.672   5.856   -9.215  1.00 45.22  ? 102 PRO A CA  1 
ATOM   762  C C   . PRO A 1 102 ? -0.758  5.606   -8.736  1.00 44.78  ? 102 PRO A C   1 
ATOM   763  O O   . PRO A 1 102 ? -1.676  6.313   -9.142  1.00 46.25  ? 102 PRO A O   1 
ATOM   764  C CB  . PRO A 1 102 ? 1.293   7.103   -8.584  1.00 42.01  ? 102 PRO A CB  1 
ATOM   765  C CG  . PRO A 1 102 ? 0.868   8.191   -9.504  1.00 41.18  ? 102 PRO A CG  1 
ATOM   766  C CD  . PRO A 1 102 ? 1.061   7.574   -10.872 1.00 41.52  ? 102 PRO A CD  1 
ATOM   767  N N   . LEU A 1 103 ? -0.940  4.579   -7.908  1.00 41.22  ? 103 LEU A N   1 
ATOM   768  C CA  . LEU A 1 103 ? -2.243  4.224   -7.349  1.00 39.39  ? 103 LEU A CA  1 
ATOM   769  C C   . LEU A 1 103 ? -2.039  4.299   -5.837  1.00 41.86  ? 103 LEU A C   1 
ATOM   770  O O   . LEU A 1 103 ? -1.399  3.426   -5.237  1.00 40.45  ? 103 LEU A O   1 
ATOM   771  C CB  . LEU A 1 103 ? -2.635  2.796   -7.747  1.00 39.60  ? 103 LEU A CB  1 
ATOM   772  C CG  . LEU A 1 103 ? -2.472  2.420   -9.227  1.00 39.91  ? 103 LEU A CG  1 
ATOM   773  C CD1 . LEU A 1 103 ? -2.623  0.918   -9.420  1.00 39.99  ? 103 LEU A CD1 1 
ATOM   774  C CD2 . LEU A 1 103 ? -3.505  3.169   -10.058 1.00 41.34  ? 103 LEU A CD2 1 
ATOM   775  N N   . LEU A 1 104 ? -2.575  5.351   -5.229  1.00 41.36  ? 104 LEU A N   1 
ATOM   776  C CA  . LEU A 1 104 ? -2.421  5.568   -3.803  1.00 41.24  ? 104 LEU A CA  1 
ATOM   777  C C   . LEU A 1 104 ? -3.505  4.886   -2.991  1.00 41.65  ? 104 LEU A C   1 
ATOM   778  O O   . LEU A 1 104 ? -4.679  4.943   -3.352  1.00 43.50  ? 104 LEU A O   1 
ATOM   779  C CB  . LEU A 1 104 ? -2.449  7.072   -3.510  1.00 39.01  ? 104 LEU A CB  1 
ATOM   780  C CG  . LEU A 1 104 ? -2.139  7.462   -2.067  1.00 37.46  ? 104 LEU A CG  1 
ATOM   781  C CD1 . LEU A 1 104 ? -0.720  7.024   -1.737  1.00 37.19  ? 104 LEU A CD1 1 
ATOM   782  C CD2 . LEU A 1 104 ? -2.294  8.966   -1.877  1.00 35.20  ? 104 LEU A CD2 1 
ATOM   783  N N   . MET A 1 105 ? -3.117  4.222   -1.906  1.00 35.32  ? 105 MET A N   1 
ATOM   784  C CA  . MET A 1 105 ? -4.115  3.606   -1.045  1.00 35.16  ? 105 MET A CA  1 
ATOM   785  C C   . MET A 1 105 ? -4.248  4.477   0.195   1.00 34.96  ? 105 MET A C   1 
ATOM   786  O O   . MET A 1 105 ? -3.265  5.021   0.700   1.00 33.74  ? 105 MET A O   1 
ATOM   787  C CB  . MET A 1 105 ? -3.731  2.191   -0.607  1.00 40.13  ? 105 MET A CB  1 
ATOM   788  C CG  . MET A 1 105 ? -4.784  1.544   0.309   1.00 39.29  ? 105 MET A CG  1 
ATOM   789  S SD  . MET A 1 105 ? -4.494  -0.214  0.642   1.00 39.44  ? 105 MET A SD  1 
ATOM   790  C CE  . MET A 1 105 ? -5.286  -0.975  -0.810  1.00 41.14  ? 105 MET A CE  1 
ATOM   791  N N   . GLN A 1 106 ? -5.479  4.605   0.664   1.00 37.59  ? 106 GLN A N   1 
ATOM   792  C CA  . GLN A 1 106 ? -5.779  5.384   1.851   1.00 39.36  ? 106 GLN A CA  1 
ATOM   793  C C   . GLN A 1 106 ? -5.282  4.592   3.044   1.00 39.49  ? 106 GLN A C   1 
ATOM   794  O O   . GLN A 1 106 ? -5.421  3.378   3.085   1.00 40.35  ? 106 GLN A O   1 
ATOM   795  C CB  . GLN A 1 106 ? -7.294  5.584   1.975   1.00 36.76  ? 106 GLN A CB  1 
ATOM   796  C CG  . GLN A 1 106 ? -7.760  6.138   3.319   1.00 37.23  ? 106 GLN A CG  1 
ATOM   797  C CD  . GLN A 1 106 ? -7.471  7.619   3.475   1.00 36.90  ? 106 GLN A CD  1 
ATOM   798  O OE1 . GLN A 1 106 ? -7.894  8.439   2.654   1.00 37.86  ? 106 GLN A OE1 1 
ATOM   799  N NE2 . GLN A 1 106 ? -6.765  7.972   4.538   1.00 37.05  ? 106 GLN A NE2 1 
ATOM   800  N N   . ILE A 1 107 ? -4.681  5.270   4.008   1.00 40.67  ? 107 ILE A N   1 
ATOM   801  C CA  . ILE A 1 107 ? -4.225  4.581   5.203   1.00 41.63  ? 107 ILE A CA  1 
ATOM   802  C C   . ILE A 1 107 ? -4.895  5.260   6.404   1.00 44.91  ? 107 ILE A C   1 
ATOM   803  O O   . ILE A 1 107 ? -5.099  6.478   6.401   1.00 42.47  ? 107 ILE A O   1 
ATOM   804  C CB  . ILE A 1 107 ? -2.687  4.655   5.355   1.00 34.85  ? 107 ILE A CB  1 
ATOM   805  C CG1 . ILE A 1 107 ? -1.998  4.021   4.137   1.00 34.31  ? 107 ILE A CG1 1 
ATOM   806  C CG2 . ILE A 1 107 ? -2.261  3.896   6.606   1.00 34.04  ? 107 ILE A CG2 1 
ATOM   807  C CD1 . ILE A 1 107 ? -2.191  2.504   4.044   1.00 30.30  ? 107 ILE A CD1 1 
ATOM   808  N N   . ARG A 1 108 ? -5.258  4.472   7.413   1.00 46.93  ? 108 ARG A N   1 
ATOM   809  C CA  . ARG A 1 108 ? -5.887  5.016   8.619   1.00 51.99  ? 108 ARG A CA  1 
ATOM   810  C C   . ARG A 1 108 ? -5.214  4.431   9.852   1.00 52.25  ? 108 ARG A C   1 
ATOM   811  O O   . ARG A 1 108 ? -5.158  3.216   10.008  1.00 54.42  ? 108 ARG A O   1 
ATOM   812  C CB  . ARG A 1 108 ? -7.386  4.692   8.659   1.00 66.34  ? 108 ARG A CB  1 
ATOM   813  C CG  . ARG A 1 108 ? -8.086  5.238   9.908   1.00 71.20  ? 108 ARG A CG  1 
ATOM   814  C CD  . ARG A 1 108 ? -9.600  5.058   9.851   1.00 73.95  ? 108 ARG A CD  1 
ATOM   815  N NE  . ARG A 1 108 ? -10.019 3.674   10.065  1.00 76.76  ? 108 ARG A NE  1 
ATOM   816  C CZ  . ARG A 1 108 ? -10.020 3.060   11.245  1.00 76.39  ? 108 ARG A CZ  1 
ATOM   817  N NH1 . ARG A 1 108 ? -9.624  3.704   12.335  1.00 76.23  ? 108 ARG A NH1 1 
ATOM   818  N NH2 . ARG A 1 108 ? -10.430 1.802   11.335  1.00 75.52  ? 108 ARG A NH2 1 
ATOM   819  N N   . PRO A 1 109 ? -4.696  5.291   10.747  1.00 55.19  ? 109 PRO A N   1 
ATOM   820  C CA  . PRO A 1 109 ? -4.020  4.835   11.972  1.00 55.94  ? 109 PRO A CA  1 
ATOM   821  C C   . PRO A 1 109 ? -4.989  4.256   13.002  1.00 57.25  ? 109 PRO A C   1 
ATOM   822  O O   . PRO A 1 109 ? -6.198  4.410   12.869  1.00 56.40  ? 109 PRO A O   1 
ATOM   823  C CB  . PRO A 1 109 ? -3.317  6.099   12.458  1.00 49.73  ? 109 PRO A CB  1 
ATOM   824  C CG  . PRO A 1 109 ? -4.273  7.169   12.050  1.00 50.75  ? 109 PRO A CG  1 
ATOM   825  C CD  . PRO A 1 109 ? -4.684  6.763   10.659  1.00 49.83  ? 109 PRO A CD  1 
ATOM   826  N N   . PRO A 1 110 ? -4.471  3.568   14.036  1.00 49.95  ? 110 PRO A N   1 
ATOM   827  C CA  . PRO A 1 110 ? -5.344  2.984   15.060  1.00 52.66  ? 110 PRO A CA  1 
ATOM   828  C C   . PRO A 1 110 ? -6.275  4.019   15.682  1.00 56.47  ? 110 PRO A C   1 
ATOM   829  O O   . PRO A 1 110 ? -5.891  5.174   15.886  1.00 55.32  ? 110 PRO A O   1 
ATOM   830  C CB  . PRO A 1 110 ? -4.353  2.413   16.069  1.00 55.25  ? 110 PRO A CB  1 
ATOM   831  C CG  . PRO A 1 110 ? -3.205  2.012   15.206  1.00 52.86  ? 110 PRO A CG  1 
ATOM   832  C CD  . PRO A 1 110 ? -3.066  3.216   14.297  1.00 53.42  ? 110 PRO A CD  1 
ATOM   833  N N   . ALA A 1 111 ? -7.503  3.602   15.979  1.00 75.57  ? 111 ALA A N   1 
ATOM   834  C CA  . ALA A 1 111 ? -8.496  4.496   16.570  1.00 80.99  ? 111 ALA A CA  1 
ATOM   835  C C   . ALA A 1 111 ? -7.954  5.202   17.809  1.00 84.27  ? 111 ALA A C   1 
ATOM   836  O O   . ALA A 1 111 ? -8.428  6.275   18.180  1.00 84.36  ? 111 ALA A O   1 
ATOM   837  C CB  . ALA A 1 111 ? -9.761  3.710   16.923  1.00 78.20  ? 111 ALA A CB  1 
ATOM   838  N N   . ASN A 1 112 ? -6.954  4.592   18.439  1.00 87.69  ? 112 ASN A N   1 
ATOM   839  C CA  . ASN A 1 112 ? -6.338  5.148   19.636  1.00 91.67  ? 112 ASN A CA  1 
ATOM   840  C C   . ASN A 1 112 ? -4.948  5.732   19.378  1.00 93.76  ? 112 ASN A C   1 
ATOM   841  O O   . ASN A 1 112 ? -3.949  5.232   19.894  1.00 94.38  ? 112 ASN A O   1 
ATOM   842  C CB  . ASN A 1 112 ? -6.259  4.074   20.727  1.00 99.23  ? 112 ASN A CB  1 
ATOM   843  C CG  . ASN A 1 112 ? -5.790  2.729   20.193  1.00 101.05 ? 112 ASN A CG  1 
ATOM   844  O OD1 . ASN A 1 112 ? -6.479  2.091   19.392  1.00 101.37 ? 112 ASN A OD1 1 
ATOM   845  N ND2 . ASN A 1 112 ? -4.612  2.292   20.633  1.00 100.85 ? 112 ASN A ND2 1 
ATOM   846  N N   . TYR A 1 113 ? -4.895  6.789   18.573  1.00 92.38  ? 113 TYR A N   1 
ATOM   847  C CA  . TYR A 1 113 ? -3.634  7.457   18.254  1.00 94.88  ? 113 TYR A CA  1 
ATOM   848  C C   . TYR A 1 113 ? -3.819  8.972   18.314  1.00 95.14  ? 113 TYR A C   1 
ATOM   849  O O   . TYR A 1 113 ? -2.961  9.732   17.859  1.00 95.26  ? 113 TYR A O   1 
ATOM   850  C CB  . TYR A 1 113 ? -3.142  7.059   16.854  1.00 104.53 ? 113 TYR A CB  1 
ATOM   851  C CG  . TYR A 1 113 ? -1.890  6.198   16.831  1.00 106.98 ? 113 TYR A CG  1 
ATOM   852  C CD1 . TYR A 1 113 ? -1.252  5.899   15.625  1.00 108.47 ? 113 TYR A CD1 1 
ATOM   853  C CD2 . TYR A 1 113 ? -1.349  5.675   18.006  1.00 108.02 ? 113 TYR A CD2 1 
ATOM   854  C CE1 . TYR A 1 113 ? -0.107  5.101   15.588  1.00 109.27 ? 113 TYR A CE1 1 
ATOM   855  C CE2 . TYR A 1 113 ? -0.203  4.876   17.981  1.00 109.17 ? 113 TYR A CE2 1 
ATOM   856  C CZ  . TYR A 1 113 ? 0.411   4.593   16.769  1.00 109.76 ? 113 TYR A CZ  1 
ATOM   857  O OH  . TYR A 1 113 ? 1.542   3.805   16.738  1.00 109.77 ? 113 TYR A OH  1 
ATOM   858  N N   . GLY A 1 114 ? -4.948  9.401   18.871  1.00 101.23 ? 114 GLY A N   1 
ATOM   859  C CA  . GLY A 1 114 ? -5.225  10.822  18.988  1.00 101.37 ? 114 GLY A CA  1 
ATOM   860  C C   . GLY A 1 114 ? -5.914  11.420  17.776  1.00 101.14 ? 114 GLY A C   1 
ATOM   861  O O   . GLY A 1 114 ? -5.349  11.442  16.679  1.00 101.38 ? 114 GLY A O   1 
ATOM   862  N N   . ARG A 1 115 ? -7.136  11.909  17.975  1.00 75.49  ? 115 ARG A N   1 
ATOM   863  C CA  . ARG A 1 115 ? -7.908  12.518  16.900  1.00 74.00  ? 115 ARG A CA  1 
ATOM   864  C C   . ARG A 1 115 ? -7.082  13.555  16.160  1.00 72.39  ? 115 ARG A C   1 
ATOM   865  O O   . ARG A 1 115 ? -7.068  13.596  14.934  1.00 71.60  ? 115 ARG A O   1 
ATOM   866  C CB  . ARG A 1 115 ? -9.159  13.191  17.459  1.00 99.89  ? 115 ARG A CB  1 
ATOM   867  C CG  . ARG A 1 115 ? -10.214 12.238  17.970  1.00 102.25 ? 115 ARG A CG  1 
ATOM   868  C CD  . ARG A 1 115 ? -11.415 13.011  18.479  1.00 104.09 ? 115 ARG A CD  1 
ATOM   869  N NE  . ARG A 1 115 ? -11.863 14.001  17.504  1.00 105.37 ? 115 ARG A NE  1 
ATOM   870  C CZ  . ARG A 1 115 ? -12.923 14.785  17.664  1.00 106.37 ? 115 ARG A CZ  1 
ATOM   871  N NH1 . ARG A 1 115 ? -13.657 14.699  18.766  1.00 106.94 ? 115 ARG A NH1 1 
ATOM   872  N NH2 . ARG A 1 115 ? -13.254 15.652  16.718  1.00 106.98 ? 115 ARG A NH2 1 
ATOM   873  N N   . ARG A 1 116 ? -6.397  14.396  16.923  1.00 91.96  ? 116 ARG A N   1 
ATOM   874  C CA  . ARG A 1 116 ? -5.563  15.446  16.356  1.00 90.64  ? 116 ARG A CA  1 
ATOM   875  C C   . ARG A 1 116 ? -4.706  14.883  15.227  1.00 87.70  ? 116 ARG A C   1 
ATOM   876  O O   . ARG A 1 116 ? -4.684  15.418  14.119  1.00 87.75  ? 116 ARG A O   1 
ATOM   877  C CB  . ARG A 1 116 ? -4.656  16.030  17.442  1.00 106.55 ? 116 ARG A CB  1 
ATOM   878  C CG  . ARG A 1 116 ? -5.252  15.981  18.847  1.00 110.20 ? 116 ARG A CG  1 
ATOM   879  C CD  . ARG A 1 116 ? -6.447  16.908  18.997  1.00 113.67 ? 116 ARG A CD  1 
ATOM   880  N NE  . ARG A 1 116 ? -6.056  18.314  18.940  1.00 116.52 ? 116 ARG A NE  1 
ATOM   881  C CZ  . ARG A 1 116 ? -6.894  19.332  19.108  1.00 117.92 ? 116 ARG A CZ  1 
ATOM   882  N NH1 . ARG A 1 116 ? -8.180  19.105  19.344  1.00 118.28 ? 116 ARG A NH1 1 
ATOM   883  N NH2 . ARG A 1 116 ? -6.445  20.580  19.042  1.00 118.63 ? 116 ARG A NH2 1 
ATOM   884  N N   . TYR A 1 117 ? -4.006  13.789  15.515  1.00 63.82  ? 117 TYR A N   1 
ATOM   885  C CA  . TYR A 1 117 ? -3.129  13.153  14.537  1.00 59.90  ? 117 TYR A CA  1 
ATOM   886  C C   . TYR A 1 117 ? -3.890  12.328  13.502  1.00 56.66  ? 117 TYR A C   1 
ATOM   887  O O   . TYR A 1 117 ? -3.615  12.422  12.307  1.00 55.00  ? 117 TYR A O   1 
ATOM   888  C CB  . TYR A 1 117 ? -2.112  12.262  15.258  1.00 83.34  ? 117 TYR A CB  1 
ATOM   889  C CG  . TYR A 1 117 ? -1.192  11.488  14.336  1.00 83.43  ? 117 TYR A CG  1 
ATOM   890  C CD1 . TYR A 1 117 ? -0.221  12.138  13.575  1.00 82.76  ? 117 TYR A CD1 1 
ATOM   891  C CD2 . TYR A 1 117 ? -1.306  10.104  14.215  1.00 83.83  ? 117 TYR A CD2 1 
ATOM   892  C CE1 . TYR A 1 117 ? 0.614   11.426  12.714  1.00 83.16  ? 117 TYR A CE1 1 
ATOM   893  C CE2 . TYR A 1 117 ? -0.480  9.384   13.359  1.00 83.79  ? 117 TYR A CE2 1 
ATOM   894  C CZ  . TYR A 1 117 ? 0.476   10.050  12.612  1.00 83.27  ? 117 TYR A CZ  1 
ATOM   895  O OH  . TYR A 1 117 ? 1.284   9.335   11.757  1.00 82.45  ? 117 TYR A OH  1 
ATOM   896  N N   . ASN A 1 118 ? -4.845  11.526  13.966  1.00 59.77  ? 118 ASN A N   1 
ATOM   897  C CA  . ASN A 1 118 ? -5.624  10.675  13.080  1.00 56.56  ? 118 ASN A CA  1 
ATOM   898  C C   . ASN A 1 118 ? -6.292  11.408  11.926  1.00 55.69  ? 118 ASN A C   1 
ATOM   899  O O   . ASN A 1 118 ? -6.122  11.029  10.766  1.00 54.12  ? 118 ASN A O   1 
ATOM   900  C CB  . ASN A 1 118 ? -6.666  9.900   13.885  1.00 63.32  ? 118 ASN A CB  1 
ATOM   901  C CG  . ASN A 1 118 ? -6.044  8.795   14.724  1.00 63.64  ? 118 ASN A CG  1 
ATOM   902  O OD1 . ASN A 1 118 ? -6.743  7.991   15.343  1.00 63.88  ? 118 ASN A OD1 1 
ATOM   903  N ND2 . ASN A 1 118 ? -4.719  8.749   14.743  1.00 63.06  ? 118 ASN A ND2 1 
ATOM   904  N N   . GLU A 1 119 ? -7.040  12.461  12.231  1.00 58.73  ? 119 GLU A N   1 
ATOM   905  C CA  . GLU A 1 119 ? -7.715  13.218  11.187  1.00 58.61  ? 119 GLU A CA  1 
ATOM   906  C C   . GLU A 1 119 ? -6.720  13.941  10.281  1.00 56.12  ? 119 GLU A C   1 
ATOM   907  O O   . GLU A 1 119 ? -6.968  14.116  9.087   1.00 55.82  ? 119 GLU A O   1 
ATOM   908  C CB  . GLU A 1 119 ? -8.692  14.227  11.803  1.00 93.70  ? 119 GLU A CB  1 
ATOM   909  C CG  . GLU A 1 119 ? -8.038  15.285  12.669  1.00 97.38  ? 119 GLU A CG  1 
ATOM   910  C CD  . GLU A 1 119 ? -9.039  16.300  13.195  1.00 99.95  ? 119 GLU A CD  1 
ATOM   911  O OE1 . GLU A 1 119 ? -10.063 15.881  13.782  1.00 99.18  ? 119 GLU A OE1 1 
ATOM   912  O OE2 . GLU A 1 119 ? -8.797  17.514  13.018  1.00 100.94 ? 119 GLU A OE2 1 
ATOM   913  N N   . ALA A 1 120 ? -5.597  14.362  10.851  1.00 58.94  ? 120 ALA A N   1 
ATOM   914  C CA  . ALA A 1 120 ? -4.566  15.052  10.083  1.00 55.99  ? 120 ALA A CA  1 
ATOM   915  C C   . ALA A 1 120 ? -3.837  14.050  9.187   1.00 53.73  ? 120 ALA A C   1 
ATOM   916  O O   . ALA A 1 120 ? -3.563  14.328  8.020   1.00 52.77  ? 120 ALA A O   1 
ATOM   917  C CB  . ALA A 1 120 ? -3.578  15.730  11.024  1.00 69.70  ? 120 ALA A CB  1 
ATOM   918  N N   . PHE A 1 121 ? -3.524  12.884  9.744   1.00 54.01  ? 121 PHE A N   1 
ATOM   919  C CA  . PHE A 1 121 ? -2.840  11.828  8.995   1.00 52.65  ? 121 PHE A CA  1 
ATOM   920  C C   . PHE A 1 121 ? -3.704  11.381  7.817   1.00 50.73  ? 121 PHE A C   1 
ATOM   921  O O   . PHE A 1 121 ? -3.278  11.440  6.662   1.00 49.41  ? 121 PHE A O   1 
ATOM   922  C CB  . PHE A 1 121 ? -2.578  10.615  9.893   1.00 56.69  ? 121 PHE A CB  1 
ATOM   923  C CG  . PHE A 1 121 ? -1.847  9.488   9.202   1.00 57.50  ? 121 PHE A CG  1 
ATOM   924  C CD1 . PHE A 1 121 ? -0.456  9.476   9.142   1.00 57.32  ? 121 PHE A CD1 1 
ATOM   925  C CD2 . PHE A 1 121 ? -2.551  8.443   8.611   1.00 55.45  ? 121 PHE A CD2 1 
ATOM   926  C CE1 . PHE A 1 121 ? 0.223   8.435   8.506   1.00 58.37  ? 121 PHE A CE1 1 
ATOM   927  C CE2 . PHE A 1 121 ? -1.882  7.397   7.970   1.00 57.32  ? 121 PHE A CE2 1 
ATOM   928  C CZ  . PHE A 1 121 ? -0.490  7.394   7.918   1.00 57.47  ? 121 PHE A CZ  1 
ATOM   929  N N   . SER A 1 122 ? -4.925  10.947  8.120   1.00 46.66  ? 122 SER A N   1 
ATOM   930  C CA  . SER A 1 122 ? -5.843  10.465  7.099   1.00 46.01  ? 122 SER A CA  1 
ATOM   931  C C   . SER A 1 122 ? -6.077  11.459  5.969   1.00 46.71  ? 122 SER A C   1 
ATOM   932  O O   . SER A 1 122 ? -6.205  11.062  4.806   1.00 45.61  ? 122 SER A O   1 
ATOM   933  C CB  . SER A 1 122 ? -7.183  10.094  7.732   1.00 59.23  ? 122 SER A CB  1 
ATOM   934  O OG  . SER A 1 122 ? -7.017  9.103   8.733   1.00 61.61  ? 122 SER A OG  1 
ATOM   935  N N   . ALA A 1 123 ? -6.134  12.746  6.304   1.00 41.96  ? 123 ALA A N   1 
ATOM   936  C CA  . ALA A 1 123 ? -6.378  13.784  5.302   1.00 42.49  ? 123 ALA A CA  1 
ATOM   937  C C   . ALA A 1 123 ? -5.265  13.889  4.270   1.00 41.99  ? 123 ALA A C   1 
ATOM   938  O O   . ALA A 1 123 ? -5.463  14.417  3.179   1.00 41.49  ? 123 ALA A O   1 
ATOM   939  C CB  . ALA A 1 123 ? -6.583  15.131  5.993   1.00 57.58  ? 123 ALA A CB  1 
ATOM   940  N N   . ILE A 1 124 ? -4.090  13.386  4.619   1.00 55.10  ? 124 ILE A N   1 
ATOM   941  C CA  . ILE A 1 124 ? -2.947  13.420  3.719   1.00 55.62  ? 124 ILE A CA  1 
ATOM   942  C C   . ILE A 1 124 ? -3.223  12.737  2.380   1.00 56.19  ? 124 ILE A C   1 
ATOM   943  O O   . ILE A 1 124 ? -2.854  13.248  1.321   1.00 56.94  ? 124 ILE A O   1 
ATOM   944  C CB  . ILE A 1 124 ? -1.733  12.729  4.352   1.00 54.41  ? 124 ILE A CB  1 
ATOM   945  C CG1 . ILE A 1 124 ? -1.257  13.540  5.559   1.00 55.15  ? 124 ILE A CG1 1 
ATOM   946  C CG2 . ILE A 1 124 ? -0.636  12.545  3.310   1.00 53.59  ? 124 ILE A CG2 1 
ATOM   947  C CD1 . ILE A 1 124 ? -0.182  12.852  6.366   1.00 57.80  ? 124 ILE A CD1 1 
ATOM   948  N N   . TYR A 1 125 ? -3.880  11.582  2.431   1.00 49.44  ? 125 TYR A N   1 
ATOM   949  C CA  . TYR A 1 125 ? -4.152  10.810  1.223   1.00 46.52  ? 125 TYR A CA  1 
ATOM   950  C C   . TYR A 1 125 ? -5.104  11.489  0.245   1.00 46.74  ? 125 TYR A C   1 
ATOM   951  O O   . TYR A 1 125 ? -4.775  11.646  -0.932  1.00 45.61  ? 125 TYR A O   1 
ATOM   952  C CB  . TYR A 1 125 ? -4.622  9.413   1.633   1.00 43.08  ? 125 TYR A CB  1 
ATOM   953  C CG  . TYR A 1 125 ? -3.541  8.670   2.398   1.00 41.94  ? 125 TYR A CG  1 
ATOM   954  C CD1 . TYR A 1 125 ? -2.568  7.913   1.730   1.00 40.92  ? 125 TYR A CD1 1 
ATOM   955  C CD2 . TYR A 1 125 ? -3.416  8.819   3.782   1.00 40.45  ? 125 TYR A CD2 1 
ATOM   956  C CE1 . TYR A 1 125 ? -1.501  7.328   2.424   1.00 38.67  ? 125 TYR A CE1 1 
ATOM   957  C CE2 . TYR A 1 125 ? -2.346  8.243   4.478   1.00 38.42  ? 125 TYR A CE2 1 
ATOM   958  C CZ  . TYR A 1 125 ? -1.392  7.503   3.795   1.00 37.96  ? 125 TYR A CZ  1 
ATOM   959  O OH  . TYR A 1 125 ? -0.317  6.963   4.485   1.00 36.21  ? 125 TYR A OH  1 
ATOM   960  N N   . PRO A 1 126 ? -6.290  11.912  0.711   1.00 49.65  ? 126 PRO A N   1 
ATOM   961  C CA  . PRO A 1 126 ? -7.225  12.578  -0.203  1.00 49.82  ? 126 PRO A CA  1 
ATOM   962  C C   . PRO A 1 126 ? -6.554  13.787  -0.865  1.00 49.89  ? 126 PRO A C   1 
ATOM   963  O O   . PRO A 1 126 ? -6.683  14.001  -2.075  1.00 51.28  ? 126 PRO A O   1 
ATOM   964  C CB  . PRO A 1 126 ? -8.381  12.967  0.717   1.00 47.26  ? 126 PRO A CB  1 
ATOM   965  C CG  . PRO A 1 126 ? -8.380  11.841  1.725   1.00 47.42  ? 126 PRO A CG  1 
ATOM   966  C CD  . PRO A 1 126 ? -6.910  11.689  2.029   1.00 45.10  ? 126 PRO A CD  1 
ATOM   967  N N   . LYS A 1 127 ? -5.817  14.556  -0.068  1.00 45.49  ? 127 LYS A N   1 
ATOM   968  C CA  . LYS A 1 127 ? -5.115  15.734  -0.572  1.00 46.54  ? 127 LYS A CA  1 
ATOM   969  C C   . LYS A 1 127 ? -4.123  15.399  -1.686  1.00 45.76  ? 127 LYS A C   1 
ATOM   970  O O   . LYS A 1 127 ? -4.141  16.021  -2.751  1.00 45.91  ? 127 LYS A O   1 
ATOM   971  C CB  . LYS A 1 127 ? -4.375  16.440  0.564   1.00 54.17  ? 127 LYS A CB  1 
ATOM   972  C CG  . LYS A 1 127 ? -3.625  17.686  0.118   1.00 56.50  ? 127 LYS A CG  1 
ATOM   973  C CD  . LYS A 1 127 ? -2.851  18.305  1.267   1.00 57.82  ? 127 LYS A CD  1 
ATOM   974  C CE  . LYS A 1 127 ? -2.106  19.551  0.819   1.00 60.50  ? 127 LYS A CE  1 
ATOM   975  N NZ  . LYS A 1 127 ? -1.311  20.126  1.937   1.00 59.76  ? 127 LYS A NZ  1 
ATOM   976  N N   . LEU A 1 128 ? -3.258  14.418  -1.440  1.00 48.44  ? 128 LEU A N   1 
ATOM   977  C CA  . LEU A 1 128 ? -2.268  14.007  -2.433  1.00 49.36  ? 128 LEU A CA  1 
ATOM   978  C C   . LEU A 1 128 ? -2.923  13.461  -3.697  1.00 49.42  ? 128 LEU A C   1 
ATOM   979  O O   . LEU A 1 128 ? -2.487  13.764  -4.809  1.00 49.63  ? 128 LEU A O   1 
ATOM   980  C CB  . LEU A 1 128 ? -1.320  12.949  -1.848  1.00 49.28  ? 128 LEU A CB  1 
ATOM   981  C CG  . LEU A 1 128 ? -0.299  13.455  -0.825  1.00 50.57  ? 128 LEU A CG  1 
ATOM   982  C CD1 . LEU A 1 128 ? 0.501   12.297  -0.257  1.00 52.02  ? 128 LEU A CD1 1 
ATOM   983  C CD2 . LEU A 1 128 ? 0.629   14.453  -1.495  1.00 52.02  ? 128 LEU A CD2 1 
ATOM   984  N N   . ALA A 1 129 ? -3.970  12.659  -3.522  1.00 49.38  ? 129 ALA A N   1 
ATOM   985  C CA  . ALA A 1 129 ? -4.682  12.072  -4.656  1.00 50.88  ? 129 ALA A CA  1 
ATOM   986  C C   . ALA A 1 129 ? -5.242  13.180  -5.534  1.00 52.95  ? 129 ALA A C   1 
ATOM   987  O O   . ALA A 1 129 ? -5.270  13.067  -6.765  1.00 52.27  ? 129 ALA A O   1 
ATOM   988  C CB  . ALA A 1 129 ? -5.810  11.185  -4.165  1.00 50.95  ? 129 ALA A CB  1 
ATOM   989  N N   . LYS A 1 130 ? -5.692  14.255  -4.896  1.00 55.35  ? 130 LYS A N   1 
ATOM   990  C CA  . LYS A 1 130 ? -6.243  15.378  -5.631  1.00 57.55  ? 130 LYS A CA  1 
ATOM   991  C C   . LYS A 1 130 ? -5.100  16.144  -6.287  1.00 57.61  ? 130 LYS A C   1 
ATOM   992  O O   . LYS A 1 130 ? -5.126  16.410  -7.489  1.00 56.30  ? 130 LYS A O   1 
ATOM   993  C CB  . LYS A 1 130 ? -7.027  16.289  -4.688  1.00 70.14  ? 130 LYS A CB  1 
ATOM   994  C CG  . LYS A 1 130 ? -7.887  17.325  -5.397  1.00 73.77  ? 130 LYS A CG  1 
ATOM   995  C CD  . LYS A 1 130 ? -8.765  18.078  -4.400  1.00 75.89  ? 130 LYS A CD  1 
ATOM   996  C CE  . LYS A 1 130 ? -9.606  19.155  -5.083  1.00 77.71  ? 130 LYS A CE  1 
ATOM   997  N NZ  . LYS A 1 130 ? -8.776  20.234  -5.698  1.00 77.29  ? 130 LYS A NZ  1 
ATOM   998  N N   . GLU A 1 131 ? -4.087  16.473  -5.492  1.00 58.48  ? 131 GLU A N   1 
ATOM   999  C CA  . GLU A 1 131 ? -2.930  17.205  -5.985  1.00 59.53  ? 131 GLU A CA  1 
ATOM   1000 C C   . GLU A 1 131 ? -2.301  16.572  -7.232  1.00 58.77  ? 131 GLU A C   1 
ATOM   1001 O O   . GLU A 1 131 ? -1.892  17.285  -8.143  1.00 59.08  ? 131 GLU A O   1 
ATOM   1002 C CB  . GLU A 1 131 ? -1.888  17.329  -4.872  1.00 62.80  ? 131 GLU A CB  1 
ATOM   1003 C CG  . GLU A 1 131 ? -0.552  17.898  -5.313  1.00 65.59  ? 131 GLU A CG  1 
ATOM   1004 C CD  . GLU A 1 131 ? 0.437   17.998  -4.166  1.00 67.43  ? 131 GLU A CD  1 
ATOM   1005 O OE1 . GLU A 1 131 ? 1.652   18.121  -4.437  1.00 69.77  ? 131 GLU A OE1 1 
ATOM   1006 O OE2 . GLU A 1 131 ? 0.002   17.964  -2.992  1.00 67.30  ? 131 GLU A OE2 1 
ATOM   1007 N N   . PHE A 1 132 ? -2.232  15.242  -7.280  1.00 57.45  ? 132 PHE A N   1 
ATOM   1008 C CA  . PHE A 1 132 ? -1.646  14.556  -8.433  1.00 55.73  ? 132 PHE A CA  1 
ATOM   1009 C C   . PHE A 1 132 ? -2.687  13.980  -9.391  1.00 54.94  ? 132 PHE A C   1 
ATOM   1010 O O   . PHE A 1 132 ? -2.341  13.481  -10.467 1.00 54.25  ? 132 PHE A O   1 
ATOM   1011 C CB  . PHE A 1 132 ? -0.717  13.428  -7.973  1.00 53.07  ? 132 PHE A CB  1 
ATOM   1012 C CG  . PHE A 1 132 ? 0.549   13.909  -7.333  1.00 54.09  ? 132 PHE A CG  1 
ATOM   1013 C CD1 . PHE A 1 132 ? 0.557   14.348  -6.014  1.00 54.48  ? 132 PHE A CD1 1 
ATOM   1014 C CD2 . PHE A 1 132 ? 1.733   13.945  -8.062  1.00 54.25  ? 132 PHE A CD2 1 
ATOM   1015 C CE1 . PHE A 1 132 ? 1.730   14.816  -5.424  1.00 56.65  ? 132 PHE A CE1 1 
ATOM   1016 C CE2 . PHE A 1 132 ? 2.913   14.411  -7.486  1.00 55.05  ? 132 PHE A CE2 1 
ATOM   1017 C CZ  . PHE A 1 132 ? 2.912   14.849  -6.165  1.00 56.11  ? 132 PHE A CZ  1 
ATOM   1018 N N   . ASP A 1 133 ? -3.955  14.050  -8.993  1.00 53.07  ? 133 ASP A N   1 
ATOM   1019 C CA  . ASP A 1 133 ? -5.060  13.535  -9.793  1.00 50.67  ? 133 ASP A CA  1 
ATOM   1020 C C   . ASP A 1 133 ? -4.873  12.049  -10.099 1.00 48.71  ? 133 ASP A C   1 
ATOM   1021 O O   . ASP A 1 133 ? -4.856  11.638  -11.261 1.00 49.41  ? 133 ASP A O   1 
ATOM   1022 C CB  . ASP A 1 133 ? -5.196  14.341  -11.092 1.00 57.11  ? 133 ASP A CB  1 
ATOM   1023 C CG  . ASP A 1 133 ? -6.374  13.890  -11.940 1.00 58.85  ? 133 ASP A CG  1 
ATOM   1024 O OD1 . ASP A 1 133 ? -7.446  13.592  -11.372 1.00 61.55  ? 133 ASP A OD1 1 
ATOM   1025 O OD2 . ASP A 1 133 ? -6.237  13.852  -13.179 1.00 58.51  ? 133 ASP A OD2 1 
ATOM   1026 N N   . VAL A 1 134 ? -4.733  11.247  -9.046  1.00 44.87  ? 134 VAL A N   1 
ATOM   1027 C CA  . VAL A 1 134 ? -4.539  9.807   -9.197  1.00 43.11  ? 134 VAL A CA  1 
ATOM   1028 C C   . VAL A 1 134 ? -5.585  9.009   -8.419  1.00 41.87  ? 134 VAL A C   1 
ATOM   1029 O O   . VAL A 1 134 ? -6.217  9.527   -7.494  1.00 43.65  ? 134 VAL A O   1 
ATOM   1030 C CB  . VAL A 1 134 ? -3.134  9.384   -8.704  1.00 44.25  ? 134 VAL A CB  1 
ATOM   1031 C CG1 . VAL A 1 134 ? -2.067  9.992   -9.598  1.00 45.09  ? 134 VAL A CG1 1 
ATOM   1032 C CG2 . VAL A 1 134 ? -2.930  9.833   -7.265  1.00 44.39  ? 134 VAL A CG2 1 
ATOM   1033 N N   . PRO A 1 135 ? -5.789  7.734   -8.793  1.00 42.36  ? 135 PRO A N   1 
ATOM   1034 C CA  . PRO A 1 135 ? -6.766  6.887   -8.106  1.00 41.10  ? 135 PRO A CA  1 
ATOM   1035 C C   . PRO A 1 135 ? -6.433  6.841   -6.626  1.00 41.33  ? 135 PRO A C   1 
ATOM   1036 O O   . PRO A 1 135 ? -5.261  6.823   -6.261  1.00 41.49  ? 135 PRO A O   1 
ATOM   1037 C CB  . PRO A 1 135 ? -6.560  5.519   -8.756  1.00 36.19  ? 135 PRO A CB  1 
ATOM   1038 C CG  . PRO A 1 135 ? -6.108  5.860   -10.136 1.00 34.08  ? 135 PRO A CG  1 
ATOM   1039 C CD  . PRO A 1 135 ? -5.160  7.006   -9.910  1.00 35.02  ? 135 PRO A CD  1 
ATOM   1040 N N   . LEU A 1 136 ? -7.455  6.838   -5.777  1.00 37.66  ? 136 LEU A N   1 
ATOM   1041 C CA  . LEU A 1 136 ? -7.238  6.745   -4.338  1.00 37.04  ? 136 LEU A CA  1 
ATOM   1042 C C   . LEU A 1 136 ? -8.040  5.541   -3.868  1.00 37.03  ? 136 LEU A C   1 
ATOM   1043 O O   . LEU A 1 136 ? -9.252  5.632   -3.670  1.00 36.63  ? 136 LEU A O   1 
ATOM   1044 C CB  . LEU A 1 136 ? -7.722  8.013   -3.616  1.00 39.67  ? 136 LEU A CB  1 
ATOM   1045 C CG  . LEU A 1 136 ? -7.680  7.950   -2.083  1.00 39.46  ? 136 LEU A CG  1 
ATOM   1046 C CD1 . LEU A 1 136 ? -6.235  7.864   -1.617  1.00 37.38  ? 136 LEU A CD1 1 
ATOM   1047 C CD2 . LEU A 1 136 ? -8.361  9.170   -1.480  1.00 42.31  ? 136 LEU A CD2 1 
ATOM   1048 N N   . LEU A 1 137 ? -7.372  4.403   -3.704  1.00 40.93  ? 137 LEU A N   1 
ATOM   1049 C CA  . LEU A 1 137 ? -8.068  3.201   -3.275  1.00 41.68  ? 137 LEU A CA  1 
ATOM   1050 C C   . LEU A 1 137 ? -8.425  3.236   -1.797  1.00 42.09  ? 137 LEU A C   1 
ATOM   1051 O O   . LEU A 1 137 ? -7.738  3.865   -0.991  1.00 43.62  ? 137 LEU A O   1 
ATOM   1052 C CB  . LEU A 1 137 ? -7.224  1.956   -3.546  1.00 42.93  ? 137 LEU A CB  1 
ATOM   1053 C CG  . LEU A 1 137 ? -7.020  1.490   -4.982  1.00 43.21  ? 137 LEU A CG  1 
ATOM   1054 C CD1 . LEU A 1 137 ? -6.134  2.470   -5.738  1.00 46.07  ? 137 LEU A CD1 1 
ATOM   1055 C CD2 . LEU A 1 137 ? -6.390  0.109   -4.957  1.00 43.63  ? 137 LEU A CD2 1 
ATOM   1056 N N   . PRO A 1 138 ? -9.523  2.568   -1.424  1.00 38.85  ? 138 PRO A N   1 
ATOM   1057 C CA  . PRO A 1 138 ? -9.939  2.539   -0.020  1.00 39.08  ? 138 PRO A CA  1 
ATOM   1058 C C   . PRO A 1 138 ? -8.935  1.707   0.774   1.00 40.25  ? 138 PRO A C   1 
ATOM   1059 O O   . PRO A 1 138 ? -8.190  0.899   0.194   1.00 39.64  ? 138 PRO A O   1 
ATOM   1060 C CB  . PRO A 1 138 ? -11.309 1.854   -0.072  1.00 43.00  ? 138 PRO A CB  1 
ATOM   1061 C CG  . PRO A 1 138 ? -11.795 2.129   -1.459  1.00 44.83  ? 138 PRO A CG  1 
ATOM   1062 C CD  . PRO A 1 138 ? -10.544 1.953   -2.286  1.00 41.13  ? 138 PRO A CD  1 
ATOM   1063 N N   . PHE A 1 139 ? -8.913  1.897   2.091   1.00 39.42  ? 139 PHE A N   1 
ATOM   1064 C CA  . PHE A 1 139 ? -8.002  1.142   2.940   1.00 38.43  ? 139 PHE A CA  1 
ATOM   1065 C C   . PHE A 1 139 ? -8.620  -0.242  3.072   1.00 37.88  ? 139 PHE A C   1 
ATOM   1066 O O   . PHE A 1 139 ? -9.643  -0.409  3.746   1.00 40.03  ? 139 PHE A O   1 
ATOM   1067 C CB  . PHE A 1 139 ? -7.881  1.826   4.301   1.00 35.22  ? 139 PHE A CB  1 
ATOM   1068 C CG  . PHE A 1 139 ? -6.872  1.195   5.232   1.00 37.33  ? 139 PHE A CG  1 
ATOM   1069 C CD1 . PHE A 1 139 ? -5.679  0.659   4.751   1.00 35.14  ? 139 PHE A CD1 1 
ATOM   1070 C CD2 . PHE A 1 139 ? -7.081  1.232   6.610   1.00 37.28  ? 139 PHE A CD2 1 
ATOM   1071 C CE1 . PHE A 1 139 ? -4.706  0.175   5.628   1.00 38.63  ? 139 PHE A CE1 1 
ATOM   1072 C CE2 . PHE A 1 139 ? -6.114  0.753   7.496   1.00 38.28  ? 139 PHE A CE2 1 
ATOM   1073 C CZ  . PHE A 1 139 ? -4.923  0.224   7.007   1.00 38.82  ? 139 PHE A CZ  1 
ATOM   1074 N N   . PHE A 1 140 ? -8.005  -1.236  2.438   1.00 36.79  ? 140 PHE A N   1 
ATOM   1075 C CA  . PHE A 1 140 ? -8.559  -2.586  2.469   1.00 36.52  ? 140 PHE A CA  1 
ATOM   1076 C C   . PHE A 1 140 ? -8.755  -3.151  3.871   1.00 36.51  ? 140 PHE A C   1 
ATOM   1077 O O   . PHE A 1 140 ? -9.665  -3.947  4.091   1.00 36.74  ? 140 PHE A O   1 
ATOM   1078 C CB  . PHE A 1 140 ? -7.726  -3.544  1.590   1.00 36.09  ? 140 PHE A CB  1 
ATOM   1079 C CG  . PHE A 1 140 ? -6.411  -3.986  2.191   1.00 36.43  ? 140 PHE A CG  1 
ATOM   1080 C CD1 . PHE A 1 140 ? -6.375  -4.930  3.211   1.00 33.73  ? 140 PHE A CD1 1 
ATOM   1081 C CD2 . PHE A 1 140 ? -5.208  -3.474  1.711   1.00 36.21  ? 140 PHE A CD2 1 
ATOM   1082 C CE1 . PHE A 1 140 ? -5.171  -5.365  3.737   1.00 33.51  ? 140 PHE A CE1 1 
ATOM   1083 C CE2 . PHE A 1 140 ? -3.986  -3.904  2.230   1.00 36.63  ? 140 PHE A CE2 1 
ATOM   1084 C CZ  . PHE A 1 140 ? -3.966  -4.854  3.254   1.00 35.69  ? 140 PHE A CZ  1 
ATOM   1085 N N   . MET A 1 141 ? -7.935  -2.715  4.826   1.00 37.33  ? 141 MET A N   1 
ATOM   1086 C CA  . MET A 1 141 ? -8.059  -3.215  6.193   1.00 37.79  ? 141 MET A CA  1 
ATOM   1087 C C   . MET A 1 141 ? -9.412  -2.878  6.856   1.00 38.93  ? 141 MET A C   1 
ATOM   1088 O O   . MET A 1 141 ? -9.798  -3.531  7.822   1.00 39.06  ? 141 MET A O   1 
ATOM   1089 C CB  . MET A 1 141 ? -6.895  -2.709  7.058   1.00 37.82  ? 141 MET A CB  1 
ATOM   1090 C CG  . MET A 1 141 ? -5.559  -3.427  6.810   1.00 38.47  ? 141 MET A CG  1 
ATOM   1091 S SD  . MET A 1 141 ? -5.700  -5.241  6.977   1.00 36.95  ? 141 MET A SD  1 
ATOM   1092 C CE  . MET A 1 141 ? -6.085  -5.415  8.742   1.00 37.78  ? 141 MET A CE  1 
ATOM   1093 N N   . GLU A 1 142 ? -10.132 -1.880  6.336   1.00 41.98  ? 142 GLU A N   1 
ATOM   1094 C CA  . GLU A 1 142 ? -11.455 -1.512  6.891   1.00 43.38  ? 142 GLU A CA  1 
ATOM   1095 C C   . GLU A 1 142 ? -12.425 -2.697  6.848   1.00 42.39  ? 142 GLU A C   1 
ATOM   1096 O O   . GLU A 1 142 ? -13.251 -2.867  7.741   1.00 43.61  ? 142 GLU A O   1 
ATOM   1097 C CB  . GLU A 1 142 ? -12.103 -0.361  6.104   1.00 44.46  ? 142 GLU A CB  1 
ATOM   1098 C CG  . GLU A 1 142 ? -11.408 0.982   6.194   1.00 45.92  ? 142 GLU A CG  1 
ATOM   1099 C CD  . GLU A 1 142 ? -11.263 1.464   7.613   1.00 46.07  ? 142 GLU A CD  1 
ATOM   1100 O OE1 . GLU A 1 142 ? -12.179 1.234   8.425   1.00 48.29  ? 142 GLU A OE1 1 
ATOM   1101 O OE2 . GLU A 1 142 ? -10.238 2.097   7.915   1.00 50.61  ? 142 GLU A OE2 1 
ATOM   1102 N N   . GLU A 1 143 ? -12.327 -3.496  5.792   1.00 38.18  ? 143 GLU A N   1 
ATOM   1103 C CA  . GLU A 1 143 ? -13.179 -4.669  5.618   1.00 38.42  ? 143 GLU A CA  1 
ATOM   1104 C C   . GLU A 1 143 ? -12.666 -5.834  6.459   1.00 36.13  ? 143 GLU A C   1 
ATOM   1105 O O   . GLU A 1 143 ? -13.447 -6.679  6.904   1.00 36.32  ? 143 GLU A O   1 
ATOM   1106 C CB  . GLU A 1 143 ? -13.204 -5.100  4.147   1.00 45.79  ? 143 GLU A CB  1 
ATOM   1107 C CG  . GLU A 1 143 ? -13.505 -3.981  3.171   1.00 53.40  ? 143 GLU A CG  1 
ATOM   1108 C CD  . GLU A 1 143 ? -14.900 -3.440  3.329   1.00 55.32  ? 143 GLU A CD  1 
ATOM   1109 O OE1 . GLU A 1 143 ? -15.089 -2.224  3.104   1.00 60.86  ? 143 GLU A OE1 1 
ATOM   1110 O OE2 . GLU A 1 143 ? -15.810 -4.229  3.669   1.00 57.04  ? 143 GLU A OE2 1 
ATOM   1111 N N   . VAL A 1 144 ? -11.352 -5.888  6.663   1.00 33.13  ? 144 VAL A N   1 
ATOM   1112 C CA  . VAL A 1 144 ? -10.751 -6.966  7.443   1.00 31.88  ? 144 VAL A CA  1 
ATOM   1113 C C   . VAL A 1 144 ? -11.069 -6.829  8.929   1.00 32.27  ? 144 VAL A C   1 
ATOM   1114 O O   . VAL A 1 144 ? -11.298 -7.824  9.609   1.00 32.74  ? 144 VAL A O   1 
ATOM   1115 C CB  . VAL A 1 144 ? -9.210  -7.023  7.247   1.00 34.59  ? 144 VAL A CB  1 
ATOM   1116 C CG1 . VAL A 1 144 ? -8.626  -8.190  8.005   1.00 33.44  ? 144 VAL A CG1 1 
ATOM   1117 C CG2 . VAL A 1 144 ? -8.872  -7.172  5.760   1.00 36.39  ? 144 VAL A CG2 1 
ATOM   1118 N N   . TYR A 1 145 ? -11.091 -5.597  9.433   1.00 36.99  ? 145 TYR A N   1 
ATOM   1119 C CA  . TYR A 1 145 ? -11.407 -5.362  10.844  1.00 39.65  ? 145 TYR A CA  1 
ATOM   1120 C C   . TYR A 1 145 ? -12.785 -5.904  11.194  1.00 40.00  ? 145 TYR A C   1 
ATOM   1121 O O   . TYR A 1 145 ? -13.032 -6.309  12.329  1.00 41.15  ? 145 TYR A O   1 
ATOM   1122 C CB  . TYR A 1 145 ? -11.396 -3.870  11.163  1.00 35.69  ? 145 TYR A CB  1 
ATOM   1123 C CG  . TYR A 1 145 ? -10.061 -3.198  11.007  1.00 37.30  ? 145 TYR A CG  1 
ATOM   1124 C CD1 . TYR A 1 145 ? -9.982  -1.879  10.564  1.00 36.59  ? 145 TYR A CD1 1 
ATOM   1125 C CD2 . TYR A 1 145 ? -8.872  -3.857  11.338  1.00 36.74  ? 145 TYR A CD2 1 
ATOM   1126 C CE1 . TYR A 1 145 ? -8.769  -1.229  10.456  1.00 38.29  ? 145 TYR A CE1 1 
ATOM   1127 C CE2 . TYR A 1 145 ? -7.647  -3.209  11.231  1.00 35.67  ? 145 TYR A CE2 1 
ATOM   1128 C CZ  . TYR A 1 145 ? -7.603  -1.899  10.791  1.00 37.77  ? 145 TYR A CZ  1 
ATOM   1129 O OH  . TYR A 1 145 ? -6.397  -1.244  10.682  1.00 39.77  ? 145 TYR A OH  1 
ATOM   1130 N N   . LEU A 1 146 ? -13.694 -5.887  10.224  1.00 36.51  ? 146 LEU A N   1 
ATOM   1131 C CA  . LEU A 1 146 ? -15.044 -6.373  10.465  1.00 35.96  ? 146 LEU A CA  1 
ATOM   1132 C C   . LEU A 1 146 ? -15.117 -7.887  10.585  1.00 35.91  ? 146 LEU A C   1 
ATOM   1133 O O   . LEU A 1 146 ? -16.202 -8.436  10.741  1.00 34.30  ? 146 LEU A O   1 
ATOM   1134 C CB  . LEU A 1 146 ? -15.994 -5.906  9.357   1.00 39.39  ? 146 LEU A CB  1 
ATOM   1135 C CG  . LEU A 1 146 ? -16.038 -4.396  9.079   1.00 41.81  ? 146 LEU A CG  1 
ATOM   1136 C CD1 . LEU A 1 146 ? -17.037 -4.126  7.949   1.00 42.12  ? 146 LEU A CD1 1 
ATOM   1137 C CD2 . LEU A 1 146 ? -16.436 -3.625  10.338  1.00 39.84  ? 146 LEU A CD2 1 
ATOM   1138 N N   . LYS A 1 147 ? -13.978 -8.573  10.499  1.00 37.29  ? 147 LYS A N   1 
ATOM   1139 C CA  . LYS A 1 147 ? -13.981 -10.030 10.652  1.00 38.60  ? 147 LYS A CA  1 
ATOM   1140 C C   . LYS A 1 147 ? -12.813 -10.466 11.526  1.00 38.30  ? 147 LYS A C   1 
ATOM   1141 O O   . LYS A 1 147 ? -11.717 -10.747 11.041  1.00 39.78  ? 147 LYS A O   1 
ATOM   1142 C CB  . LYS A 1 147 ? -13.947 -10.720 9.287   1.00 47.01  ? 147 LYS A CB  1 
ATOM   1143 C CG  . LYS A 1 147 ? -15.253 -10.503 8.519   1.00 50.85  ? 147 LYS A CG  1 
ATOM   1144 C CD  . LYS A 1 147 ? -15.376 -11.384 7.298   1.00 54.23  ? 147 LYS A CD  1 
ATOM   1145 C CE  . LYS A 1 147 ? -16.663 -11.079 6.538   1.00 55.65  ? 147 LYS A CE  1 
ATOM   1146 N NZ  . LYS A 1 147 ? -17.885 -11.360 7.343   1.00 58.38  ? 147 LYS A NZ  1 
ATOM   1147 N N   . PRO A 1 148 ? -13.040 -10.528 12.842  1.00 37.35  ? 148 PRO A N   1 
ATOM   1148 C CA  . PRO A 1 148 ? -11.990 -10.923 13.787  1.00 35.59  ? 148 PRO A CA  1 
ATOM   1149 C C   . PRO A 1 148 ? -11.218 -12.175 13.384  1.00 35.88  ? 148 PRO A C   1 
ATOM   1150 O O   . PRO A 1 148 ? -10.019 -12.268 13.649  1.00 35.88  ? 148 PRO A O   1 
ATOM   1151 C CB  . PRO A 1 148 ? -12.748 -11.116 15.094  1.00 33.65  ? 148 PRO A CB  1 
ATOM   1152 C CG  . PRO A 1 148 ? -13.931 -10.179 14.951  1.00 35.23  ? 148 PRO A CG  1 
ATOM   1153 C CD  . PRO A 1 148 ? -14.343 -10.377 13.517  1.00 32.07  ? 148 PRO A CD  1 
ATOM   1154 N N   . GLN A 1 149 ? -11.907 -13.135 12.758  1.00 33.86  ? 149 GLN A N   1 
ATOM   1155 C CA  . GLN A 1 149 ? -11.275 -14.378 12.334  1.00 33.83  ? 149 GLN A CA  1 
ATOM   1156 C C   . GLN A 1 149 ? -10.225 -14.172 11.234  1.00 36.01  ? 149 GLN A C   1 
ATOM   1157 O O   . GLN A 1 149 ? -9.552  -15.120 10.819  1.00 36.74  ? 149 GLN A O   1 
ATOM   1158 C CB  . GLN A 1 149 ? -12.341 -15.408 11.888  1.00 33.28  ? 149 GLN A CB  1 
ATOM   1159 C CG  . GLN A 1 149 ? -13.191 -15.045 10.650  1.00 32.54  ? 149 GLN A CG  1 
ATOM   1160 C CD  . GLN A 1 149 ? -14.496 -14.299 10.975  1.00 35.98  ? 149 GLN A CD  1 
ATOM   1161 O OE1 . GLN A 1 149 ? -15.555 -14.619 10.423  1.00 37.51  ? 149 GLN A OE1 1 
ATOM   1162 N NE2 . GLN A 1 149 ? -14.417 -13.288 11.844  1.00 32.65  ? 149 GLN A NE2 1 
ATOM   1163 N N   . TRP A 1 150 ? -10.095 -12.936 10.760  1.00 37.59  ? 150 TRP A N   1 
ATOM   1164 C CA  . TRP A 1 150 ? -9.114  -12.611 9.731   1.00 38.18  ? 150 TRP A CA  1 
ATOM   1165 C C   . TRP A 1 150 ? -8.006  -11.722 10.308  1.00 41.32  ? 150 TRP A C   1 
ATOM   1166 O O   . TRP A 1 150 ? -7.140  -11.252 9.569   1.00 40.99  ? 150 TRP A O   1 
ATOM   1167 C CB  . TRP A 1 150 ? -9.757  -11.869 8.552   1.00 32.50  ? 150 TRP A CB  1 
ATOM   1168 C CG  . TRP A 1 150 ? -10.599 -12.700 7.645   1.00 32.17  ? 150 TRP A CG  1 
ATOM   1169 C CD1 . TRP A 1 150 ? -10.724 -14.065 7.648   1.00 32.73  ? 150 TRP A CD1 1 
ATOM   1170 C CD2 . TRP A 1 150 ? -11.464 -12.222 6.606   1.00 33.39  ? 150 TRP A CD2 1 
ATOM   1171 N NE1 . TRP A 1 150 ? -11.615 -14.458 6.681   1.00 32.56  ? 150 TRP A NE1 1 
ATOM   1172 C CE2 . TRP A 1 150 ? -12.086 -13.350 6.029   1.00 33.26  ? 150 TRP A CE2 1 
ATOM   1173 C CE3 . TRP A 1 150 ? -11.772 -10.948 6.108   1.00 34.77  ? 150 TRP A CE3 1 
ATOM   1174 C CZ2 . TRP A 1 150 ? -13.007 -13.245 4.976   1.00 35.15  ? 150 TRP A CZ2 1 
ATOM   1175 C CZ3 . TRP A 1 150 ? -12.690 -10.841 5.058   1.00 35.09  ? 150 TRP A CZ3 1 
ATOM   1176 C CH2 . TRP A 1 150 ? -13.296 -11.989 4.508   1.00 36.48  ? 150 TRP A CH2 1 
ATOM   1177 N N   . MET A 1 151 ? -8.038  -11.476 11.617  1.00 38.97  ? 151 MET A N   1 
ATOM   1178 C CA  . MET A 1 151 ? -7.017  -10.641 12.254  1.00 40.43  ? 151 MET A CA  1 
ATOM   1179 C C   . MET A 1 151 ? -6.082  -11.469 13.130  1.00 41.18  ? 151 MET A C   1 
ATOM   1180 O O   . MET A 1 151 ? -6.519  -12.424 13.778  1.00 41.67  ? 151 MET A O   1 
ATOM   1181 C CB  . MET A 1 151 ? -7.673  -9.576  13.138  1.00 37.52  ? 151 MET A CB  1 
ATOM   1182 C CG  . MET A 1 151 ? -8.511  -8.573  12.405  1.00 38.50  ? 151 MET A CG  1 
ATOM   1183 S SD  . MET A 1 151 ? -7.540  -7.585  11.269  1.00 41.51  ? 151 MET A SD  1 
ATOM   1184 C CE  . MET A 1 151 ? -6.633  -6.512  12.411  1.00 40.51  ? 151 MET A CE  1 
ATOM   1185 N N   . GLN A 1 152 ? -4.801  -11.113 13.155  1.00 38.38  ? 152 GLN A N   1 
ATOM   1186 C CA  . GLN A 1 152 ? -3.861  -11.823 14.019  1.00 41.20  ? 152 GLN A CA  1 
ATOM   1187 C C   . GLN A 1 152 ? -4.074  -11.247 15.430  1.00 43.00  ? 152 GLN A C   1 
ATOM   1188 O O   . GLN A 1 152 ? -4.761  -10.229 15.586  1.00 40.83  ? 152 GLN A O   1 
ATOM   1189 C CB  . GLN A 1 152 ? -2.403  -11.610 13.549  1.00 41.78  ? 152 GLN A CB  1 
ATOM   1190 C CG  . GLN A 1 152 ? -2.164  -12.012 12.088  1.00 40.54  ? 152 GLN A CG  1 
ATOM   1191 C CD  . GLN A 1 152 ? -0.688  -12.063 11.671  1.00 44.73  ? 152 GLN A CD  1 
ATOM   1192 O OE1 . GLN A 1 152 ? -0.367  -11.971 10.477  1.00 42.36  ? 152 GLN A OE1 1 
ATOM   1193 N NE2 . GLN A 1 152 ? 0.208   -12.233 12.643  1.00 40.26  ? 152 GLN A NE2 1 
ATOM   1194 N N   . ASP A 1 153 ? -3.489  -11.891 16.442  1.00 53.93  ? 153 ASP A N   1 
ATOM   1195 C CA  . ASP A 1 153 ? -3.618  -11.452 17.839  1.00 56.88  ? 153 ASP A CA  1 
ATOM   1196 C C   . ASP A 1 153 ? -3.401  -9.951  18.070  1.00 56.62  ? 153 ASP A C   1 
ATOM   1197 O O   . ASP A 1 153 ? -4.214  -9.298  18.730  1.00 58.30  ? 153 ASP A O   1 
ATOM   1198 C CB  . ASP A 1 153 ? -2.647  -12.228 18.748  1.00 76.23  ? 153 ASP A CB  1 
ATOM   1199 C CG  . ASP A 1 153 ? -2.971  -13.715 18.834  1.00 79.95  ? 153 ASP A CG  1 
ATOM   1200 O OD1 . ASP A 1 153 ? -4.144  -14.092 18.604  1.00 82.28  ? 153 ASP A OD1 1 
ATOM   1201 O OD2 . ASP A 1 153 ? -2.058  -14.510 19.151  1.00 82.75  ? 153 ASP A OD2 1 
ATOM   1202 N N   . ASP A 1 154 ? -2.318  -9.394  17.538  1.00 50.09  ? 154 ASP A N   1 
ATOM   1203 C CA  . ASP A 1 154 ? -2.053  -7.973  17.748  1.00 48.74  ? 154 ASP A CA  1 
ATOM   1204 C C   . ASP A 1 154 ? -3.184  -7.036  17.303  1.00 48.14  ? 154 ASP A C   1 
ATOM   1205 O O   . ASP A 1 154 ? -3.112  -5.828  17.517  1.00 48.31  ? 154 ASP A O   1 
ATOM   1206 C CB  . ASP A 1 154 ? -0.736  -7.561  17.069  1.00 44.92  ? 154 ASP A CB  1 
ATOM   1207 C CG  . ASP A 1 154 ? -0.748  -7.787  15.571  1.00 45.17  ? 154 ASP A CG  1 
ATOM   1208 O OD1 . ASP A 1 154 ? -1.848  -7.992  15.011  1.00 42.63  ? 154 ASP A OD1 1 
ATOM   1209 O OD2 . ASP A 1 154 ? 0.345   -7.752  14.955  1.00 42.36  ? 154 ASP A OD2 1 
ATOM   1210 N N   . GLY A 1 155 ? -4.227  -7.588  16.686  1.00 47.37  ? 155 GLY A N   1 
ATOM   1211 C CA  . GLY A 1 155 ? -5.339  -6.765  16.234  1.00 46.04  ? 155 GLY A CA  1 
ATOM   1212 C C   . GLY A 1 155 ? -4.938  -5.660  15.270  1.00 47.00  ? 155 GLY A C   1 
ATOM   1213 O O   . GLY A 1 155 ? -5.646  -4.649  15.122  1.00 46.32  ? 155 GLY A O   1 
ATOM   1214 N N   . ILE A 1 156 ? -3.800  -5.860  14.606  1.00 44.37  ? 156 ILE A N   1 
ATOM   1215 C CA  . ILE A 1 156 ? -3.264  -4.896  13.648  1.00 42.80  ? 156 ILE A CA  1 
ATOM   1216 C C   . ILE A 1 156 ? -3.044  -5.511  12.257  1.00 42.29  ? 156 ILE A C   1 
ATOM   1217 O O   . ILE A 1 156 ? -3.400  -4.913  11.244  1.00 42.25  ? 156 ILE A O   1 
ATOM   1218 C CB  . ILE A 1 156 ? -1.904  -4.340  14.131  1.00 42.37  ? 156 ILE A CB  1 
ATOM   1219 C CG1 . ILE A 1 156 ? -2.080  -3.558  15.429  1.00 43.46  ? 156 ILE A CG1 1 
ATOM   1220 C CG2 . ILE A 1 156 ? -1.293  -3.446  13.073  1.00 41.05  ? 156 ILE A CG2 1 
ATOM   1221 C CD1 . ILE A 1 156 ? -0.762  -3.148  16.055  1.00 45.42  ? 156 ILE A CD1 1 
ATOM   1222 N N   . HIS A 1 157 ? -2.456  -6.703  12.206  1.00 36.13  ? 157 HIS A N   1 
ATOM   1223 C CA  . HIS A 1 157 ? -2.170  -7.333  10.926  1.00 35.63  ? 157 HIS A CA  1 
ATOM   1224 C C   . HIS A 1 157 ? -3.142  -8.442  10.529  1.00 34.07  ? 157 HIS A C   1 
ATOM   1225 O O   . HIS A 1 157 ? -3.624  -9.191  11.373  1.00 34.64  ? 157 HIS A O   1 
ATOM   1226 C CB  . HIS A 1 157 ? -0.735  -7.895  10.929  1.00 36.58  ? 157 HIS A CB  1 
ATOM   1227 C CG  . HIS A 1 157 ? 0.316   -6.893  11.298  1.00 36.55  ? 157 HIS A CG  1 
ATOM   1228 N ND1 . HIS A 1 157 ? 0.808   -6.769  12.577  1.00 36.82  ? 157 HIS A ND1 1 
ATOM   1229 C CD2 . HIS A 1 157 ? 0.969   -5.967  10.553  1.00 39.14  ? 157 HIS A CD2 1 
ATOM   1230 C CE1 . HIS A 1 157 ? 1.721   -5.812  12.609  1.00 39.69  ? 157 HIS A CE1 1 
ATOM   1231 N NE2 . HIS A 1 157 ? 1.838   -5.308  11.391  1.00 37.59  ? 157 HIS A NE2 1 
ATOM   1232 N N   . PRO A 1 158 ? -3.457  -8.548  9.228   1.00 33.96  ? 158 PRO A N   1 
ATOM   1233 C CA  . PRO A 1 158 ? -4.373  -9.591  8.749   1.00 33.68  ? 158 PRO A CA  1 
ATOM   1234 C C   . PRO A 1 158 ? -3.630  -10.927 8.767   1.00 34.01  ? 158 PRO A C   1 
ATOM   1235 O O   . PRO A 1 158 ? -2.407  -10.960 8.568   1.00 32.26  ? 158 PRO A O   1 
ATOM   1236 C CB  . PRO A 1 158 ? -4.713  -9.128  7.333   1.00 38.22  ? 158 PRO A CB  1 
ATOM   1237 C CG  . PRO A 1 158 ? -3.431  -8.463  6.896   1.00 37.51  ? 158 PRO A CG  1 
ATOM   1238 C CD  . PRO A 1 158 ? -3.097  -7.632  8.130   1.00 37.07  ? 158 PRO A CD  1 
ATOM   1239 N N   . ASN A 1 159 ? -4.359  -12.016 9.006   1.00 34.74  ? 159 ASN A N   1 
ATOM   1240 C CA  . ASN A 1 159 ? -3.743  -13.339 9.079   1.00 36.72  ? 159 ASN A CA  1 
ATOM   1241 C C   . ASN A 1 159 ? -3.693  -14.084 7.740   1.00 36.80  ? 159 ASN A C   1 
ATOM   1242 O O   . ASN A 1 159 ? -4.071  -13.544 6.701   1.00 36.97  ? 159 ASN A O   1 
ATOM   1243 C CB  . ASN A 1 159 ? -4.459  -14.209 10.118  1.00 33.95  ? 159 ASN A CB  1 
ATOM   1244 C CG  . ASN A 1 159 ? -5.935  -14.433 9.791   1.00 35.26  ? 159 ASN A CG  1 
ATOM   1245 O OD1 . ASN A 1 159 ? -6.365  -14.253 8.652   1.00 36.88  ? 159 ASN A OD1 1 
ATOM   1246 N ND2 . ASN A 1 159 ? -6.711  -14.843 10.791  1.00 32.81  ? 159 ASN A ND2 1 
ATOM   1247 N N   . ARG A 1 160 ? -3.230  -15.332 7.778   1.00 37.39  ? 160 ARG A N   1 
ATOM   1248 C CA  . ARG A 1 160 ? -3.125  -16.142 6.567   1.00 37.36  ? 160 ARG A CA  1 
ATOM   1249 C C   . ARG A 1 160 ? -4.483  -16.361 5.931   1.00 36.21  ? 160 ARG A C   1 
ATOM   1250 O O   . ARG A 1 160 ? -4.642  -16.202 4.720   1.00 37.20  ? 160 ARG A O   1 
ATOM   1251 C CB  . ARG A 1 160 ? -2.484  -17.492 6.884   1.00 39.38  ? 160 ARG A CB  1 
ATOM   1252 C CG  . ARG A 1 160 ? -1.010  -17.388 7.207   1.00 39.41  ? 160 ARG A CG  1 
ATOM   1253 C CD  . ARG A 1 160 ? -0.368  -18.761 7.236   1.00 41.05  ? 160 ARG A CD  1 
ATOM   1254 N NE  . ARG A 1 160 ? 1.080   -18.679 7.392   1.00 39.20  ? 160 ARG A NE  1 
ATOM   1255 C CZ  . ARG A 1 160 ? 1.698   -18.584 8.566   1.00 41.48  ? 160 ARG A CZ  1 
ATOM   1256 N NH1 . ARG A 1 160 ? 0.997   -18.562 9.701   1.00 38.19  ? 160 ARG A NH1 1 
ATOM   1257 N NH2 . ARG A 1 160 ? 3.022   -18.508 8.606   1.00 39.16  ? 160 ARG A NH2 1 
ATOM   1258 N N   . ASP A 1 161 ? -5.464  -16.712 6.757   1.00 37.56  ? 161 ASP A N   1 
ATOM   1259 C CA  . ASP A 1 161 ? -6.823  -16.950 6.284   1.00 37.56  ? 161 ASP A CA  1 
ATOM   1260 C C   . ASP A 1 161 ? -7.397  -15.782 5.485   1.00 36.08  ? 161 ASP A C   1 
ATOM   1261 O O   . ASP A 1 161 ? -8.170  -15.989 4.554   1.00 36.69  ? 161 ASP A O   1 
ATOM   1262 C CB  . ASP A 1 161 ? -7.736  -17.255 7.471   1.00 42.53  ? 161 ASP A CB  1 
ATOM   1263 C CG  . ASP A 1 161 ? -7.627  -18.693 7.935   1.00 46.65  ? 161 ASP A CG  1 
ATOM   1264 O OD1 . ASP A 1 161 ? -6.645  -19.375 7.556   1.00 46.61  ? 161 ASP A OD1 1 
ATOM   1265 O OD2 . ASP A 1 161 ? -8.519  -19.142 8.686   1.00 47.52  ? 161 ASP A OD2 1 
ATOM   1266 N N   . ALA A 1 162 ? -6.988  -14.564 5.835   1.00 32.92  ? 162 ALA A N   1 
ATOM   1267 C CA  . ALA A 1 162 ? -7.471  -13.351 5.185   1.00 29.66  ? 162 ALA A CA  1 
ATOM   1268 C C   . ALA A 1 162 ? -6.895  -13.030 3.807   1.00 31.91  ? 162 ALA A C   1 
ATOM   1269 O O   . ALA A 1 162 ? -7.561  -12.385 2.992   1.00 28.40  ? 162 ALA A O   1 
ATOM   1270 C CB  . ALA A 1 162 ? -7.233  -12.155 6.104   1.00 37.82  ? 162 ALA A CB  1 
ATOM   1271 N N   . GLN A 1 163 ? -5.665  -13.463 3.544   1.00 31.58  ? 163 GLN A N   1 
ATOM   1272 C CA  . GLN A 1 163 ? -5.015  -13.131 2.277   1.00 31.91  ? 163 GLN A CA  1 
ATOM   1273 C C   . GLN A 1 163 ? -5.821  -13.437 1.021   1.00 31.86  ? 163 GLN A C   1 
ATOM   1274 O O   . GLN A 1 163 ? -5.931  -12.596 0.129   1.00 34.19  ? 163 GLN A O   1 
ATOM   1275 C CB  . GLN A 1 163 ? -3.631  -13.796 2.199   1.00 33.00  ? 163 GLN A CB  1 
ATOM   1276 C CG  . GLN A 1 163 ? -2.718  -13.550 3.409   1.00 32.04  ? 163 GLN A CG  1 
ATOM   1277 C CD  . GLN A 1 163 ? -2.524  -12.077 3.769   1.00 32.35  ? 163 GLN A CD  1 
ATOM   1278 O OE1 . GLN A 1 163 ? -2.896  -11.640 4.862   1.00 35.70  ? 163 GLN A OE1 1 
ATOM   1279 N NE2 . GLN A 1 163 ? -1.943  -11.309 2.854   1.00 29.19  ? 163 GLN A NE2 1 
ATOM   1280 N N   . PRO A 1 164 ? -6.397  -14.643 0.925   1.00 36.07  ? 164 PRO A N   1 
ATOM   1281 C CA  . PRO A 1 164 ? -7.180  -14.961 -0.274  1.00 36.47  ? 164 PRO A CA  1 
ATOM   1282 C C   . PRO A 1 164 ? -8.309  -13.952 -0.495  1.00 38.64  ? 164 PRO A C   1 
ATOM   1283 O O   . PRO A 1 164 ? -8.579  -13.540 -1.628  1.00 38.57  ? 164 PRO A O   1 
ATOM   1284 C CB  . PRO A 1 164 ? -7.708  -16.369 0.016   1.00 41.73  ? 164 PRO A CB  1 
ATOM   1285 C CG  . PRO A 1 164 ? -6.647  -16.953 0.904   1.00 41.51  ? 164 PRO A CG  1 
ATOM   1286 C CD  . PRO A 1 164 ? -6.321  -15.802 1.830   1.00 39.04  ? 164 PRO A CD  1 
ATOM   1287 N N   . PHE A 1 165 ? -8.966  -13.532 0.581   1.00 36.42  ? 165 PHE A N   1 
ATOM   1288 C CA  . PHE A 1 165 ? -10.056 -12.578 0.418   1.00 36.48  ? 165 PHE A CA  1 
ATOM   1289 C C   . PHE A 1 165 ? -9.515  -11.213 0.042   1.00 36.13  ? 165 PHE A C   1 
ATOM   1290 O O   . PHE A 1 165 ? -10.082 -10.528 -0.804  1.00 34.46  ? 165 PHE A O   1 
ATOM   1291 C CB  . PHE A 1 165 ? -10.899 -12.506 1.685   1.00 43.01  ? 165 PHE A CB  1 
ATOM   1292 C CG  . PHE A 1 165 ? -11.433 -13.844 2.119   1.00 45.32  ? 165 PHE A CG  1 
ATOM   1293 C CD1 . PHE A 1 165 ? -10.696 -14.651 2.975   1.00 46.84  ? 165 PHE A CD1 1 
ATOM   1294 C CD2 . PHE A 1 165 ? -12.664 -14.304 1.657   1.00 47.24  ? 165 PHE A CD2 1 
ATOM   1295 C CE1 . PHE A 1 165 ? -11.174 -15.899 3.373   1.00 48.95  ? 165 PHE A CE1 1 
ATOM   1296 C CE2 . PHE A 1 165 ? -13.158 -15.554 2.048   1.00 48.02  ? 165 PHE A CE2 1 
ATOM   1297 C CZ  . PHE A 1 165 ? -12.411 -16.353 2.911   1.00 48.99  ? 165 PHE A CZ  1 
ATOM   1298 N N   . ILE A 1 166 ? -8.397  -10.820 0.649   1.00 38.96  ? 166 ILE A N   1 
ATOM   1299 C CA  . ILE A 1 166 ? -7.799  -9.532  0.323   1.00 37.33  ? 166 ILE A CA  1 
ATOM   1300 C C   . ILE A 1 166 ? -7.374  -9.567  -1.150  1.00 39.39  ? 166 ILE A C   1 
ATOM   1301 O O   . ILE A 1 166 ? -7.480  -8.560  -1.861  1.00 40.80  ? 166 ILE A O   1 
ATOM   1302 C CB  . ILE A 1 166 ? -6.558  -9.247  1.207   1.00 32.77  ? 166 ILE A CB  1 
ATOM   1303 C CG1 . ILE A 1 166 ? -6.969  -9.211  2.695   1.00 31.96  ? 166 ILE A CG1 1 
ATOM   1304 C CG2 . ILE A 1 166 ? -5.923  -7.932  0.797   1.00 29.24  ? 166 ILE A CG2 1 
ATOM   1305 C CD1 . ILE A 1 166 ? -5.802  -9.189  3.670   1.00 31.65  ? 166 ILE A CD1 1 
ATOM   1306 N N   . ALA A 1 167 ? -6.905  -10.724 -1.617  1.00 32.50  ? 167 ALA A N   1 
ATOM   1307 C CA  . ALA A 1 167 ? -6.479  -10.845 -3.010  1.00 33.84  ? 167 ALA A CA  1 
ATOM   1308 C C   . ALA A 1 167 ? -7.648  -10.583 -3.966  1.00 34.28  ? 167 ALA A C   1 
ATOM   1309 O O   . ALA A 1 167 ? -7.513  -9.805  -4.902  1.00 34.93  ? 167 ALA A O   1 
ATOM   1310 C CB  . ALA A 1 167 ? -5.869  -12.243 -3.268  1.00 36.00  ? 167 ALA A CB  1 
ATOM   1311 N N   . ASP A 1 168 ? -8.794  -11.216 -3.725  1.00 43.20  ? 168 ASP A N   1 
ATOM   1312 C CA  . ASP A 1 168 ? -9.956  -11.012 -4.601  1.00 42.97  ? 168 ASP A CA  1 
ATOM   1313 C C   . ASP A 1 168 ? -10.445 -9.566  -4.540  1.00 43.26  ? 168 ASP A C   1 
ATOM   1314 O O   . ASP A 1 168 ? -10.754 -8.954  -5.564  1.00 43.45  ? 168 ASP A O   1 
ATOM   1315 C CB  . ASP A 1 168 ? -11.084 -11.971 -4.234  1.00 48.92  ? 168 ASP A CB  1 
ATOM   1316 C CG  . ASP A 1 168 ? -10.735 -13.419 -4.545  1.00 53.12  ? 168 ASP A CG  1 
ATOM   1317 O OD1 . ASP A 1 168 ? -9.942  -13.646 -5.491  1.00 55.99  ? 168 ASP A OD1 1 
ATOM   1318 O OD2 . ASP A 1 168 ? -11.250 -14.329 -3.861  1.00 52.92  ? 168 ASP A OD2 1 
ATOM   1319 N N   . TRP A 1 169 ? -10.485 -9.012  -3.336  1.00 40.90  ? 169 TRP A N   1 
ATOM   1320 C CA  . TRP A 1 169 ? -10.907 -7.634  -3.144  1.00 39.30  ? 169 TRP A CA  1 
ATOM   1321 C C   . TRP A 1 169 ? -10.003 -6.679  -3.918  1.00 38.16  ? 169 TRP A C   1 
ATOM   1322 O O   . TRP A 1 169 ? -10.480 -5.744  -4.574  1.00 37.67  ? 169 TRP A O   1 
ATOM   1323 C CB  . TRP A 1 169 ? -10.861 -7.296  -1.658  1.00 44.00  ? 169 TRP A CB  1 
ATOM   1324 C CG  . TRP A 1 169 ? -11.566 -6.037  -1.282  1.00 44.99  ? 169 TRP A CG  1 
ATOM   1325 C CD1 . TRP A 1 169 ? -12.877 -5.907  -0.909  1.00 46.37  ? 169 TRP A CD1 1 
ATOM   1326 C CD2 . TRP A 1 169 ? -10.981 -4.736  -1.166  1.00 43.65  ? 169 TRP A CD2 1 
ATOM   1327 N NE1 . TRP A 1 169 ? -13.134 -4.604  -0.555  1.00 44.62  ? 169 TRP A NE1 1 
ATOM   1328 C CE2 . TRP A 1 169 ? -11.991 -3.866  -0.705  1.00 43.09  ? 169 TRP A CE2 1 
ATOM   1329 C CE3 . TRP A 1 169 ? -9.697  -4.222  -1.404  1.00 44.78  ? 169 TRP A CE3 1 
ATOM   1330 C CZ2 . TRP A 1 169 ? -11.761 -2.507  -0.476  1.00 45.19  ? 169 TRP A CZ2 1 
ATOM   1331 C CZ3 . TRP A 1 169 ? -9.467  -2.872  -1.177  1.00 43.88  ? 169 TRP A CZ3 1 
ATOM   1332 C CH2 . TRP A 1 169 ? -10.498 -2.029  -0.715  1.00 43.79  ? 169 TRP A CH2 1 
ATOM   1333 N N   . MET A 1 170 ? -8.692  -6.897  -3.841  1.00 34.22  ? 170 MET A N   1 
ATOM   1334 C CA  . MET A 1 170 ? -7.763  -6.028  -4.554  1.00 34.04  ? 170 MET A CA  1 
ATOM   1335 C C   . MET A 1 170 ? -7.916  -6.196  -6.062  1.00 34.28  ? 170 MET A C   1 
ATOM   1336 O O   . MET A 1 170 ? -7.838  -5.224  -6.817  1.00 32.52  ? 170 MET A O   1 
ATOM   1337 C CB  . MET A 1 170 ? -6.311  -6.309  -4.135  1.00 38.87  ? 170 MET A CB  1 
ATOM   1338 C CG  . MET A 1 170 ? -5.952  -5.791  -2.739  1.00 41.35  ? 170 MET A CG  1 
ATOM   1339 S SD  . MET A 1 170 ? -6.172  -3.980  -2.579  1.00 43.60  ? 170 MET A SD  1 
ATOM   1340 C CE  . MET A 1 170 ? -4.985  -3.416  -3.690  1.00 31.65  ? 170 MET A CE  1 
ATOM   1341 N N   . ALA A 1 171 ? -8.134  -7.430  -6.502  1.00 35.61  ? 171 ALA A N   1 
ATOM   1342 C CA  . ALA A 1 171 ? -8.315  -7.678  -7.923  1.00 36.35  ? 171 ALA A CA  1 
ATOM   1343 C C   . ALA A 1 171 ? -9.485  -6.824  -8.422  1.00 38.30  ? 171 ALA A C   1 
ATOM   1344 O O   . ALA A 1 171 ? -9.375  -6.160  -9.446  1.00 36.47  ? 171 ALA A O   1 
ATOM   1345 C CB  . ALA A 1 171 ? -8.591  -9.163  -8.172  1.00 34.94  ? 171 ALA A CB  1 
ATOM   1346 N N   . LYS A 1 172 ? -10.593 -6.831  -7.684  1.00 40.58  ? 172 LYS A N   1 
ATOM   1347 C CA  . LYS A 1 172 ? -11.766 -6.052  -8.073  1.00 43.83  ? 172 LYS A CA  1 
ATOM   1348 C C   . LYS A 1 172 ? -11.464 -4.561  -8.104  1.00 43.09  ? 172 LYS A C   1 
ATOM   1349 O O   . LYS A 1 172 ? -11.851 -3.858  -9.042  1.00 41.61  ? 172 LYS A O   1 
ATOM   1350 C CB  . LYS A 1 172 ? -12.930 -6.307  -7.117  1.00 66.99  ? 172 LYS A CB  1 
ATOM   1351 C CG  . LYS A 1 172 ? -13.319 -7.769  -7.006  1.00 72.49  ? 172 LYS A CG  1 
ATOM   1352 C CD  . LYS A 1 172 ? -14.525 -7.958  -6.091  1.00 76.78  ? 172 LYS A CD  1 
ATOM   1353 C CE  . LYS A 1 172 ? -14.900 -9.436  -5.970  1.00 80.43  ? 172 LYS A CE  1 
ATOM   1354 N NZ  . LYS A 1 172 ? -13.792 -10.287 -5.420  1.00 83.26  ? 172 LYS A NZ  1 
ATOM   1355 N N   . GLN A 1 173 ? -10.771 -4.071  -7.084  1.00 43.03  ? 173 GLN A N   1 
ATOM   1356 C CA  . GLN A 1 173 ? -10.434 -2.653  -7.036  1.00 42.36  ? 173 GLN A CA  1 
ATOM   1357 C C   . GLN A 1 173 ? -9.510  -2.254  -8.177  1.00 43.79  ? 173 GLN A C   1 
ATOM   1358 O O   . GLN A 1 173 ? -9.721  -1.220  -8.826  1.00 42.13  ? 173 GLN A O   1 
ATOM   1359 C CB  . GLN A 1 173 ? -9.766  -2.307  -5.706  1.00 48.88  ? 173 GLN A CB  1 
ATOM   1360 C CG  . GLN A 1 173 ? -10.751 -1.961  -4.612  1.00 52.89  ? 173 GLN A CG  1 
ATOM   1361 C CD  . GLN A 1 173 ? -11.281 -0.543  -4.753  1.00 52.97  ? 173 GLN A CD  1 
ATOM   1362 O OE1 . GLN A 1 173 ? -12.301 -0.198  -4.183  1.00 54.89  ? 173 GLN A OE1 1 
ATOM   1363 N NE2 . GLN A 1 173 ? -10.569 0.285   -5.506  1.00 56.56  ? 173 GLN A NE2 1 
ATOM   1364 N N   . LEU A 1 174 ? -8.497  -3.084  -8.432  1.00 39.51  ? 174 LEU A N   1 
ATOM   1365 C CA  . LEU A 1 174 ? -7.516  -2.790  -9.472  1.00 39.70  ? 174 LEU A CA  1 
ATOM   1366 C C   . LEU A 1 174 ? -7.983  -3.018  -10.908 1.00 38.79  ? 174 LEU A C   1 
ATOM   1367 O O   . LEU A 1 174 ? -7.519  -2.350  -11.821 1.00 35.86  ? 174 LEU A O   1 
ATOM   1368 C CB  . LEU A 1 174 ? -6.239  -3.601  -9.205  1.00 40.90  ? 174 LEU A CB  1 
ATOM   1369 C CG  . LEU A 1 174 ? -5.482  -3.290  -7.905  1.00 43.34  ? 174 LEU A CG  1 
ATOM   1370 C CD1 . LEU A 1 174 ? -4.437  -4.364  -7.650  1.00 40.38  ? 174 LEU A CD1 1 
ATOM   1371 C CD2 . LEU A 1 174 ? -4.839  -1.911  -7.995  1.00 40.41  ? 174 LEU A CD2 1 
ATOM   1372 N N   . GLN A 1 175 ? -8.894  -3.964  -11.092 1.00 44.21  ? 175 GLN A N   1 
ATOM   1373 C CA  . GLN A 1 175 ? -9.420  -4.320  -12.410 1.00 47.50  ? 175 GLN A CA  1 
ATOM   1374 C C   . GLN A 1 175 ? -9.635  -3.112  -13.339 1.00 48.67  ? 175 GLN A C   1 
ATOM   1375 O O   . GLN A 1 175 ? -8.976  -2.994  -14.378 1.00 47.12  ? 175 GLN A O   1 
ATOM   1376 C CB  . GLN A 1 175 ? -10.727 -5.093  -12.240 1.00 59.36  ? 175 GLN A CB  1 
ATOM   1377 C CG  . GLN A 1 175 ? -10.994 -6.121  -13.310 1.00 67.24  ? 175 GLN A CG  1 
ATOM   1378 C CD  . GLN A 1 175 ? -10.849 -5.549  -14.700 1.00 72.00  ? 175 GLN A CD  1 
ATOM   1379 O OE1 . GLN A 1 175 ? -9.924  -5.906  -15.442 1.00 73.18  ? 175 GLN A OE1 1 
ATOM   1380 N NE2 . GLN A 1 175 ? -11.754 -4.641  -15.063 1.00 74.43  ? 175 GLN A NE2 1 
ATOM   1381 N N   . PRO A 1 176 ? -10.541 -2.188  -12.971 1.00 50.53  ? 176 PRO A N   1 
ATOM   1382 C CA  . PRO A 1 176 ? -10.771 -1.028  -13.838 1.00 52.48  ? 176 PRO A CA  1 
ATOM   1383 C C   . PRO A 1 176 ? -9.549  -0.122  -14.010 1.00 53.13  ? 176 PRO A C   1 
ATOM   1384 O O   . PRO A 1 176 ? -9.455  0.619   -14.986 1.00 54.10  ? 176 PRO A O   1 
ATOM   1385 C CB  . PRO A 1 176 ? -11.937 -0.321  -13.150 1.00 48.19  ? 176 PRO A CB  1 
ATOM   1386 C CG  . PRO A 1 176 ? -11.662 -0.579  -11.710 1.00 49.98  ? 176 PRO A CG  1 
ATOM   1387 C CD  . PRO A 1 176 ? -11.294 -2.052  -11.709 1.00 48.74  ? 176 PRO A CD  1 
ATOM   1388 N N   . LEU A 1 177 ? -8.612  -0.193  -13.069 1.00 48.77  ? 177 LEU A N   1 
ATOM   1389 C CA  . LEU A 1 177 ? -7.418  0.644   -13.119 1.00 50.06  ? 177 LEU A CA  1 
ATOM   1390 C C   . LEU A 1 177 ? -6.300  0.089   -14.001 1.00 52.90  ? 177 LEU A C   1 
ATOM   1391 O O   . LEU A 1 177 ? -5.449  0.841   -14.480 1.00 52.20  ? 177 LEU A O   1 
ATOM   1392 C CB  . LEU A 1 177 ? -6.888  0.876   -11.702 1.00 58.04  ? 177 LEU A CB  1 
ATOM   1393 C CG  . LEU A 1 177 ? -7.861  1.553   -10.733 1.00 57.97  ? 177 LEU A CG  1 
ATOM   1394 C CD1 . LEU A 1 177 ? -7.221  1.705   -9.353  1.00 57.49  ? 177 LEU A CD1 1 
ATOM   1395 C CD2 . LEU A 1 177 ? -8.255  2.914   -11.295 1.00 55.62  ? 177 LEU A CD2 1 
ATOM   1396 N N   . VAL A 1 178 ? -6.292  -1.222  -14.209 1.00 61.28  ? 178 VAL A N   1 
ATOM   1397 C CA  . VAL A 1 178 ? -5.273  -1.836  -15.054 1.00 65.21  ? 178 VAL A CA  1 
ATOM   1398 C C   . VAL A 1 178 ? -5.903  -2.287  -16.369 1.00 69.33  ? 178 VAL A C   1 
ATOM   1399 O O   . VAL A 1 178 ? -5.328  -3.088  -17.105 1.00 70.53  ? 178 VAL A O   1 
ATOM   1400 C CB  . VAL A 1 178 ? -4.610  -3.049  -14.358 1.00 42.62  ? 178 VAL A CB  1 
ATOM   1401 C CG1 . VAL A 1 178 ? -3.902  -2.589  -13.097 1.00 40.22  ? 178 VAL A CG1 1 
ATOM   1402 C CG2 . VAL A 1 178 ? -5.650  -4.107  -14.033 1.00 42.49  ? 178 VAL A CG2 1 
ATOM   1403 N N   . ASN A 1 179 ? -7.087  -1.747  -16.653 1.00 83.70  ? 179 ASN A N   1 
ATOM   1404 C CA  . ASN A 1 179 ? -7.840  -2.058  -17.865 1.00 86.87  ? 179 ASN A CA  1 
ATOM   1405 C C   . ASN A 1 179 ? -8.255  -3.526  -17.912 1.00 88.01  ? 179 ASN A C   1 
ATOM   1406 O O   . ASN A 1 179 ? -9.479  -3.782  -17.953 1.00 88.62  ? 179 ASN A O   1 
ATOM   1407 C CB  . ASN A 1 179 ? -7.016  -1.707  -19.110 1.00 102.59 ? 179 ASN A CB  1 
ATOM   1408 C CG  . ASN A 1 179 ? -6.717  -0.216  -19.216 1.00 105.44 ? 179 ASN A CG  1 
ATOM   1409 O OD1 . ASN A 1 179 ? -6.095  0.240   -20.178 1.00 107.46 ? 179 ASN A OD1 1 
ATOM   1410 N ND2 . ASN A 1 179 ? -7.162  0.551   -18.224 1.00 106.55 ? 179 ASN A ND2 1 
HETATM 1411 S S   . SO4 B 2 .   ? 3.673   -19.758 5.090   1.00 38.37  ? 501 SO4 A S   1 
HETATM 1412 O O1  . SO4 B 2 .   ? 4.132   -18.547 5.790   1.00 36.71  ? 501 SO4 A O1  1 
HETATM 1413 O O2  . SO4 B 2 .   ? 4.173   -19.733 3.700   1.00 38.68  ? 501 SO4 A O2  1 
HETATM 1414 O O3  . SO4 B 2 .   ? 2.204   -19.799 5.080   1.00 40.15  ? 501 SO4 A O3  1 
HETATM 1415 O O4  . SO4 B 2 .   ? 4.188   -20.957 5.775   1.00 38.93  ? 501 SO4 A O4  1 
HETATM 1416 N N1  . IMD C 3 .   ? -7.380  -8.696  -15.484 1.00 76.28  ? 601 IMD A N1  1 
HETATM 1417 C C2  . IMD C 3 .   ? -6.396  -9.569  -15.633 1.00 76.20  ? 601 IMD A C2  1 
HETATM 1418 N N3  . IMD C 3 .   ? -5.254  -8.936  -15.453 1.00 76.07  ? 601 IMD A N3  1 
HETATM 1419 C C4  . IMD C 3 .   ? -5.505  -7.614  -15.178 1.00 75.86  ? 601 IMD A C4  1 
HETATM 1420 C C5  . IMD C 3 .   ? -6.854  -7.456  -15.197 1.00 76.53  ? 601 IMD A C5  1 
HETATM 1421 C C1  . OCA D 4 .   ? 3.631   -2.701  9.157   1.00 46.54  ? 201 OCA A C1  1 
HETATM 1422 C C2  . OCA D 4 .   ? 2.553   -1.616  9.299   1.00 48.80  ? 201 OCA A C2  1 
HETATM 1423 C C3  . OCA D 4 .   ? 1.091   -2.017  9.503   1.00 51.30  ? 201 OCA A C3  1 
HETATM 1424 C C4  . OCA D 4 .   ? 0.239   -0.763  9.325   1.00 51.55  ? 201 OCA A C4  1 
HETATM 1425 C C5  . OCA D 4 .   ? -0.655  -0.546  10.530  1.00 54.27  ? 201 OCA A C5  1 
HETATM 1426 C C6  . OCA D 4 .   ? -1.571  0.681   10.467  1.00 55.52  ? 201 OCA A C6  1 
HETATM 1427 C C7  . OCA D 4 .   ? -3.028  0.277   10.621  1.00 56.46  ? 201 OCA A C7  1 
HETATM 1428 C C8  . OCA D 4 .   ? -3.639  0.268   12.039  1.00 58.37  ? 201 OCA A C8  1 
HETATM 1429 O O1  . OCA D 4 .   ? 3.766   -3.673  9.924   1.00 44.14  ? 201 OCA A O1  1 
HETATM 1430 O O2  . OCA D 4 .   ? 4.675   -3.041  8.413   1.00 42.91  ? 201 OCA A O2  1 
HETATM 1431 O O   . HOH E 5 .   ? 0.834   1.763   5.526   1.00 33.72  ? 602 HOH A O   1 
HETATM 1432 O O   . HOH E 5 .   ? 11.292  -2.364  7.273   1.00 41.59  ? 603 HOH A O   1 
HETATM 1433 O O   . HOH E 5 .   ? -11.915 -8.090  2.135   1.00 53.56  ? 604 HOH A O   1 
HETATM 1434 O O   . HOH E 5 .   ? 4.273   2.390   6.447   1.00 35.56  ? 605 HOH A O   1 
HETATM 1435 O O   . HOH E 5 .   ? -0.501  4.426   0.733   1.00 33.01  ? 606 HOH A O   1 
HETATM 1436 O O   . HOH E 5 .   ? -0.840  -9.265  4.534   1.00 33.97  ? 607 HOH A O   1 
HETATM 1437 O O   . HOH E 5 .   ? -12.941 -4.181  -4.120  1.00 37.11  ? 608 HOH A O   1 
HETATM 1438 O O   . HOH E 5 .   ? 13.639  -0.858  4.393   1.00 46.57  ? 609 HOH A O   1 
HETATM 1439 O O   . HOH E 5 .   ? 2.637   -20.250 0.536   1.00 44.28  ? 610 HOH A O   1 
HETATM 1440 O O   . HOH E 5 .   ? -4.876  -17.629 9.693   1.00 35.58  ? 611 HOH A O   1 
HETATM 1441 O O   . HOH E 5 .   ? -0.183  -9.944  7.189   1.00 32.36  ? 612 HOH A O   1 
HETATM 1442 O O   . HOH E 5 .   ? -9.363  13.200  -3.124  1.00 48.48  ? 613 HOH A O   1 
HETATM 1443 O O   . HOH E 5 .   ? 9.101   -8.266  5.177   1.00 38.28  ? 614 HOH A O   1 
HETATM 1444 O O   . HOH E 5 .   ? 6.585   -10.475 -6.319  1.00 42.49  ? 615 HOH A O   1 
HETATM 1445 O O   . HOH E 5 .   ? -13.783 -0.606  9.266   1.00 39.93  ? 616 HOH A O   1 
HETATM 1446 O O   . HOH E 5 .   ? -4.990  -17.343 -5.626  1.00 55.68  ? 617 HOH A O   1 
HETATM 1447 O O   . HOH E 5 .   ? 5.239   -2.825  -17.422 1.00 42.97  ? 618 HOH A O   1 
HETATM 1448 O O   . HOH E 5 .   ? -15.624 -1.898  -12.494 1.00 56.12  ? 619 HOH A O   1 
HETATM 1449 O O   . HOH E 5 .   ? -1.625  -15.831 10.548  1.00 44.81  ? 620 HOH A O   1 
HETATM 1450 O O   . HOH E 5 .   ? 1.983   -22.342 6.939   1.00 44.03  ? 621 HOH A O   1 
HETATM 1451 O O   . HOH E 5 .   ? 17.960  1.038   -1.273  1.00 68.34  ? 622 HOH A O   1 
HETATM 1452 O O   . HOH E 5 .   ? -10.999 5.888   -1.703  1.00 40.74  ? 623 HOH A O   1 
HETATM 1453 O O   . HOH E 5 .   ? -2.415  -17.182 2.936   1.00 46.82  ? 624 HOH A O   1 
HETATM 1454 O O   . HOH E 5 .   ? -9.086  14.742  -9.389  1.00 68.33  ? 625 HOH A O   1 
HETATM 1455 O O   . HOH E 5 .   ? 3.948   -11.724 -2.088  1.00 43.61  ? 626 HOH A O   1 
HETATM 1456 O O   . HOH E 5 .   ? -12.650 -18.622 10.741  1.00 45.83  ? 627 HOH A O   1 
HETATM 1457 O O   . HOH E 5 .   ? -10.643 4.172   3.341   1.00 50.02  ? 628 HOH A O   1 
HETATM 1458 O O   . HOH E 5 .   ? 11.959  6.178   8.789   1.00 59.10  ? 629 HOH A O   1 
HETATM 1459 O O   . HOH E 5 .   ? -2.851  3.168   18.794  1.00 62.96  ? 630 HOH A O   1 
HETATM 1460 O O   . HOH E 5 .   ? -10.782 -17.662 9.115   1.00 44.64  ? 631 HOH A O   1 
HETATM 1461 O O   . HOH E 5 .   ? -11.629 -16.614 -0.854  1.00 73.69  ? 632 HOH A O   1 
HETATM 1462 O O   . HOH E 5 .   ? 0.473   -20.718 2.954   1.00 45.06  ? 633 HOH A O   1 
HETATM 1463 O O   . HOH E 5 .   ? 1.042   -12.902 15.431  1.00 44.97  ? 634 HOH A O   1 
HETATM 1464 O O   . HOH E 5 .   ? 0.697   3.932   -17.033 1.00 63.60  ? 635 HOH A O   1 
HETATM 1465 O O   . HOH E 5 .   ? 14.652  1.268   2.715   1.00 43.70  ? 636 HOH A O   1 
HETATM 1466 O O   . HOH E 5 .   ? 4.954   -11.952 -4.588  1.00 42.42  ? 637 HOH A O   1 
HETATM 1467 O O   . HOH E 5 .   ? -6.886  12.403  21.421  1.00 67.76  ? 638 HOH A O   1 
HETATM 1468 O O   . HOH E 5 .   ? -8.938  -17.613 13.011  1.00 60.55  ? 639 HOH A O   1 
HETATM 1469 O O   . HOH E 5 .   ? 13.799  -4.023  7.336   1.00 53.83  ? 640 HOH A O   1 
HETATM 1470 O O   . HOH E 5 .   ? -8.680  -18.586 3.578   1.00 40.54  ? 641 HOH A O   1 
HETATM 1471 O O   . HOH E 5 .   ? -0.194  -7.522  7.675   1.00 48.04  ? 642 HOH A O   1 
HETATM 1472 O O   . HOH E 5 .   ? 7.617   -10.001 6.866   1.00 54.19  ? 643 HOH A O   1 
HETATM 1473 O O   . HOH E 5 .   ? 3.658   14.871  -11.084 1.00 90.07  ? 644 HOH A O   1 
HETATM 1474 O O   . HOH E 5 .   ? 3.579   -10.704 -6.158  1.00 42.16  ? 645 HOH A O   1 
HETATM 1475 O O   . HOH E 5 .   ? 17.941  -0.851  -10.443 1.00 46.04  ? 646 HOH A O   1 
HETATM 1476 O O   . HOH E 5 .   ? 4.128   -18.067 10.916  1.00 52.82  ? 647 HOH A O   1 
HETATM 1477 O O   . HOH E 5 .   ? 15.009  7.876   -2.945  1.00 57.37  ? 648 HOH A O   1 
HETATM 1478 O O   . HOH E 5 .   ? -4.259  -2.089  -20.939 1.00 80.74  ? 649 HOH A O   1 
HETATM 1479 O O   . HOH E 5 .   ? 6.013   2.444   -18.500 1.00 66.38  ? 650 HOH A O   1 
HETATM 1480 O O   . HOH E 5 .   ? -4.802  -15.664 13.537  1.00 56.95  ? 651 HOH A O   1 
HETATM 1481 O O   . HOH E 5 .   ? 16.541  3.017   -4.949  1.00 48.61  ? 652 HOH A O   1 
HETATM 1482 O O   . HOH E 5 .   ? -6.778  19.848  0.253   1.00 57.99  ? 653 HOH A O   1 
HETATM 1483 O O   . HOH E 5 .   ? 7.588   -10.013 13.597  1.00 72.59  ? 654 HOH A O   1 
HETATM 1484 O O   . HOH E 5 .   ? -2.290  -14.320 15.446  1.00 53.09  ? 655 HOH A O   1 
HETATM 1485 O O   . HOH E 5 .   ? -15.542 -16.792 8.290   1.00 50.47  ? 656 HOH A O   1 
HETATM 1486 O O   . HOH E 5 .   ? -12.215 -17.391 6.783   1.00 62.34  ? 657 HOH A O   1 
HETATM 1487 O O   . HOH E 5 .   ? -14.340 2.391   6.351   1.00 69.40  ? 658 HOH A O   1 
HETATM 1488 O O   . HOH E 5 .   ? 2.128   -18.417 -4.046  1.00 64.84  ? 659 HOH A O   1 
HETATM 1489 O O   . HOH E 5 .   ? 11.818  8.544   -11.419 1.00 50.62  ? 660 HOH A O   1 
HETATM 1490 O O   . HOH E 5 .   ? 6.549   -6.277  -17.616 1.00 77.10  ? 661 HOH A O   1 
HETATM 1491 O O   . HOH E 5 .   ? 2.042   4.362   13.313  1.00 46.01  ? 662 HOH A O   1 
HETATM 1492 O O   . HOH E 5 .   ? -5.026  18.826  -2.823  1.00 50.44  ? 663 HOH A O   1 
HETATM 1493 O O   . HOH E 5 .   ? -11.600 10.066  0.327   1.00 58.77  ? 664 HOH A O   1 
HETATM 1494 O O   . HOH E 5 .   ? 6.590   -5.734  14.770  1.00 64.81  ? 665 HOH A O   1 
HETATM 1495 O O   . HOH E 5 .   ? -6.934  22.506  21.009  1.00 71.17  ? 666 HOH A O   1 
HETATM 1496 O O   . HOH E 5 .   ? 17.055  0.602   1.445   1.00 48.39  ? 667 HOH A O   1 
HETATM 1497 O O   . HOH E 5 .   ? -13.434 -10.847 -1.248  1.00 55.63  ? 668 HOH A O   1 
HETATM 1498 O O   . HOH E 5 .   ? -8.317  -11.995 -11.376 1.00 72.47  ? 669 HOH A O   1 
HETATM 1499 O O   . HOH E 5 .   ? -1.022  -7.388  21.385  1.00 60.50  ? 670 HOH A O   1 
HETATM 1500 O O   . HOH E 5 .   ? 15.359  -2.695  -16.953 1.00 67.35  ? 671 HOH A O   1 
HETATM 1501 O O   . HOH E 5 .   ? -9.272  13.579  7.876   1.00 62.56  ? 672 HOH A O   1 
HETATM 1502 O O   . HOH E 5 .   ? 1.235   14.615  16.234  1.00 69.53  ? 673 HOH A O   1 
HETATM 1503 O O   . HOH E 5 .   ? -0.078  -19.264 -0.532  1.00 60.60  ? 674 HOH A O   1 
HETATM 1504 O O   . HOH E 5 .   ? 1.231   -15.372 -14.197 1.00 65.01  ? 675 HOH A O   1 
HETATM 1505 O O   . HOH E 5 .   ? 1.921   0.161   13.152  1.00 58.32  ? 676 HOH A O   1 
HETATM 1506 O O   . HOH E 5 .   ? -10.440 7.505   1.134   1.00 67.29  ? 677 HOH A O   1 
HETATM 1507 O O   . HOH E 5 .   ? 8.648   -14.813 2.433   1.00 61.99  ? 678 HOH A O   1 
HETATM 1508 O O   . HOH E 5 .   ? -11.952 0.406   -7.758  1.00 53.77  ? 679 HOH A O   1 
HETATM 1509 O O   . HOH E 5 .   ? 12.458  -0.842  9.770   1.00 66.22  ? 680 HOH A O   1 
HETATM 1510 O O   . HOH E 5 .   ? -11.731 -0.019  13.088  1.00 54.89  ? 681 HOH A O   1 
HETATM 1511 O O   . HOH E 5 .   ? 3.655   -15.629 -7.164  1.00 68.61  ? 682 HOH A O   1 
HETATM 1512 O O   . HOH E 5 .   ? -16.020 -7.784  5.593   1.00 54.88  ? 683 HOH A O   1 
HETATM 1513 O O   . HOH E 5 .   ? 15.446  -2.181  5.654   1.00 52.92  ? 684 HOH A O   1 
HETATM 1514 O O   . HOH E 5 .   ? 16.795  3.114   4.327   1.00 52.60  ? 685 HOH A O   1 
HETATM 1515 O O   . HOH E 5 .   ? -1.473  -18.931 10.648  1.00 66.58  ? 686 HOH A O   1 
HETATM 1516 O O   . HOH E 5 .   ? -13.420 1.839   -9.251  1.00 50.16  ? 687 HOH A O   1 
HETATM 1517 O O   . HOH E 5 .   ? 1.162   6.321   11.429  1.00 57.55  ? 688 HOH A O   1 
HETATM 1518 O O   . HOH E 5 .   ? 0.966   -14.618 10.921  1.00 51.95  ? 689 HOH A O   1 
HETATM 1519 O O   . HOH E 5 .   ? 1.444   2.156   14.536  1.00 74.13  ? 690 HOH A O   1 
HETATM 1520 O O   . HOH E 5 .   ? -10.547 -19.262 5.370   1.00 57.21  ? 691 HOH A O   1 
HETATM 1521 O O   . HOH E 5 .   ? -13.435 2.024   2.981   1.00 54.71  ? 692 HOH A O   1 
HETATM 1522 O O   . HOH E 5 .   ? -16.416 -0.307  5.336   1.00 69.91  ? 693 HOH A O   1 
HETATM 1523 O O   . HOH E 5 .   ? -1.507  -19.744 4.175   1.00 59.98  ? 694 HOH A O   1 
HETATM 1524 O O   . HOH E 5 .   ? -12.712 -17.647 -2.929  1.00 68.12  ? 695 HOH A O   1 
HETATM 1525 O O   . HOH E 5 .   ? -8.088  16.770  -0.006  1.00 57.71  ? 696 HOH A O   1 
HETATM 1526 O O   . HOH E 5 .   ? 13.392  8.036   -9.231  1.00 53.07  ? 697 HOH A O   1 
HETATM 1527 O O   . HOH E 5 .   ? 3.174   -19.441 -7.126  1.00 73.36  ? 698 HOH A O   1 
HETATM 1528 O O   . HOH E 5 .   ? 4.623   -17.562 -5.434  1.00 64.06  ? 699 HOH A O   1 
HETATM 1529 O O   . HOH E 5 .   ? 4.399   -12.293 -12.757 1.00 62.35  ? 700 HOH A O   1 
HETATM 1530 O O   . HOH E 5 .   ? -10.480 -18.893 0.718   1.00 59.56  ? 701 HOH A O   1 
HETATM 1531 O O   . HOH E 5 .   ? 6.933   -10.291 9.418   1.00 51.56  ? 702 HOH A O   1 
HETATM 1532 O O   . HOH E 5 .   ? -11.877 -21.460 8.926   1.00 66.23  ? 703 HOH A O   1 
HETATM 1533 O O   . HOH E 5 .   ? 15.137  -1.648  9.630   1.00 72.77  ? 704 HOH A O   1 
HETATM 1534 O O   . HOH E 5 .   ? -18.952 -9.207  8.484   1.00 69.58  ? 705 HOH A O   1 
HETATM 1535 O O   . HOH E 5 .   ? 13.525  9.825   -4.702  1.00 56.87  ? 706 HOH A O   1 
HETATM 1536 O O   . HOH E 5 .   ? 10.169  -7.239  -13.027 1.00 70.44  ? 707 HOH A O   1 
HETATM 1537 O O   . HOH E 5 .   ? -7.292  -19.271 11.842  1.00 75.37  ? 708 HOH A O   1 
# 
loop_
_pdbx_poly_seq_scheme.asym_id 
_pdbx_poly_seq_scheme.entity_id 
_pdbx_poly_seq_scheme.seq_id 
_pdbx_poly_seq_scheme.mon_id 
_pdbx_poly_seq_scheme.ndb_seq_num 
_pdbx_poly_seq_scheme.pdb_seq_num 
_pdbx_poly_seq_scheme.auth_seq_num 
_pdbx_poly_seq_scheme.pdb_mon_id 
_pdbx_poly_seq_scheme.auth_mon_id 
_pdbx_poly_seq_scheme.pdb_strand_id 
_pdbx_poly_seq_scheme.pdb_ins_code 
_pdbx_poly_seq_scheme.hetero 
A 1 1   ALA 1   1   1   ALA ALA A . n 
A 1 2   ASP 2   2   2   ASP ASP A . n 
A 1 3   THR 3   3   3   THR THR A . n 
A 1 4   LEU 4   4   4   LEU LEU A . n 
A 1 5   LEU 5   5   5   LEU LEU A . n 
A 1 6   ILE 6   6   6   ILE ILE A . n 
A 1 7   LEU 7   7   7   LEU LEU A . n 
A 1 8   GLY 8   8   8   GLY GLY A . n 
A 1 9   ASP 9   9   9   ASP ASP A . n 
A 1 10  SER 10  10  10  SER SER A . n 
A 1 11  LEU 11  11  11  LEU LEU A . n 
A 1 12  SER 12  12  12  SER SER A . n 
A 1 13  ALA 13  13  13  ALA ALA A . n 
A 1 14  GLY 14  14  14  GLY GLY A . n 
A 1 15  TYR 15  15  15  TYR TYR A . n 
A 1 16  ARG 16  16  16  ARG ARG A . n 
A 1 17  MET 17  17  17  MET MET A . n 
A 1 18  SER 18  18  18  SER SER A . n 
A 1 19  ALA 19  19  19  ALA ALA A . n 
A 1 20  SER 20  20  20  SER SER A . n 
A 1 21  ALA 21  21  21  ALA ALA A . n 
A 1 22  ALA 22  22  22  ALA ALA A . n 
A 1 23  TRP 23  23  23  TRP TRP A . n 
A 1 24  PRO 24  24  24  PRO PRO A . n 
A 1 25  ALA 25  25  25  ALA ALA A . n 
A 1 26  LEU 26  26  26  LEU LEU A . n 
A 1 27  LEU 27  27  27  LEU LEU A . n 
A 1 28  ASN 28  28  28  ASN ASN A . n 
A 1 29  ASP 29  29  29  ASP ASP A . n 
A 1 30  LYS 30  30  30  LYS LYS A . n 
A 1 31  TRP 31  31  31  TRP TRP A . n 
A 1 32  GLN 32  32  ?   ?   ?   A . n 
A 1 33  SER 33  33  33  SER SER A . n 
A 1 34  LYS 34  34  34  LYS LYS A . n 
A 1 35  THR 35  35  35  THR THR A . n 
A 1 36  SER 36  36  36  SER SER A . n 
A 1 37  VAL 37  37  37  VAL VAL A . n 
A 1 38  VAL 38  38  38  VAL VAL A . n 
A 1 39  ASN 39  39  39  ASN ASN A . n 
A 1 40  ALA 40  40  40  ALA ALA A . n 
A 1 41  SER 41  41  41  SER SER A . n 
A 1 42  ILE 42  42  42  ILE ILE A . n 
A 1 43  SER 43  43  43  SER SER A . n 
A 1 44  GLY 44  44  44  GLY GLY A . n 
A 1 45  ASP 45  45  45  ASP ASP A . n 
A 1 46  THR 46  46  46  THR THR A . n 
A 1 47  SER 47  47  47  SER SER A . n 
A 1 48  GLN 48  48  48  GLN GLN A . n 
A 1 49  GLN 49  49  49  GLN GLN A . n 
A 1 50  GLY 50  50  50  GLY GLY A . n 
A 1 51  LEU 51  51  51  LEU LEU A . n 
A 1 52  ALA 52  52  52  ALA ALA A . n 
A 1 53  ARG 53  53  53  ARG ARG A . n 
A 1 54  LEU 54  54  54  LEU LEU A . n 
A 1 55  PRO 55  55  55  PRO PRO A . n 
A 1 56  ALA 56  56  56  ALA ALA A . n 
A 1 57  LEU 57  57  57  LEU LEU A . n 
A 1 58  LEU 58  58  58  LEU LEU A . n 
A 1 59  LYS 59  59  59  LYS LYS A . n 
A 1 60  GLN 60  60  60  GLN GLN A . n 
A 1 61  HIS 61  61  61  HIS HIS A . n 
A 1 62  GLN 62  62  62  GLN GLN A . n 
A 1 63  PRO 63  63  63  PRO PRO A . n 
A 1 64  ARG 64  64  64  ARG ARG A . n 
A 1 65  TRP 65  65  65  TRP TRP A . n 
A 1 66  VAL 66  66  66  VAL VAL A . n 
A 1 67  LEU 67  67  67  LEU LEU A . n 
A 1 68  VAL 68  68  68  VAL VAL A . n 
A 1 69  GLU 69  69  69  GLU GLU A . n 
A 1 70  LEU 70  70  70  LEU LEU A . n 
A 1 71  GLY 71  71  71  GLY GLY A . n 
A 1 72  GLY 72  72  72  GLY GLY A . n 
A 1 73  ASN 73  73  73  ASN ASN A . n 
A 1 74  ASP 74  74  74  ASP ASP A . n 
A 1 75  GLY 75  75  75  GLY GLY A . n 
A 1 76  LEU 76  76  76  LEU LEU A . n 
A 1 77  ARG 77  77  77  ARG ARG A . n 
A 1 78  GLY 78  78  78  GLY GLY A . n 
A 1 79  PHE 79  79  79  PHE PHE A . n 
A 1 80  GLN 80  80  80  GLN GLN A . n 
A 1 81  PRO 81  81  81  PRO PRO A . n 
A 1 82  GLN 82  82  82  GLN GLN A . n 
A 1 83  GLN 83  83  83  GLN GLN A . n 
A 1 84  THR 84  84  84  THR THR A . n 
A 1 85  GLU 85  85  85  GLU GLU A . n 
A 1 86  GLN 86  86  86  GLN GLN A . n 
A 1 87  THR 87  87  87  THR THR A . n 
A 1 88  LEU 88  88  88  LEU LEU A . n 
A 1 89  ARG 89  89  89  ARG ARG A . n 
A 1 90  GLN 90  90  90  GLN GLN A . n 
A 1 91  ILE 91  91  91  ILE ILE A . n 
A 1 92  LEU 92  92  92  LEU LEU A . n 
A 1 93  GLN 93  93  93  GLN GLN A . n 
A 1 94  ASP 94  94  94  ASP ASP A . n 
A 1 95  VAL 95  95  95  VAL VAL A . n 
A 1 96  LYS 96  96  96  LYS LYS A . n 
A 1 97  ALA 97  97  97  ALA ALA A . n 
A 1 98  ALA 98  98  98  ALA ALA A . n 
A 1 99  ASN 99  99  99  ASN ASN A . n 
A 1 100 ALA 100 100 100 ALA ALA A . n 
A 1 101 GLU 101 101 101 GLU GLU A . n 
A 1 102 PRO 102 102 102 PRO PRO A . n 
A 1 103 LEU 103 103 103 LEU LEU A . n 
A 1 104 LEU 104 104 104 LEU LEU A . n 
A 1 105 MET 105 105 105 MET MET A . n 
A 1 106 GLN 106 106 106 GLN GLN A . n 
A 1 107 ILE 107 107 107 ILE ILE A . n 
A 1 108 ARG 108 108 108 ARG ARG A . n 
A 1 109 PRO 109 109 109 PRO PRO A . n 
A 1 110 PRO 110 110 110 PRO PRO A . n 
A 1 111 ALA 111 111 111 ALA ALA A . n 
A 1 112 ASN 112 112 112 ASN ASN A . n 
A 1 113 TYR 113 113 113 TYR TYR A . n 
A 1 114 GLY 114 114 114 GLY GLY A . n 
A 1 115 ARG 115 115 115 ARG ARG A . n 
A 1 116 ARG 116 116 116 ARG ARG A . n 
A 1 117 TYR 117 117 117 TYR TYR A . n 
A 1 118 ASN 118 118 118 ASN ASN A . n 
A 1 119 GLU 119 119 119 GLU GLU A . n 
A 1 120 ALA 120 120 120 ALA ALA A . n 
A 1 121 PHE 121 121 121 PHE PHE A . n 
A 1 122 SER 122 122 122 SER SER A . n 
A 1 123 ALA 123 123 123 ALA ALA A . n 
A 1 124 ILE 124 124 124 ILE ILE A . n 
A 1 125 TYR 125 125 125 TYR TYR A . n 
A 1 126 PRO 126 126 126 PRO PRO A . n 
A 1 127 LYS 127 127 127 LYS LYS A . n 
A 1 128 LEU 128 128 128 LEU LEU A . n 
A 1 129 ALA 129 129 129 ALA ALA A . n 
A 1 130 LYS 130 130 130 LYS LYS A . n 
A 1 131 GLU 131 131 131 GLU GLU A . n 
A 1 132 PHE 132 132 132 PHE PHE A . n 
A 1 133 ASP 133 133 133 ASP ASP A . n 
A 1 134 VAL 134 134 134 VAL VAL A . n 
A 1 135 PRO 135 135 135 PRO PRO A . n 
A 1 136 LEU 136 136 136 LEU LEU A . n 
A 1 137 LEU 137 137 137 LEU LEU A . n 
A 1 138 PRO 138 138 138 PRO PRO A . n 
A 1 139 PHE 139 139 139 PHE PHE A . n 
A 1 140 PHE 140 140 140 PHE PHE A . n 
A 1 141 MET 141 141 141 MET MET A . n 
A 1 142 GLU 142 142 142 GLU GLU A . n 
A 1 143 GLU 143 143 143 GLU GLU A . n 
A 1 144 VAL 144 144 144 VAL VAL A . n 
A 1 145 TYR 145 145 145 TYR TYR A . n 
A 1 146 LEU 146 146 146 LEU LEU A . n 
A 1 147 LYS 147 147 147 LYS LYS A . n 
A 1 148 PRO 148 148 148 PRO PRO A . n 
A 1 149 GLN 149 149 149 GLN GLN A . n 
A 1 150 TRP 150 150 150 TRP TRP A . n 
A 1 151 MET 151 151 151 MET MET A . n 
A 1 152 GLN 152 152 152 GLN GLN A . n 
A 1 153 ASP 153 153 153 ASP ASP A . n 
A 1 154 ASP 154 154 154 ASP ASP A . n 
A 1 155 GLY 155 155 155 GLY GLY A . n 
A 1 156 ILE 156 156 156 ILE ILE A . n 
A 1 157 HIS 157 157 157 HIS HIS A . n 
A 1 158 PRO 158 158 158 PRO PRO A . n 
A 1 159 ASN 159 159 159 ASN ASN A . n 
A 1 160 ARG 160 160 160 ARG ARG A . n 
A 1 161 ASP 161 161 161 ASP ASP A . n 
A 1 162 ALA 162 162 162 ALA ALA A . n 
A 1 163 GLN 163 163 163 GLN GLN A . n 
A 1 164 PRO 164 164 164 PRO PRO A . n 
A 1 165 PHE 165 165 165 PHE PHE A . n 
A 1 166 ILE 166 166 166 ILE ILE A . n 
A 1 167 ALA 167 167 167 ALA ALA A . n 
A 1 168 ASP 168 168 168 ASP ASP A . n 
A 1 169 TRP 169 169 169 TRP TRP A . n 
A 1 170 MET 170 170 170 MET MET A . n 
A 1 171 ALA 171 171 171 ALA ALA A . n 
A 1 172 LYS 172 172 172 LYS LYS A . n 
A 1 173 GLN 173 173 173 GLN GLN A . n 
A 1 174 LEU 174 174 174 LEU LEU A . n 
A 1 175 GLN 175 175 175 GLN GLN A . n 
A 1 176 PRO 176 176 176 PRO PRO A . n 
A 1 177 LEU 177 177 177 LEU LEU A . n 
A 1 178 VAL 178 178 178 VAL VAL A . n 
A 1 179 ASN 179 179 179 ASN ASN A . n 
A 1 180 HIS 180 180 ?   ?   ?   A . n 
A 1 181 ASP 181 181 ?   ?   ?   A . n 
A 1 182 SER 182 182 ?   ?   ?   A . n 
A 1 183 LEU 183 183 ?   ?   ?   A . n 
A 1 184 GLU 184 184 ?   ?   ?   A . n 
A 1 185 HIS 185 185 ?   ?   ?   A . n 
A 1 186 HIS 186 186 ?   ?   ?   A . n 
A 1 187 HIS 187 187 ?   ?   ?   A . n 
A 1 188 HIS 188 188 ?   ?   ?   A . n 
A 1 189 HIS 189 189 ?   ?   ?   A . n 
A 1 190 HIS 190 190 ?   ?   ?   A . n 
# 
loop_
_pdbx_nonpoly_scheme.asym_id 
_pdbx_nonpoly_scheme.entity_id 
_pdbx_nonpoly_scheme.mon_id 
_pdbx_nonpoly_scheme.ndb_seq_num 
_pdbx_nonpoly_scheme.pdb_seq_num 
_pdbx_nonpoly_scheme.auth_seq_num 
_pdbx_nonpoly_scheme.pdb_mon_id 
_pdbx_nonpoly_scheme.auth_mon_id 
_pdbx_nonpoly_scheme.pdb_strand_id 
_pdbx_nonpoly_scheme.pdb_ins_code 
B 2 SO4 1   501 501 SO4 SO4 A . 
C 3 IMD 1   601 601 IMD IMD A . 
D 4 OCA 1   201 201 OCA OCA A . 
E 5 HOH 1   602 1   HOH TIP A . 
E 5 HOH 2   603 2   HOH TIP A . 
E 5 HOH 3   604 3   HOH TIP A . 
E 5 HOH 4   605 4   HOH TIP A . 
E 5 HOH 5   606 5   HOH TIP A . 
E 5 HOH 6   607 6   HOH TIP A . 
E 5 HOH 7   608 7   HOH TIP A . 
E 5 HOH 8   609 8   HOH TIP A . 
E 5 HOH 9   610 9   HOH TIP A . 
E 5 HOH 10  611 10  HOH TIP A . 
E 5 HOH 11  612 11  HOH TIP A . 
E 5 HOH 12  613 12  HOH TIP A . 
E 5 HOH 13  614 13  HOH TIP A . 
E 5 HOH 14  615 14  HOH TIP A . 
E 5 HOH 15  616 15  HOH TIP A . 
E 5 HOH 16  617 16  HOH TIP A . 
E 5 HOH 17  618 17  HOH TIP A . 
E 5 HOH 18  619 18  HOH TIP A . 
E 5 HOH 19  620 19  HOH TIP A . 
E 5 HOH 20  621 20  HOH TIP A . 
E 5 HOH 21  622 21  HOH TIP A . 
E 5 HOH 22  623 22  HOH TIP A . 
E 5 HOH 23  624 23  HOH TIP A . 
E 5 HOH 24  625 24  HOH TIP A . 
E 5 HOH 25  626 25  HOH TIP A . 
E 5 HOH 26  627 26  HOH TIP A . 
E 5 HOH 27  628 27  HOH TIP A . 
E 5 HOH 28  629 28  HOH TIP A . 
E 5 HOH 29  630 29  HOH TIP A . 
E 5 HOH 30  631 30  HOH TIP A . 
E 5 HOH 31  632 31  HOH TIP A . 
E 5 HOH 32  633 32  HOH TIP A . 
E 5 HOH 33  634 33  HOH TIP A . 
E 5 HOH 34  635 34  HOH TIP A . 
E 5 HOH 35  636 35  HOH TIP A . 
E 5 HOH 36  637 36  HOH TIP A . 
E 5 HOH 37  638 37  HOH TIP A . 
E 5 HOH 38  639 38  HOH TIP A . 
E 5 HOH 39  640 39  HOH TIP A . 
E 5 HOH 40  641 40  HOH TIP A . 
E 5 HOH 41  642 41  HOH TIP A . 
E 5 HOH 42  643 42  HOH TIP A . 
E 5 HOH 43  644 43  HOH TIP A . 
E 5 HOH 44  645 44  HOH TIP A . 
E 5 HOH 45  646 45  HOH TIP A . 
E 5 HOH 46  647 46  HOH TIP A . 
E 5 HOH 47  648 47  HOH TIP A . 
E 5 HOH 48  649 48  HOH TIP A . 
E 5 HOH 49  650 49  HOH TIP A . 
E 5 HOH 50  651 50  HOH TIP A . 
E 5 HOH 51  652 51  HOH TIP A . 
E 5 HOH 52  653 52  HOH TIP A . 
E 5 HOH 53  654 53  HOH TIP A . 
E 5 HOH 54  655 54  HOH TIP A . 
E 5 HOH 55  656 55  HOH TIP A . 
E 5 HOH 56  657 56  HOH TIP A . 
E 5 HOH 57  658 57  HOH TIP A . 
E 5 HOH 58  659 58  HOH TIP A . 
E 5 HOH 59  660 59  HOH TIP A . 
E 5 HOH 60  661 60  HOH TIP A . 
E 5 HOH 61  662 61  HOH TIP A . 
E 5 HOH 62  663 62  HOH TIP A . 
E 5 HOH 63  664 63  HOH TIP A . 
E 5 HOH 64  665 64  HOH TIP A . 
E 5 HOH 65  666 65  HOH TIP A . 
E 5 HOH 66  667 66  HOH TIP A . 
E 5 HOH 67  668 67  HOH TIP A . 
E 5 HOH 68  669 68  HOH TIP A . 
E 5 HOH 69  670 69  HOH TIP A . 
E 5 HOH 70  671 70  HOH TIP A . 
E 5 HOH 71  672 71  HOH TIP A . 
E 5 HOH 72  673 72  HOH TIP A . 
E 5 HOH 73  674 73  HOH TIP A . 
E 5 HOH 74  675 74  HOH TIP A . 
E 5 HOH 75  676 75  HOH TIP A . 
E 5 HOH 76  677 76  HOH TIP A . 
E 5 HOH 77  678 77  HOH TIP A . 
E 5 HOH 78  679 78  HOH TIP A . 
E 5 HOH 79  680 79  HOH TIP A . 
E 5 HOH 80  681 80  HOH TIP A . 
E 5 HOH 81  682 81  HOH TIP A . 
E 5 HOH 82  683 82  HOH TIP A . 
E 5 HOH 83  684 83  HOH TIP A . 
E 5 HOH 84  685 84  HOH TIP A . 
E 5 HOH 85  686 85  HOH TIP A . 
E 5 HOH 86  687 86  HOH TIP A . 
E 5 HOH 87  688 87  HOH TIP A . 
E 5 HOH 88  689 88  HOH TIP A . 
E 5 HOH 89  690 89  HOH TIP A . 
E 5 HOH 90  691 90  HOH TIP A . 
E 5 HOH 91  692 91  HOH TIP A . 
E 5 HOH 92  693 92  HOH TIP A . 
E 5 HOH 93  694 93  HOH TIP A . 
E 5 HOH 94  695 94  HOH TIP A . 
E 5 HOH 95  696 95  HOH TIP A . 
E 5 HOH 96  697 96  HOH TIP A . 
E 5 HOH 97  698 97  HOH TIP A . 
E 5 HOH 98  699 98  HOH TIP A . 
E 5 HOH 99  700 99  HOH TIP A . 
E 5 HOH 100 701 100 HOH TIP A . 
E 5 HOH 101 702 101 HOH TIP A . 
E 5 HOH 102 703 102 HOH TIP A . 
E 5 HOH 103 704 103 HOH TIP A . 
E 5 HOH 104 705 104 HOH TIP A . 
E 5 HOH 105 706 105 HOH TIP A . 
E 5 HOH 106 707 106 HOH TIP A . 
E 5 HOH 107 708 107 HOH TIP A . 
# 
loop_
_pdbx_struct_assembly.id 
_pdbx_struct_assembly.details 
_pdbx_struct_assembly.method_details 
_pdbx_struct_assembly.oligomeric_details 
_pdbx_struct_assembly.oligomeric_count 
1 author_defined_assembly   ?    monomeric 1 
2 software_defined_assembly PISA dimeric   2 
# 
loop_
_pdbx_struct_assembly_gen.assembly_id 
_pdbx_struct_assembly_gen.oper_expression 
_pdbx_struct_assembly_gen.asym_id_list 
1 1   A,B,C,D,E 
2 1,2 A,B,C,D,E 
# 
loop_
_pdbx_struct_assembly_prop.biol_id 
_pdbx_struct_assembly_prop.type 
_pdbx_struct_assembly_prop.value 
_pdbx_struct_assembly_prop.details 
2 'ABSA (A^2)' 2850  ? 
2 MORE         -19.6 ? 
2 'SSA (A^2)'  16720 ? 
# 
loop_
_pdbx_struct_oper_list.id 
_pdbx_struct_oper_list.type 
_pdbx_struct_oper_list.name 
_pdbx_struct_oper_list.symmetry_operation 
_pdbx_struct_oper_list.matrix[1][1] 
_pdbx_struct_oper_list.matrix[1][2] 
_pdbx_struct_oper_list.matrix[1][3] 
_pdbx_struct_oper_list.vector[1] 
_pdbx_struct_oper_list.matrix[2][1] 
_pdbx_struct_oper_list.matrix[2][2] 
_pdbx_struct_oper_list.matrix[2][3] 
_pdbx_struct_oper_list.vector[2] 
_pdbx_struct_oper_list.matrix[3][1] 
_pdbx_struct_oper_list.matrix[3][2] 
_pdbx_struct_oper_list.matrix[3][3] 
_pdbx_struct_oper_list.vector[3] 
1 'identity operation'         1_555 x,y,z            1.0000000000  0.0000000000 0.0000000000 0.0000000000  0.0000000000 1.0000000000  0.0000000000 0.0000000000   0.0000000000 0.0000000000 1.0000000000 0.0000000000 
2 'crystal symmetry operation' 8_665 -y+1,-x+1,-z+1/2 -0.8729404813 0.1492096722 0.4644474027 17.2941628157 0.1492096722 -0.8247787613 0.5454140342 -23.6772156668 0.4644474027 0.5454140342 0.6977192425 2.8754205002 
# 
loop_
_pdbx_audit_revision_history.ordinal 
_pdbx_audit_revision_history.data_content_type 
_pdbx_audit_revision_history.major_revision 
_pdbx_audit_revision_history.minor_revision 
_pdbx_audit_revision_history.revision_date 
1 'Structure model' 1 0 2004-12-14 
2 'Structure model' 1 1 2008-04-24 
3 'Structure model' 1 2 2011-07-13 
4 'Structure model' 1 3 2021-11-10 
5 'Structure model' 1 4 2023-10-25 
# 
_pdbx_audit_revision_details.ordinal             1 
_pdbx_audit_revision_details.revision_ordinal    1 
_pdbx_audit_revision_details.data_content_type   'Structure model' 
_pdbx_audit_revision_details.provider            repository 
_pdbx_audit_revision_details.type                'Initial release' 
_pdbx_audit_revision_details.description         ? 
_pdbx_audit_revision_details.details             ? 
# 
loop_
_pdbx_audit_revision_group.ordinal 
_pdbx_audit_revision_group.revision_ordinal 
_pdbx_audit_revision_group.data_content_type 
_pdbx_audit_revision_group.group 
1 2 'Structure model' 'Version format compliance' 
2 3 'Structure model' 'Version format compliance' 
3 4 'Structure model' 'Database references'       
4 4 'Structure model' 'Derived calculations'      
5 5 'Structure model' 'Data collection'           
6 5 'Structure model' 'Refinement description'    
# 
loop_
_pdbx_audit_revision_category.ordinal 
_pdbx_audit_revision_category.revision_ordinal 
_pdbx_audit_revision_category.data_content_type 
_pdbx_audit_revision_category.category 
1 4 'Structure model' database_2                    
2 4 'Structure model' struct_ref_seq_dif            
3 4 'Structure model' struct_site                   
4 5 'Structure model' chem_comp_atom                
5 5 'Structure model' chem_comp_bond                
6 5 'Structure model' pdbx_initial_refinement_model 
# 
loop_
_pdbx_audit_revision_item.ordinal 
_pdbx_audit_revision_item.revision_ordinal 
_pdbx_audit_revision_item.data_content_type 
_pdbx_audit_revision_item.item 
1 4 'Structure model' '_database_2.pdbx_DOI'                
2 4 'Structure model' '_database_2.pdbx_database_accession' 
3 4 'Structure model' '_struct_ref_seq_dif.details'         
4 4 'Structure model' '_struct_site.pdbx_auth_asym_id'      
5 4 'Structure model' '_struct_site.pdbx_auth_comp_id'      
6 4 'Structure model' '_struct_site.pdbx_auth_seq_id'       
# 
loop_
_software.name 
_software.version 
_software.date 
_software.type 
_software.contact_author 
_software.contact_author_email 
_software.location 
_software.classification 
_software.language 
_software.citation_id 
_software.pdbx_ordinal 
CNS       1.1 1998 package 'Axel T. Brunger' axel.brunger@yale.edu . refinement       Fortran ? 1 
XPRESS    .   ?    ?       ?                 ?                     ? 'data reduction' ?       ? 2 
DIP2000   .   ?    ?       ?                 ?                     ? 'data reduction' ?       ? 3 
SCALEPACK .   ?    ?       ?                 ?                     ? 'data scaling'   ?       ? 4 
CNS       .   ?    ?       ?                 ?                     ? phasing          ?       ? 5 
# 
loop_
_pdbx_validate_torsion.id 
_pdbx_validate_torsion.PDB_model_num 
_pdbx_validate_torsion.auth_comp_id 
_pdbx_validate_torsion.auth_asym_id 
_pdbx_validate_torsion.auth_seq_id 
_pdbx_validate_torsion.PDB_ins_code 
_pdbx_validate_torsion.label_alt_id 
_pdbx_validate_torsion.phi 
_pdbx_validate_torsion.psi 
1 1 ASP A 9   ? ? -109.88 -149.42 
2 1 ALA A 40  ? ? -102.53 54.09   
3 1 GLN A 62  ? ? 39.43   55.61   
4 1 ASN A 112 ? ? -106.45 64.95   
5 1 ASP A 154 ? ? -56.32  -5.09   
# 
loop_
_pdbx_unobs_or_zero_occ_residues.id 
_pdbx_unobs_or_zero_occ_residues.PDB_model_num 
_pdbx_unobs_or_zero_occ_residues.polymer_flag 
_pdbx_unobs_or_zero_occ_residues.occupancy_flag 
_pdbx_unobs_or_zero_occ_residues.auth_asym_id 
_pdbx_unobs_or_zero_occ_residues.auth_comp_id 
_pdbx_unobs_or_zero_occ_residues.auth_seq_id 
_pdbx_unobs_or_zero_occ_residues.PDB_ins_code 
_pdbx_unobs_or_zero_occ_residues.label_asym_id 
_pdbx_unobs_or_zero_occ_residues.label_comp_id 
_pdbx_unobs_or_zero_occ_residues.label_seq_id 
1  1 Y 1 A GLN 32  ? A GLN 32  
2  1 Y 1 A HIS 180 ? A HIS 180 
3  1 Y 1 A ASP 181 ? A ASP 181 
4  1 Y 1 A SER 182 ? A SER 182 
5  1 Y 1 A LEU 183 ? A LEU 183 
6  1 Y 1 A GLU 184 ? A GLU 184 
7  1 Y 1 A HIS 185 ? A HIS 185 
8  1 Y 1 A HIS 186 ? A HIS 186 
9  1 Y 1 A HIS 187 ? A HIS 187 
10 1 Y 1 A HIS 188 ? A HIS 188 
11 1 Y 1 A HIS 189 ? A HIS 189 
12 1 Y 1 A HIS 190 ? A HIS 190 
# 
loop_
_chem_comp_atom.comp_id 
_chem_comp_atom.atom_id 
_chem_comp_atom.type_symbol 
_chem_comp_atom.pdbx_aromatic_flag 
_chem_comp_atom.pdbx_stereo_config 
_chem_comp_atom.pdbx_ordinal 
ALA N    N N N 1   
ALA CA   C N S 2   
ALA C    C N N 3   
ALA O    O N N 4   
ALA CB   C N N 5   
ALA OXT  O N N 6   
ALA H    H N N 7   
ALA H2   H N N 8   
ALA HA   H N N 9   
ALA HB1  H N N 10  
ALA HB2  H N N 11  
ALA HB3  H N N 12  
ALA HXT  H N N 13  
ARG N    N N N 14  
ARG CA   C N S 15  
ARG C    C N N 16  
ARG O    O N N 17  
ARG CB   C N N 18  
ARG CG   C N N 19  
ARG CD   C N N 20  
ARG NE   N N N 21  
ARG CZ   C N N 22  
ARG NH1  N N N 23  
ARG NH2  N N N 24  
ARG OXT  O N N 25  
ARG H    H N N 26  
ARG H2   H N N 27  
ARG HA   H N N 28  
ARG HB2  H N N 29  
ARG HB3  H N N 30  
ARG HG2  H N N 31  
ARG HG3  H N N 32  
ARG HD2  H N N 33  
ARG HD3  H N N 34  
ARG HE   H N N 35  
ARG HH11 H N N 36  
ARG HH12 H N N 37  
ARG HH21 H N N 38  
ARG HH22 H N N 39  
ARG HXT  H N N 40  
ASN N    N N N 41  
ASN CA   C N S 42  
ASN C    C N N 43  
ASN O    O N N 44  
ASN CB   C N N 45  
ASN CG   C N N 46  
ASN OD1  O N N 47  
ASN ND2  N N N 48  
ASN OXT  O N N 49  
ASN H    H N N 50  
ASN H2   H N N 51  
ASN HA   H N N 52  
ASN HB2  H N N 53  
ASN HB3  H N N 54  
ASN HD21 H N N 55  
ASN HD22 H N N 56  
ASN HXT  H N N 57  
ASP N    N N N 58  
ASP CA   C N S 59  
ASP C    C N N 60  
ASP O    O N N 61  
ASP CB   C N N 62  
ASP CG   C N N 63  
ASP OD1  O N N 64  
ASP OD2  O N N 65  
ASP OXT  O N N 66  
ASP H    H N N 67  
ASP H2   H N N 68  
ASP HA   H N N 69  
ASP HB2  H N N 70  
ASP HB3  H N N 71  
ASP HD2  H N N 72  
ASP HXT  H N N 73  
GLN N    N N N 74  
GLN CA   C N S 75  
GLN C    C N N 76  
GLN O    O N N 77  
GLN CB   C N N 78  
GLN CG   C N N 79  
GLN CD   C N N 80  
GLN OE1  O N N 81  
GLN NE2  N N N 82  
GLN OXT  O N N 83  
GLN H    H N N 84  
GLN H2   H N N 85  
GLN HA   H N N 86  
GLN HB2  H N N 87  
GLN HB3  H N N 88  
GLN HG2  H N N 89  
GLN HG3  H N N 90  
GLN HE21 H N N 91  
GLN HE22 H N N 92  
GLN HXT  H N N 93  
GLU N    N N N 94  
GLU CA   C N S 95  
GLU C    C N N 96  
GLU O    O N N 97  
GLU CB   C N N 98  
GLU CG   C N N 99  
GLU CD   C N N 100 
GLU OE1  O N N 101 
GLU OE2  O N N 102 
GLU OXT  O N N 103 
GLU H    H N N 104 
GLU H2   H N N 105 
GLU HA   H N N 106 
GLU HB2  H N N 107 
GLU HB3  H N N 108 
GLU HG2  H N N 109 
GLU HG3  H N N 110 
GLU HE2  H N N 111 
GLU HXT  H N N 112 
GLY N    N N N 113 
GLY CA   C N N 114 
GLY C    C N N 115 
GLY O    O N N 116 
GLY OXT  O N N 117 
GLY H    H N N 118 
GLY H2   H N N 119 
GLY HA2  H N N 120 
GLY HA3  H N N 121 
GLY HXT  H N N 122 
HIS N    N N N 123 
HIS CA   C N S 124 
HIS C    C N N 125 
HIS O    O N N 126 
HIS CB   C N N 127 
HIS CG   C Y N 128 
HIS ND1  N Y N 129 
HIS CD2  C Y N 130 
HIS CE1  C Y N 131 
HIS NE2  N Y N 132 
HIS OXT  O N N 133 
HIS H    H N N 134 
HIS H2   H N N 135 
HIS HA   H N N 136 
HIS HB2  H N N 137 
HIS HB3  H N N 138 
HIS HD1  H N N 139 
HIS HD2  H N N 140 
HIS HE1  H N N 141 
HIS HE2  H N N 142 
HIS HXT  H N N 143 
HOH O    O N N 144 
HOH H1   H N N 145 
HOH H2   H N N 146 
ILE N    N N N 147 
ILE CA   C N S 148 
ILE C    C N N 149 
ILE O    O N N 150 
ILE CB   C N S 151 
ILE CG1  C N N 152 
ILE CG2  C N N 153 
ILE CD1  C N N 154 
ILE OXT  O N N 155 
ILE H    H N N 156 
ILE H2   H N N 157 
ILE HA   H N N 158 
ILE HB   H N N 159 
ILE HG12 H N N 160 
ILE HG13 H N N 161 
ILE HG21 H N N 162 
ILE HG22 H N N 163 
ILE HG23 H N N 164 
ILE HD11 H N N 165 
ILE HD12 H N N 166 
ILE HD13 H N N 167 
ILE HXT  H N N 168 
IMD N1   N Y N 169 
IMD C2   C Y N 170 
IMD N3   N Y N 171 
IMD C4   C Y N 172 
IMD C5   C Y N 173 
IMD HN1  H N N 174 
IMD H2   H N N 175 
IMD HN3  H N N 176 
IMD H4   H N N 177 
IMD H5   H N N 178 
LEU N    N N N 179 
LEU CA   C N S 180 
LEU C    C N N 181 
LEU O    O N N 182 
LEU CB   C N N 183 
LEU CG   C N N 184 
LEU CD1  C N N 185 
LEU CD2  C N N 186 
LEU OXT  O N N 187 
LEU H    H N N 188 
LEU H2   H N N 189 
LEU HA   H N N 190 
LEU HB2  H N N 191 
LEU HB3  H N N 192 
LEU HG   H N N 193 
LEU HD11 H N N 194 
LEU HD12 H N N 195 
LEU HD13 H N N 196 
LEU HD21 H N N 197 
LEU HD22 H N N 198 
LEU HD23 H N N 199 
LEU HXT  H N N 200 
LYS N    N N N 201 
LYS CA   C N S 202 
LYS C    C N N 203 
LYS O    O N N 204 
LYS CB   C N N 205 
LYS CG   C N N 206 
LYS CD   C N N 207 
LYS CE   C N N 208 
LYS NZ   N N N 209 
LYS OXT  O N N 210 
LYS H    H N N 211 
LYS H2   H N N 212 
LYS HA   H N N 213 
LYS HB2  H N N 214 
LYS HB3  H N N 215 
LYS HG2  H N N 216 
LYS HG3  H N N 217 
LYS HD2  H N N 218 
LYS HD3  H N N 219 
LYS HE2  H N N 220 
LYS HE3  H N N 221 
LYS HZ1  H N N 222 
LYS HZ2  H N N 223 
LYS HZ3  H N N 224 
LYS HXT  H N N 225 
MET N    N N N 226 
MET CA   C N S 227 
MET C    C N N 228 
MET O    O N N 229 
MET CB   C N N 230 
MET CG   C N N 231 
MET SD   S N N 232 
MET CE   C N N 233 
MET OXT  O N N 234 
MET H    H N N 235 
MET H2   H N N 236 
MET HA   H N N 237 
MET HB2  H N N 238 
MET HB3  H N N 239 
MET HG2  H N N 240 
MET HG3  H N N 241 
MET HE1  H N N 242 
MET HE2  H N N 243 
MET HE3  H N N 244 
MET HXT  H N N 245 
OCA C1   C N N 246 
OCA C2   C N N 247 
OCA C3   C N N 248 
OCA C4   C N N 249 
OCA C5   C N N 250 
OCA C6   C N N 251 
OCA C7   C N N 252 
OCA C8   C N N 253 
OCA O1   O N N 254 
OCA O2   O N N 255 
OCA H21  H N N 256 
OCA H22  H N N 257 
OCA H31  H N N 258 
OCA H32  H N N 259 
OCA H41  H N N 260 
OCA H42  H N N 261 
OCA H51  H N N 262 
OCA H52  H N N 263 
OCA H61  H N N 264 
OCA H62  H N N 265 
OCA H71  H N N 266 
OCA H72  H N N 267 
OCA H81  H N N 268 
OCA H82  H N N 269 
OCA H83  H N N 270 
OCA HO2  H N N 271 
PHE N    N N N 272 
PHE CA   C N S 273 
PHE C    C N N 274 
PHE O    O N N 275 
PHE CB   C N N 276 
PHE CG   C Y N 277 
PHE CD1  C Y N 278 
PHE CD2  C Y N 279 
PHE CE1  C Y N 280 
PHE CE2  C Y N 281 
PHE CZ   C Y N 282 
PHE OXT  O N N 283 
PHE H    H N N 284 
PHE H2   H N N 285 
PHE HA   H N N 286 
PHE HB2  H N N 287 
PHE HB3  H N N 288 
PHE HD1  H N N 289 
PHE HD2  H N N 290 
PHE HE1  H N N 291 
PHE HE2  H N N 292 
PHE HZ   H N N 293 
PHE HXT  H N N 294 
PRO N    N N N 295 
PRO CA   C N S 296 
PRO C    C N N 297 
PRO O    O N N 298 
PRO CB   C N N 299 
PRO CG   C N N 300 
PRO CD   C N N 301 
PRO OXT  O N N 302 
PRO H    H N N 303 
PRO HA   H N N 304 
PRO HB2  H N N 305 
PRO HB3  H N N 306 
PRO HG2  H N N 307 
PRO HG3  H N N 308 
PRO HD2  H N N 309 
PRO HD3  H N N 310 
PRO HXT  H N N 311 
SER N    N N N 312 
SER CA   C N S 313 
SER C    C N N 314 
SER O    O N N 315 
SER CB   C N N 316 
SER OG   O N N 317 
SER OXT  O N N 318 
SER H    H N N 319 
SER H2   H N N 320 
SER HA   H N N 321 
SER HB2  H N N 322 
SER HB3  H N N 323 
SER HG   H N N 324 
SER HXT  H N N 325 
SO4 S    S N N 326 
SO4 O1   O N N 327 
SO4 O2   O N N 328 
SO4 O3   O N N 329 
SO4 O4   O N N 330 
THR N    N N N 331 
THR CA   C N S 332 
THR C    C N N 333 
THR O    O N N 334 
THR CB   C N R 335 
THR OG1  O N N 336 
THR CG2  C N N 337 
THR OXT  O N N 338 
THR H    H N N 339 
THR H2   H N N 340 
THR HA   H N N 341 
THR HB   H N N 342 
THR HG1  H N N 343 
THR HG21 H N N 344 
THR HG22 H N N 345 
THR HG23 H N N 346 
THR HXT  H N N 347 
TRP N    N N N 348 
TRP CA   C N S 349 
TRP C    C N N 350 
TRP O    O N N 351 
TRP CB   C N N 352 
TRP CG   C Y N 353 
TRP CD1  C Y N 354 
TRP CD2  C Y N 355 
TRP NE1  N Y N 356 
TRP CE2  C Y N 357 
TRP CE3  C Y N 358 
TRP CZ2  C Y N 359 
TRP CZ3  C Y N 360 
TRP CH2  C Y N 361 
TRP OXT  O N N 362 
TRP H    H N N 363 
TRP H2   H N N 364 
TRP HA   H N N 365 
TRP HB2  H N N 366 
TRP HB3  H N N 367 
TRP HD1  H N N 368 
TRP HE1  H N N 369 
TRP HE3  H N N 370 
TRP HZ2  H N N 371 
TRP HZ3  H N N 372 
TRP HH2  H N N 373 
TRP HXT  H N N 374 
TYR N    N N N 375 
TYR CA   C N S 376 
TYR C    C N N 377 
TYR O    O N N 378 
TYR CB   C N N 379 
TYR CG   C Y N 380 
TYR CD1  C Y N 381 
TYR CD2  C Y N 382 
TYR CE1  C Y N 383 
TYR CE2  C Y N 384 
TYR CZ   C Y N 385 
TYR OH   O N N 386 
TYR OXT  O N N 387 
TYR H    H N N 388 
TYR H2   H N N 389 
TYR HA   H N N 390 
TYR HB2  H N N 391 
TYR HB3  H N N 392 
TYR HD1  H N N 393 
TYR HD2  H N N 394 
TYR HE1  H N N 395 
TYR HE2  H N N 396 
TYR HH   H N N 397 
TYR HXT  H N N 398 
VAL N    N N N 399 
VAL CA   C N S 400 
VAL C    C N N 401 
VAL O    O N N 402 
VAL CB   C N N 403 
VAL CG1  C N N 404 
VAL CG2  C N N 405 
VAL OXT  O N N 406 
VAL H    H N N 407 
VAL H2   H N N 408 
VAL HA   H N N 409 
VAL HB   H N N 410 
VAL HG11 H N N 411 
VAL HG12 H N N 412 
VAL HG13 H N N 413 
VAL HG21 H N N 414 
VAL HG22 H N N 415 
VAL HG23 H N N 416 
VAL HXT  H N N 417 
# 
loop_
_chem_comp_bond.comp_id 
_chem_comp_bond.atom_id_1 
_chem_comp_bond.atom_id_2 
_chem_comp_bond.value_order 
_chem_comp_bond.pdbx_aromatic_flag 
_chem_comp_bond.pdbx_stereo_config 
_chem_comp_bond.pdbx_ordinal 
ALA N   CA   sing N N 1   
ALA N   H    sing N N 2   
ALA N   H2   sing N N 3   
ALA CA  C    sing N N 4   
ALA CA  CB   sing N N 5   
ALA CA  HA   sing N N 6   
ALA C   O    doub N N 7   
ALA C   OXT  sing N N 8   
ALA CB  HB1  sing N N 9   
ALA CB  HB2  sing N N 10  
ALA CB  HB3  sing N N 11  
ALA OXT HXT  sing N N 12  
ARG N   CA   sing N N 13  
ARG N   H    sing N N 14  
ARG N   H2   sing N N 15  
ARG CA  C    sing N N 16  
ARG CA  CB   sing N N 17  
ARG CA  HA   sing N N 18  
ARG C   O    doub N N 19  
ARG C   OXT  sing N N 20  
ARG CB  CG   sing N N 21  
ARG CB  HB2  sing N N 22  
ARG CB  HB3  sing N N 23  
ARG CG  CD   sing N N 24  
ARG CG  HG2  sing N N 25  
ARG CG  HG3  sing N N 26  
ARG CD  NE   sing N N 27  
ARG CD  HD2  sing N N 28  
ARG CD  HD3  sing N N 29  
ARG NE  CZ   sing N N 30  
ARG NE  HE   sing N N 31  
ARG CZ  NH1  sing N N 32  
ARG CZ  NH2  doub N N 33  
ARG NH1 HH11 sing N N 34  
ARG NH1 HH12 sing N N 35  
ARG NH2 HH21 sing N N 36  
ARG NH2 HH22 sing N N 37  
ARG OXT HXT  sing N N 38  
ASN N   CA   sing N N 39  
ASN N   H    sing N N 40  
ASN N   H2   sing N N 41  
ASN CA  C    sing N N 42  
ASN CA  CB   sing N N 43  
ASN CA  HA   sing N N 44  
ASN C   O    doub N N 45  
ASN C   OXT  sing N N 46  
ASN CB  CG   sing N N 47  
ASN CB  HB2  sing N N 48  
ASN CB  HB3  sing N N 49  
ASN CG  OD1  doub N N 50  
ASN CG  ND2  sing N N 51  
ASN ND2 HD21 sing N N 52  
ASN ND2 HD22 sing N N 53  
ASN OXT HXT  sing N N 54  
ASP N   CA   sing N N 55  
ASP N   H    sing N N 56  
ASP N   H2   sing N N 57  
ASP CA  C    sing N N 58  
ASP CA  CB   sing N N 59  
ASP CA  HA   sing N N 60  
ASP C   O    doub N N 61  
ASP C   OXT  sing N N 62  
ASP CB  CG   sing N N 63  
ASP CB  HB2  sing N N 64  
ASP CB  HB3  sing N N 65  
ASP CG  OD1  doub N N 66  
ASP CG  OD2  sing N N 67  
ASP OD2 HD2  sing N N 68  
ASP OXT HXT  sing N N 69  
GLN N   CA   sing N N 70  
GLN N   H    sing N N 71  
GLN N   H2   sing N N 72  
GLN CA  C    sing N N 73  
GLN CA  CB   sing N N 74  
GLN CA  HA   sing N N 75  
GLN C   O    doub N N 76  
GLN C   OXT  sing N N 77  
GLN CB  CG   sing N N 78  
GLN CB  HB2  sing N N 79  
GLN CB  HB3  sing N N 80  
GLN CG  CD   sing N N 81  
GLN CG  HG2  sing N N 82  
GLN CG  HG3  sing N N 83  
GLN CD  OE1  doub N N 84  
GLN CD  NE2  sing N N 85  
GLN NE2 HE21 sing N N 86  
GLN NE2 HE22 sing N N 87  
GLN OXT HXT  sing N N 88  
GLU N   CA   sing N N 89  
GLU N   H    sing N N 90  
GLU N   H2   sing N N 91  
GLU CA  C    sing N N 92  
GLU CA  CB   sing N N 93  
GLU CA  HA   sing N N 94  
GLU C   O    doub N N 95  
GLU C   OXT  sing N N 96  
GLU CB  CG   sing N N 97  
GLU CB  HB2  sing N N 98  
GLU CB  HB3  sing N N 99  
GLU CG  CD   sing N N 100 
GLU CG  HG2  sing N N 101 
GLU CG  HG3  sing N N 102 
GLU CD  OE1  doub N N 103 
GLU CD  OE2  sing N N 104 
GLU OE2 HE2  sing N N 105 
GLU OXT HXT  sing N N 106 
GLY N   CA   sing N N 107 
GLY N   H    sing N N 108 
GLY N   H2   sing N N 109 
GLY CA  C    sing N N 110 
GLY CA  HA2  sing N N 111 
GLY CA  HA3  sing N N 112 
GLY C   O    doub N N 113 
GLY C   OXT  sing N N 114 
GLY OXT HXT  sing N N 115 
HIS N   CA   sing N N 116 
HIS N   H    sing N N 117 
HIS N   H2   sing N N 118 
HIS CA  C    sing N N 119 
HIS CA  CB   sing N N 120 
HIS CA  HA   sing N N 121 
HIS C   O    doub N N 122 
HIS C   OXT  sing N N 123 
HIS CB  CG   sing N N 124 
HIS CB  HB2  sing N N 125 
HIS CB  HB3  sing N N 126 
HIS CG  ND1  sing Y N 127 
HIS CG  CD2  doub Y N 128 
HIS ND1 CE1  doub Y N 129 
HIS ND1 HD1  sing N N 130 
HIS CD2 NE2  sing Y N 131 
HIS CD2 HD2  sing N N 132 
HIS CE1 NE2  sing Y N 133 
HIS CE1 HE1  sing N N 134 
HIS NE2 HE2  sing N N 135 
HIS OXT HXT  sing N N 136 
HOH O   H1   sing N N 137 
HOH O   H2   sing N N 138 
ILE N   CA   sing N N 139 
ILE N   H    sing N N 140 
ILE N   H2   sing N N 141 
ILE CA  C    sing N N 142 
ILE CA  CB   sing N N 143 
ILE CA  HA   sing N N 144 
ILE C   O    doub N N 145 
ILE C   OXT  sing N N 146 
ILE CB  CG1  sing N N 147 
ILE CB  CG2  sing N N 148 
ILE CB  HB   sing N N 149 
ILE CG1 CD1  sing N N 150 
ILE CG1 HG12 sing N N 151 
ILE CG1 HG13 sing N N 152 
ILE CG2 HG21 sing N N 153 
ILE CG2 HG22 sing N N 154 
ILE CG2 HG23 sing N N 155 
ILE CD1 HD11 sing N N 156 
ILE CD1 HD12 sing N N 157 
ILE CD1 HD13 sing N N 158 
ILE OXT HXT  sing N N 159 
IMD N1  C2   sing Y N 160 
IMD N1  C5   sing Y N 161 
IMD N1  HN1  sing N N 162 
IMD C2  N3   doub Y N 163 
IMD C2  H2   sing N N 164 
IMD N3  C4   sing Y N 165 
IMD N3  HN3  sing N N 166 
IMD C4  C5   doub Y N 167 
IMD C4  H4   sing N N 168 
IMD C5  H5   sing N N 169 
LEU N   CA   sing N N 170 
LEU N   H    sing N N 171 
LEU N   H2   sing N N 172 
LEU CA  C    sing N N 173 
LEU CA  CB   sing N N 174 
LEU CA  HA   sing N N 175 
LEU C   O    doub N N 176 
LEU C   OXT  sing N N 177 
LEU CB  CG   sing N N 178 
LEU CB  HB2  sing N N 179 
LEU CB  HB3  sing N N 180 
LEU CG  CD1  sing N N 181 
LEU CG  CD2  sing N N 182 
LEU CG  HG   sing N N 183 
LEU CD1 HD11 sing N N 184 
LEU CD1 HD12 sing N N 185 
LEU CD1 HD13 sing N N 186 
LEU CD2 HD21 sing N N 187 
LEU CD2 HD22 sing N N 188 
LEU CD2 HD23 sing N N 189 
LEU OXT HXT  sing N N 190 
LYS N   CA   sing N N 191 
LYS N   H    sing N N 192 
LYS N   H2   sing N N 193 
LYS CA  C    sing N N 194 
LYS CA  CB   sing N N 195 
LYS CA  HA   sing N N 196 
LYS C   O    doub N N 197 
LYS C   OXT  sing N N 198 
LYS CB  CG   sing N N 199 
LYS CB  HB2  sing N N 200 
LYS CB  HB3  sing N N 201 
LYS CG  CD   sing N N 202 
LYS CG  HG2  sing N N 203 
LYS CG  HG3  sing N N 204 
LYS CD  CE   sing N N 205 
LYS CD  HD2  sing N N 206 
LYS CD  HD3  sing N N 207 
LYS CE  NZ   sing N N 208 
LYS CE  HE2  sing N N 209 
LYS CE  HE3  sing N N 210 
LYS NZ  HZ1  sing N N 211 
LYS NZ  HZ2  sing N N 212 
LYS NZ  HZ3  sing N N 213 
LYS OXT HXT  sing N N 214 
MET N   CA   sing N N 215 
MET N   H    sing N N 216 
MET N   H2   sing N N 217 
MET CA  C    sing N N 218 
MET CA  CB   sing N N 219 
MET CA  HA   sing N N 220 
MET C   O    doub N N 221 
MET C   OXT  sing N N 222 
MET CB  CG   sing N N 223 
MET CB  HB2  sing N N 224 
MET CB  HB3  sing N N 225 
MET CG  SD   sing N N 226 
MET CG  HG2  sing N N 227 
MET CG  HG3  sing N N 228 
MET SD  CE   sing N N 229 
MET CE  HE1  sing N N 230 
MET CE  HE2  sing N N 231 
MET CE  HE3  sing N N 232 
MET OXT HXT  sing N N 233 
OCA C1  C2   sing N N 234 
OCA C1  O1   doub N N 235 
OCA C1  O2   sing N N 236 
OCA C2  C3   sing N N 237 
OCA C2  H21  sing N N 238 
OCA C2  H22  sing N N 239 
OCA C3  C4   sing N N 240 
OCA C3  H31  sing N N 241 
OCA C3  H32  sing N N 242 
OCA C4  C5   sing N N 243 
OCA C4  H41  sing N N 244 
OCA C4  H42  sing N N 245 
OCA C5  C6   sing N N 246 
OCA C5  H51  sing N N 247 
OCA C5  H52  sing N N 248 
OCA C6  C7   sing N N 249 
OCA C6  H61  sing N N 250 
OCA C6  H62  sing N N 251 
OCA C7  C8   sing N N 252 
OCA C7  H71  sing N N 253 
OCA C7  H72  sing N N 254 
OCA C8  H81  sing N N 255 
OCA C8  H82  sing N N 256 
OCA C8  H83  sing N N 257 
OCA O2  HO2  sing N N 258 
PHE N   CA   sing N N 259 
PHE N   H    sing N N 260 
PHE N   H2   sing N N 261 
PHE CA  C    sing N N 262 
PHE CA  CB   sing N N 263 
PHE CA  HA   sing N N 264 
PHE C   O    doub N N 265 
PHE C   OXT  sing N N 266 
PHE CB  CG   sing N N 267 
PHE CB  HB2  sing N N 268 
PHE CB  HB3  sing N N 269 
PHE CG  CD1  doub Y N 270 
PHE CG  CD2  sing Y N 271 
PHE CD1 CE1  sing Y N 272 
PHE CD1 HD1  sing N N 273 
PHE CD2 CE2  doub Y N 274 
PHE CD2 HD2  sing N N 275 
PHE CE1 CZ   doub Y N 276 
PHE CE1 HE1  sing N N 277 
PHE CE2 CZ   sing Y N 278 
PHE CE2 HE2  sing N N 279 
PHE CZ  HZ   sing N N 280 
PHE OXT HXT  sing N N 281 
PRO N   CA   sing N N 282 
PRO N   CD   sing N N 283 
PRO N   H    sing N N 284 
PRO CA  C    sing N N 285 
PRO CA  CB   sing N N 286 
PRO CA  HA   sing N N 287 
PRO C   O    doub N N 288 
PRO C   OXT  sing N N 289 
PRO CB  CG   sing N N 290 
PRO CB  HB2  sing N N 291 
PRO CB  HB3  sing N N 292 
PRO CG  CD   sing N N 293 
PRO CG  HG2  sing N N 294 
PRO CG  HG3  sing N N 295 
PRO CD  HD2  sing N N 296 
PRO CD  HD3  sing N N 297 
PRO OXT HXT  sing N N 298 
SER N   CA   sing N N 299 
SER N   H    sing N N 300 
SER N   H2   sing N N 301 
SER CA  C    sing N N 302 
SER CA  CB   sing N N 303 
SER CA  HA   sing N N 304 
SER C   O    doub N N 305 
SER C   OXT  sing N N 306 
SER CB  OG   sing N N 307 
SER CB  HB2  sing N N 308 
SER CB  HB3  sing N N 309 
SER OG  HG   sing N N 310 
SER OXT HXT  sing N N 311 
SO4 S   O1   doub N N 312 
SO4 S   O2   doub N N 313 
SO4 S   O3   sing N N 314 
SO4 S   O4   sing N N 315 
THR N   CA   sing N N 316 
THR N   H    sing N N 317 
THR N   H2   sing N N 318 
THR CA  C    sing N N 319 
THR CA  CB   sing N N 320 
THR CA  HA   sing N N 321 
THR C   O    doub N N 322 
THR C   OXT  sing N N 323 
THR CB  OG1  sing N N 324 
THR CB  CG2  sing N N 325 
THR CB  HB   sing N N 326 
THR OG1 HG1  sing N N 327 
THR CG2 HG21 sing N N 328 
THR CG2 HG22 sing N N 329 
THR CG2 HG23 sing N N 330 
THR OXT HXT  sing N N 331 
TRP N   CA   sing N N 332 
TRP N   H    sing N N 333 
TRP N   H2   sing N N 334 
TRP CA  C    sing N N 335 
TRP CA  CB   sing N N 336 
TRP CA  HA   sing N N 337 
TRP C   O    doub N N 338 
TRP C   OXT  sing N N 339 
TRP CB  CG   sing N N 340 
TRP CB  HB2  sing N N 341 
TRP CB  HB3  sing N N 342 
TRP CG  CD1  doub Y N 343 
TRP CG  CD2  sing Y N 344 
TRP CD1 NE1  sing Y N 345 
TRP CD1 HD1  sing N N 346 
TRP CD2 CE2  doub Y N 347 
TRP CD2 CE3  sing Y N 348 
TRP NE1 CE2  sing Y N 349 
TRP NE1 HE1  sing N N 350 
TRP CE2 CZ2  sing Y N 351 
TRP CE3 CZ3  doub Y N 352 
TRP CE3 HE3  sing N N 353 
TRP CZ2 CH2  doub Y N 354 
TRP CZ2 HZ2  sing N N 355 
TRP CZ3 CH2  sing Y N 356 
TRP CZ3 HZ3  sing N N 357 
TRP CH2 HH2  sing N N 358 
TRP OXT HXT  sing N N 359 
TYR N   CA   sing N N 360 
TYR N   H    sing N N 361 
TYR N   H2   sing N N 362 
TYR CA  C    sing N N 363 
TYR CA  CB   sing N N 364 
TYR CA  HA   sing N N 365 
TYR C   O    doub N N 366 
TYR C   OXT  sing N N 367 
TYR CB  CG   sing N N 368 
TYR CB  HB2  sing N N 369 
TYR CB  HB3  sing N N 370 
TYR CG  CD1  doub Y N 371 
TYR CG  CD2  sing Y N 372 
TYR CD1 CE1  sing Y N 373 
TYR CD1 HD1  sing N N 374 
TYR CD2 CE2  doub Y N 375 
TYR CD2 HD2  sing N N 376 
TYR CE1 CZ   doub Y N 377 
TYR CE1 HE1  sing N N 378 
TYR CE2 CZ   sing Y N 379 
TYR CE2 HE2  sing N N 380 
TYR CZ  OH   sing N N 381 
TYR OH  HH   sing N N 382 
TYR OXT HXT  sing N N 383 
VAL N   CA   sing N N 384 
VAL N   H    sing N N 385 
VAL N   H2   sing N N 386 
VAL CA  C    sing N N 387 
VAL CA  CB   sing N N 388 
VAL CA  HA   sing N N 389 
VAL C   O    doub N N 390 
VAL C   OXT  sing N N 391 
VAL CB  CG1  sing N N 392 
VAL CB  CG2  sing N N 393 
VAL CB  HB   sing N N 394 
VAL CG1 HG11 sing N N 395 
VAL CG1 HG12 sing N N 396 
VAL CG1 HG13 sing N N 397 
VAL CG2 HG21 sing N N 398 
VAL CG2 HG22 sing N N 399 
VAL CG2 HG23 sing N N 400 
VAL OXT HXT  sing N N 401 
# 
loop_
_pdbx_entity_nonpoly.entity_id 
_pdbx_entity_nonpoly.name 
_pdbx_entity_nonpoly.comp_id 
2 'SULFATE ION'                   SO4 
3 IMIDAZOLE                       IMD 
4 'OCTANOIC ACID (CAPRYLIC ACID)' OCA 
5 water                           HOH 
# 
_pdbx_initial_refinement_model.id               1 
_pdbx_initial_refinement_model.entity_id_list   ? 
_pdbx_initial_refinement_model.type             'experimental model' 
_pdbx_initial_refinement_model.source_name      PDB 
_pdbx_initial_refinement_model.accession_code   1JRL 
_pdbx_initial_refinement_model.details          'PDB entry 1JRL' 
# 
